data_6PFL
# 
_entry.id   6PFL 
# 
_audit_conform.dict_name       mmcif_pdbx.dic 
_audit_conform.dict_version    5.380 
_audit_conform.dict_location   http://mmcif.pdb.org/dictionaries/ascii/mmcif_pdbx.dic 
# 
loop_
_database_2.database_id 
_database_2.database_code 
_database_2.pdbx_database_accession 
_database_2.pdbx_DOI 
PDB   6PFL         pdb_00006pfl 10.2210/pdb6pfl/pdb 
WWPDB D_1000242442 ?            ?                   
# 
_pdbx_database_status.status_code                     REL 
_pdbx_database_status.status_code_sf                  REL 
_pdbx_database_status.status_code_mr                  ? 
_pdbx_database_status.entry_id                        6PFL 
_pdbx_database_status.recvd_initial_deposition_date   2019-06-21 
_pdbx_database_status.SG_entry                        Y 
_pdbx_database_status.deposit_site                    RCSB 
_pdbx_database_status.process_site                    RCSB 
_pdbx_database_status.status_code_cs                  ? 
_pdbx_database_status.methods_development_category    ? 
_pdbx_database_status.pdb_format_compatible           Y 
_pdbx_database_status.status_code_nmr_data            ? 
# 
loop_
_audit_author.name 
_audit_author.pdbx_ordinal 
_audit_author.identifier_ORCID 
'Halabelian, L.'                       1 ? 
'Zeng, H.'                             2 ? 
'Dong, A.'                             3 ? 
'Loppnau, P.'                          4 ? 
'Bountra, C.'                          5 ? 
'Edwards, A.M.'                        6 ? 
'Arrowsmith, C.H.'                     7 ? 
'Structural Genomics Consortium (SGC)' 8 ? 
# 
_citation.abstract                  ? 
_citation.abstract_id_CAS           ? 
_citation.book_id_ISBN              ? 
_citation.book_publisher            ? 
_citation.book_publisher_city       ? 
_citation.book_title                ? 
_citation.coordinate_linkage        ? 
_citation.country                   ? 
_citation.database_id_Medline       ? 
_citation.details                   ? 
_citation.id                        primary 
_citation.journal_abbrev            'to be published' 
_citation.journal_id_ASTM           ? 
_citation.journal_id_CSD            0353 
_citation.journal_id_ISSN           ? 
_citation.journal_full              ? 
_citation.journal_issue             ? 
_citation.journal_volume            ? 
_citation.language                  ? 
_citation.page_first                ? 
_citation.page_last                 ? 
_citation.title                     'Crystal structure of Human HUWE1 WWE domain in complex with ADPR' 
_citation.year                      ? 
_citation.database_id_CSD           ? 
_citation.pdbx_database_id_DOI      ? 
_citation.pdbx_database_id_PubMed   ? 
_citation.unpublished_flag          ? 
# 
loop_
_citation_author.citation_id 
_citation_author.name 
_citation_author.ordinal 
_citation_author.identifier_ORCID 
primary 'Halabelian, L.'                       1 ? 
primary 'Zeng, H.'                             2 ? 
primary 'Dong, A.'                             3 ? 
primary 'Loppnau, P.'                          4 ? 
primary 'Bountra, C.'                          5 ? 
primary 'Edwards, A.M.'                        6 ? 
primary 'Arrowsmith, C.H.'                     7 ? 
primary 'Structural Genomics Consortium (SGC)' 8 ? 
# 
_cell.length_a           50.423 
_cell.length_b           50.423 
_cell.length_c           128.412 
_cell.angle_alpha        90.000 
_cell.angle_beta         90.000 
_cell.angle_gamma        120.000 
_cell.entry_id           6PFL 
_cell.Z_PDB              12 
_cell.pdbx_unique_axis   ? 
# 
_symmetry.space_group_name_H-M             'P 32 2 1' 
_symmetry.entry_id                         6PFL 
_symmetry.Int_Tables_number                154 
_symmetry.pdbx_full_space_group_name_H-M   ? 
_symmetry.cell_setting                     ? 
# 
loop_
_entity.id 
_entity.type 
_entity.src_method 
_entity.pdbx_description 
_entity.formula_weight 
_entity.pdbx_number_of_molecules 
_entity.pdbx_ec 
_entity.pdbx_mutation 
_entity.pdbx_fragment 
_entity.details 
1 polymer     man 'E3 ubiquitin-protein ligase HUWE1' 10519.563 2  2.3.2.26 ? ? ? 
2 non-polymer syn ADENOSINE-5-DIPHOSPHORIBOSE         559.316   2  ?        ? ? ? 
3 non-polymer syn 'UNKNOWN ATOM OR ION'               ?         3  ?        ? ? ? 
4 water       nat water                               18.015    27 ?        ? ? ? 
# 
_entity_name_com.entity_id   1 
_entity_name_com.name        
;ARF-binding protein 1,ARF-BP1,HECT,UBA and WWE domain-containing protein 1,HECT-type E3 ubiquitin transferase HUWE1,Homologous to E6AP carboxyl terminus homologous protein 9,HectH9,Large structure of UREB1,LASU1,Mcl-1 ubiquitin ligase E3,Mule,Upstream regulatory element-binding protein 1,URE-binding protein 1
;
# 
_entity_poly.entity_id                      1 
_entity_poly.type                           'polypeptide(L)' 
_entity_poly.nstd_linkage                   no 
_entity_poly.nstd_monomer                   no 
_entity_poly.pdbx_seq_one_letter_code       
;GQSNSNNWRWFDDRSGRWCSYSASNNSTIDSAWKSGETSVRFTAGRRRYTVQFTTMVQVNEETGNRRPVMLTLLRVPRLN
KNSKNSNGQEL
;
_entity_poly.pdbx_seq_one_letter_code_can   
;GQSNSNNWRWFDDRSGRWCSYSASNNSTIDSAWKSGETSVRFTAGRRRYTVQFTTMVQVNEETGNRRPVMLTLLRVPRLN
KNSKNSNGQEL
;
_entity_poly.pdbx_strand_id                 A,B 
_entity_poly.pdbx_target_identifier         ? 
# 
loop_
_entity_poly_seq.entity_id 
_entity_poly_seq.num 
_entity_poly_seq.mon_id 
_entity_poly_seq.hetero 
1 1  GLY n 
1 2  GLN n 
1 3  SER n 
1 4  ASN n 
1 5  SER n 
1 6  ASN n 
1 7  ASN n 
1 8  TRP n 
1 9  ARG n 
1 10 TRP n 
1 11 PHE n 
1 12 ASP n 
1 13 ASP n 
1 14 ARG n 
1 15 SER n 
1 16 GLY n 
1 17 ARG n 
1 18 TRP n 
1 19 CYS n 
1 20 SER n 
1 21 TYR n 
1 22 SER n 
1 23 ALA n 
1 24 SER n 
1 25 ASN n 
1 26 ASN n 
1 27 SER n 
1 28 THR n 
1 29 ILE n 
1 30 ASP n 
1 31 SER n 
1 32 ALA n 
1 33 TRP n 
1 34 LYS n 
1 35 SER n 
1 36 GLY n 
1 37 GLU n 
1 38 THR n 
1 39 SER n 
1 40 VAL n 
1 41 ARG n 
1 42 PHE n 
1 43 THR n 
1 44 ALA n 
1 45 GLY n 
1 46 ARG n 
1 47 ARG n 
1 48 ARG n 
1 49 TYR n 
1 50 THR n 
1 51 VAL n 
1 52 GLN n 
1 53 PHE n 
1 54 THR n 
1 55 THR n 
1 56 MET n 
1 57 VAL n 
1 58 GLN n 
1 59 VAL n 
1 60 ASN n 
1 61 GLU n 
1 62 GLU n 
1 63 THR n 
1 64 GLY n 
1 65 ASN n 
1 66 ARG n 
1 67 ARG n 
1 68 PRO n 
1 69 VAL n 
1 70 MET n 
1 71 LEU n 
1 72 THR n 
1 73 LEU n 
1 74 LEU n 
1 75 ARG n 
1 76 VAL n 
1 77 PRO n 
1 78 ARG n 
1 79 LEU n 
1 80 ASN n 
1 81 LYS n 
1 82 ASN n 
1 83 SER n 
1 84 LYS n 
1 85 ASN n 
1 86 SER n 
1 87 ASN n 
1 88 GLY n 
1 89 GLN n 
1 90 GLU n 
1 91 LEU n 
# 
_entity_src_gen.entity_id                          1 
_entity_src_gen.pdbx_src_id                        1 
_entity_src_gen.pdbx_alt_source_flag               sample 
_entity_src_gen.pdbx_seq_type                      'Biological sequence' 
_entity_src_gen.pdbx_beg_seq_num                   1 
_entity_src_gen.pdbx_end_seq_num                   91 
_entity_src_gen.gene_src_common_name               Human 
_entity_src_gen.gene_src_genus                     ? 
_entity_src_gen.pdbx_gene_src_gene                 'HUWE1, KIAA0312, KIAA1578, UREB1, HSPC272' 
_entity_src_gen.gene_src_species                   ? 
_entity_src_gen.gene_src_strain                    ? 
_entity_src_gen.gene_src_tissue                    ? 
_entity_src_gen.gene_src_tissue_fraction           ? 
_entity_src_gen.gene_src_details                   ? 
_entity_src_gen.pdbx_gene_src_fragment             ? 
_entity_src_gen.pdbx_gene_src_scientific_name      'Homo sapiens' 
_entity_src_gen.pdbx_gene_src_ncbi_taxonomy_id     9606 
_entity_src_gen.pdbx_gene_src_variant              ? 
_entity_src_gen.pdbx_gene_src_cell_line            ? 
_entity_src_gen.pdbx_gene_src_atcc                 ? 
_entity_src_gen.pdbx_gene_src_organ                ? 
_entity_src_gen.pdbx_gene_src_organelle            ? 
_entity_src_gen.pdbx_gene_src_cell                 ? 
_entity_src_gen.pdbx_gene_src_cellular_location    ? 
_entity_src_gen.host_org_common_name               ? 
_entity_src_gen.pdbx_host_org_scientific_name      'Escherichia coli BL21(DE3)' 
_entity_src_gen.pdbx_host_org_ncbi_taxonomy_id     469008 
_entity_src_gen.host_org_genus                     ? 
_entity_src_gen.pdbx_host_org_gene                 ? 
_entity_src_gen.pdbx_host_org_organ                ? 
_entity_src_gen.host_org_species                   ? 
_entity_src_gen.pdbx_host_org_tissue               ? 
_entity_src_gen.pdbx_host_org_tissue_fraction      ? 
_entity_src_gen.pdbx_host_org_strain               ? 
_entity_src_gen.pdbx_host_org_variant              -pRARE2 
_entity_src_gen.pdbx_host_org_cell_line            ? 
_entity_src_gen.pdbx_host_org_atcc                 ? 
_entity_src_gen.pdbx_host_org_culture_collection   ? 
_entity_src_gen.pdbx_host_org_cell                 ? 
_entity_src_gen.pdbx_host_org_organelle            ? 
_entity_src_gen.pdbx_host_org_cellular_location    ? 
_entity_src_gen.pdbx_host_org_vector_type          plasmid 
_entity_src_gen.pdbx_host_org_vector               ? 
_entity_src_gen.host_org_details                   ? 
_entity_src_gen.expression_system_id               ? 
_entity_src_gen.plasmid_name                       pET28-MHL 
_entity_src_gen.plasmid_details                    ? 
_entity_src_gen.pdbx_description                   ? 
# 
_struct_ref.id                         1 
_struct_ref.db_name                    UNP 
_struct_ref.db_code                    HUWE1_HUMAN 
_struct_ref.pdbx_db_accession          Q7Z6Z7 
_struct_ref.pdbx_db_isoform            Q7Z6Z7-2 
_struct_ref.entity_id                  1 
_struct_ref.pdbx_seq_one_letter_code   
;QSNSNNWRWFDDRSGRWCSYSASNNSTIDSAWKSGETSVRFTAGRRRYTVQFTTMVQVNEETGNRRPVMLTLLRVPRLNK
NSKNSNGQEL
;
_struct_ref.pdbx_align_begin           1611 
# 
loop_
_struct_ref_seq.align_id 
_struct_ref_seq.ref_id 
_struct_ref_seq.pdbx_PDB_id_code 
_struct_ref_seq.pdbx_strand_id 
_struct_ref_seq.seq_align_beg 
_struct_ref_seq.pdbx_seq_align_beg_ins_code 
_struct_ref_seq.seq_align_end 
_struct_ref_seq.pdbx_seq_align_end_ins_code 
_struct_ref_seq.pdbx_db_accession 
_struct_ref_seq.db_align_beg 
_struct_ref_seq.pdbx_db_align_beg_ins_code 
_struct_ref_seq.db_align_end 
_struct_ref_seq.pdbx_db_align_end_ins_code 
_struct_ref_seq.pdbx_auth_seq_align_beg 
_struct_ref_seq.pdbx_auth_seq_align_end 
1 1 6PFL A 2 ? 91 ? Q7Z6Z7 1611 ? 1700 ? 1611 1700 
2 1 6PFL B 2 ? 91 ? Q7Z6Z7 1611 ? 1700 ? 1611 1700 
# 
loop_
_struct_ref_seq_dif.align_id 
_struct_ref_seq_dif.pdbx_pdb_id_code 
_struct_ref_seq_dif.mon_id 
_struct_ref_seq_dif.pdbx_pdb_strand_id 
_struct_ref_seq_dif.seq_num 
_struct_ref_seq_dif.pdbx_pdb_ins_code 
_struct_ref_seq_dif.pdbx_seq_db_name 
_struct_ref_seq_dif.pdbx_seq_db_accession_code 
_struct_ref_seq_dif.db_mon_id 
_struct_ref_seq_dif.pdbx_seq_db_seq_num 
_struct_ref_seq_dif.details 
_struct_ref_seq_dif.pdbx_auth_seq_num 
_struct_ref_seq_dif.pdbx_ordinal 
1 6PFL GLY A 1 ? UNP Q7Z6Z7 ? ? 'expression tag' 1610 1 
2 6PFL GLY B 1 ? UNP Q7Z6Z7 ? ? 'expression tag' 1610 2 
# 
loop_
_chem_comp.id 
_chem_comp.type 
_chem_comp.mon_nstd_flag 
_chem_comp.name 
_chem_comp.pdbx_synonyms 
_chem_comp.formula 
_chem_comp.formula_weight 
ALA 'L-peptide linking' y ALANINE                     ? 'C3 H7 N O2'        89.093  
APR non-polymer         . ADENOSINE-5-DIPHOSPHORIBOSE ? 'C15 H23 N5 O14 P2' 559.316 
ARG 'L-peptide linking' y ARGININE                    ? 'C6 H15 N4 O2 1'    175.209 
ASN 'L-peptide linking' y ASPARAGINE                  ? 'C4 H8 N2 O3'       132.118 
ASP 'L-peptide linking' y 'ASPARTIC ACID'             ? 'C4 H7 N O4'        133.103 
CYS 'L-peptide linking' y CYSTEINE                    ? 'C3 H7 N O2 S'      121.158 
GLN 'L-peptide linking' y GLUTAMINE                   ? 'C5 H10 N2 O3'      146.144 
GLU 'L-peptide linking' y 'GLUTAMIC ACID'             ? 'C5 H9 N O4'        147.129 
GLY 'peptide linking'   y GLYCINE                     ? 'C2 H5 N O2'        75.067  
HOH non-polymer         . WATER                       ? 'H2 O'              18.015  
ILE 'L-peptide linking' y ISOLEUCINE                  ? 'C6 H13 N O2'       131.173 
LEU 'L-peptide linking' y LEUCINE                     ? 'C6 H13 N O2'       131.173 
LYS 'L-peptide linking' y LYSINE                      ? 'C6 H15 N2 O2 1'    147.195 
MET 'L-peptide linking' y METHIONINE                  ? 'C5 H11 N O2 S'     149.211 
PHE 'L-peptide linking' y PHENYLALANINE               ? 'C9 H11 N O2'       165.189 
PRO 'L-peptide linking' y PROLINE                     ? 'C5 H9 N O2'        115.130 
SER 'L-peptide linking' y SERINE                      ? 'C3 H7 N O3'        105.093 
THR 'L-peptide linking' y THREONINE                   ? 'C4 H9 N O3'        119.119 
TRP 'L-peptide linking' y TRYPTOPHAN                  ? 'C11 H12 N2 O2'     204.225 
TYR 'L-peptide linking' y TYROSINE                    ? 'C9 H11 N O3'       181.189 
UNX non-polymer         . 'UNKNOWN ATOM OR ION'       ? ?                   ?       
VAL 'L-peptide linking' y VALINE                      ? 'C5 H11 N O2'       117.146 
# 
_exptl.absorpt_coefficient_mu     ? 
_exptl.absorpt_correction_T_max   ? 
_exptl.absorpt_correction_T_min   ? 
_exptl.absorpt_correction_type    ? 
_exptl.absorpt_process_details    ? 
_exptl.entry_id                   6PFL 
_exptl.crystals_number            1 
_exptl.details                    ? 
_exptl.method                     'X-RAY DIFFRACTION' 
_exptl.method_details             ? 
# 
_exptl_crystal.colour                      ? 
_exptl_crystal.density_diffrn              ? 
_exptl_crystal.density_Matthews            2.24 
_exptl_crystal.density_method              ? 
_exptl_crystal.density_percent_sol         45.09 
_exptl_crystal.description                 ? 
_exptl_crystal.F_000                       ? 
_exptl_crystal.id                          1 
_exptl_crystal.preparation                 ? 
_exptl_crystal.size_max                    ? 
_exptl_crystal.size_mid                    ? 
_exptl_crystal.size_min                    ? 
_exptl_crystal.size_rad                    ? 
_exptl_crystal.colour_lustre               ? 
_exptl_crystal.colour_modifier             ? 
_exptl_crystal.colour_primary              ? 
_exptl_crystal.density_meas                ? 
_exptl_crystal.density_meas_esd            ? 
_exptl_crystal.density_meas_gt             ? 
_exptl_crystal.density_meas_lt             ? 
_exptl_crystal.density_meas_temp           ? 
_exptl_crystal.density_meas_temp_esd       ? 
_exptl_crystal.density_meas_temp_gt        ? 
_exptl_crystal.density_meas_temp_lt        ? 
_exptl_crystal.pdbx_crystal_image_url      ? 
_exptl_crystal.pdbx_crystal_image_format   ? 
_exptl_crystal.pdbx_mosaicity              0.250 
_exptl_crystal.pdbx_mosaicity_esd          ? 
# 
_exptl_crystal_grow.apparatus       ? 
_exptl_crystal_grow.atmosphere      ? 
_exptl_crystal_grow.crystal_id      1 
_exptl_crystal_grow.details         ? 
_exptl_crystal_grow.method          'VAPOR DIFFUSION, SITTING DROP' 
_exptl_crystal_grow.method_ref      ? 
_exptl_crystal_grow.pH              7.5 
_exptl_crystal_grow.pressure        ? 
_exptl_crystal_grow.pressure_esd    ? 
_exptl_crystal_grow.seeding         ? 
_exptl_crystal_grow.seeding_ref     ? 
_exptl_crystal_grow.temp            291 
_exptl_crystal_grow.temp_details    ? 
_exptl_crystal_grow.temp_esd        ? 
_exptl_crystal_grow.time            ? 
_exptl_crystal_grow.pdbx_details    '1.4M NaCitrate, and 0.1M Tris-HCL pH7.5' 
_exptl_crystal_grow.pdbx_pH_range   ? 
# 
_diffrn.ambient_environment              ? 
_diffrn.ambient_temp                     100 
_diffrn.ambient_temp_details             ? 
_diffrn.ambient_temp_esd                 ? 
_diffrn.crystal_id                       1 
_diffrn.crystal_support                  ? 
_diffrn.crystal_treatment                ? 
_diffrn.details                          ? 
_diffrn.id                               1 
_diffrn.ambient_pressure                 ? 
_diffrn.ambient_pressure_esd             ? 
_diffrn.ambient_pressure_gt              ? 
_diffrn.ambient_pressure_lt              ? 
_diffrn.ambient_temp_gt                  ? 
_diffrn.ambient_temp_lt                  ? 
_diffrn.pdbx_serial_crystal_experiment   N 
# 
_diffrn_detector.details                      ? 
_diffrn_detector.detector                     PIXEL 
_diffrn_detector.diffrn_id                    1 
_diffrn_detector.type                         'DECTRIS EIGER X 16M' 
_diffrn_detector.area_resol_mean              ? 
_diffrn_detector.dtime                        ? 
_diffrn_detector.pdbx_frames_total            ? 
_diffrn_detector.pdbx_collection_time_total   ? 
_diffrn_detector.pdbx_collection_date         2019-04-14 
_diffrn_detector.pdbx_frequency               ? 
# 
_diffrn_radiation.collimation                      ? 
_diffrn_radiation.diffrn_id                        1 
_diffrn_radiation.filter_edge                      ? 
_diffrn_radiation.inhomogeneity                    ? 
_diffrn_radiation.monochromator                    ? 
_diffrn_radiation.polarisn_norm                    ? 
_diffrn_radiation.polarisn_ratio                   ? 
_diffrn_radiation.probe                            ? 
_diffrn_radiation.type                             ? 
_diffrn_radiation.xray_symbol                      ? 
_diffrn_radiation.wavelength_id                    1 
_diffrn_radiation.pdbx_monochromatic_or_laue_m_l   M 
_diffrn_radiation.pdbx_wavelength_list             ? 
_diffrn_radiation.pdbx_wavelength                  ? 
_diffrn_radiation.pdbx_diffrn_protocol             'SINGLE WAVELENGTH' 
_diffrn_radiation.pdbx_analyzer                    ? 
_diffrn_radiation.pdbx_scattering_type             x-ray 
# 
_diffrn_radiation_wavelength.id           1 
_diffrn_radiation_wavelength.wavelength   0.9792 
_diffrn_radiation_wavelength.wt           1.0 
# 
_diffrn_source.current                     ? 
_diffrn_source.details                     ? 
_diffrn_source.diffrn_id                   1 
_diffrn_source.power                       ? 
_diffrn_source.size                        ? 
_diffrn_source.source                      SYNCHROTRON 
_diffrn_source.target                      ? 
_diffrn_source.type                        'APS BEAMLINE 24-ID-E' 
_diffrn_source.voltage                     ? 
_diffrn_source.take-off_angle              ? 
_diffrn_source.pdbx_wavelength_list        0.9792 
_diffrn_source.pdbx_wavelength             ? 
_diffrn_source.pdbx_synchrotron_beamline   24-ID-E 
_diffrn_source.pdbx_synchrotron_site       APS 
# 
_reflns.entry_id                     6PFL 
_reflns.pdbx_diffrn_id               1 
_reflns.pdbx_ordinal                 1 
_reflns.observed_criterion_sigma_I   ? 
_reflns.observed_criterion_sigma_F   ? 
_reflns.d_resolution_low             43.670 
_reflns.d_resolution_high            2.100 
_reflns.number_obs                   11221 
_reflns.number_all                   ? 
_reflns.percent_possible_obs         97.800 
_reflns.pdbx_Rmerge_I_obs            0.074 
_reflns.pdbx_Rsym_value              ? 
_reflns.pdbx_netI_over_sigmaI        11.300 
_reflns.B_iso_Wilson_estimate        ? 
_reflns.pdbx_redundancy              6.000 
_reflns.pdbx_Rrim_I_all              0.082 
_reflns.pdbx_Rpim_I_all              0.032 
_reflns.pdbx_CC_half                 0.997 
_reflns.pdbx_netI_over_av_sigmaI     ? 
_reflns.pdbx_number_measured_all     67269 
_reflns.pdbx_scaling_rejects         25 
_reflns.pdbx_chi_squared             ? 
_reflns.Rmerge_F_all                 ? 
_reflns.Rmerge_F_obs                 ? 
_reflns.observed_criterion_F_max     ? 
_reflns.observed_criterion_F_min     ? 
_reflns.observed_criterion_I_max     ? 
_reflns.observed_criterion_I_min     ? 
_reflns.pdbx_d_res_high_opt          ? 
_reflns.pdbx_d_res_low_opt           ? 
_reflns.details                      ? 
# 
_reflns_shell.pdbx_diffrn_id              1 
_reflns_shell.pdbx_ordinal                1 
_reflns_shell.d_res_high                  2.100 
_reflns_shell.d_res_low                   2.160 
_reflns_shell.number_measured_obs         ? 
_reflns_shell.number_measured_all         5537 
_reflns_shell.number_unique_obs           904 
_reflns_shell.pdbx_rejects                ? 
_reflns_shell.Rmerge_I_obs                0.528 
_reflns_shell.meanI_over_sigI_obs         ? 
_reflns_shell.pdbx_Rsym_value             ? 
_reflns_shell.pdbx_chi_squared            ? 
_reflns_shell.pdbx_redundancy             6.100 
_reflns_shell.percent_possible_obs        ? 
_reflns_shell.pdbx_netI_over_sigmaI_obs   2.100 
_reflns_shell.number_possible             ? 
_reflns_shell.number_unique_all           ? 
_reflns_shell.Rmerge_F_all                ? 
_reflns_shell.Rmerge_F_obs                ? 
_reflns_shell.Rmerge_I_all                ? 
_reflns_shell.meanI_over_sigI_all         ? 
_reflns_shell.percent_possible_all        99.500 
_reflns_shell.pdbx_Rrim_I_all             0.575 
_reflns_shell.pdbx_Rpim_I_all             0.221 
_reflns_shell.pdbx_CC_half                0.847 
# 
_refine.entry_id                                 6PFL 
_refine.pdbx_refine_id                           'X-RAY DIFFRACTION' 
_refine.ls_d_res_high                            2.1000 
_refine.ls_d_res_low                             43.6700 
_refine.pdbx_ls_sigma_F                          0.000 
_refine.pdbx_data_cutoff_high_absF               ? 
_refine.pdbx_data_cutoff_low_absF                ? 
_refine.ls_percent_reflns_obs                    96.5900 
_refine.ls_number_reflns_obs                     10669 
_refine.ls_number_reflns_all                     ? 
_refine.pdbx_ls_cross_valid_method               THROUGHOUT 
_refine.ls_matrix_type                           ? 
_refine.pdbx_R_Free_selection_details            RANDOM 
_refine.details                                  
'HYDROGENS HAVE BEEN ADDED IN THE RIDING POSITIONS U VALUES      : REFINED INDIVIDUALLY' 
_refine.ls_R_factor_all                          ? 
_refine.ls_R_factor_obs                          0.2106 
_refine.ls_R_factor_R_work                       0.2080 
_refine.ls_wR_factor_R_work                      ? 
_refine.ls_R_factor_R_free                       0.2597 
_refine.ls_wR_factor_R_free                      ? 
_refine.ls_percent_reflns_R_free                 4.9000 
_refine.ls_number_reflns_R_free                  550 
_refine.ls_number_reflns_R_work                  ? 
_refine.ls_R_factor_R_free_error                 ? 
_refine.B_iso_mean                               41.1560 
_refine.solvent_model_param_bsol                 ? 
_refine.solvent_model_param_ksol                 ? 
_refine.pdbx_isotropic_thermal_model             ? 
_refine.aniso_B[1][1]                            -0.5100 
_refine.aniso_B[2][2]                            -0.5100 
_refine.aniso_B[3][3]                            1.6400 
_refine.aniso_B[1][2]                            -0.2500 
_refine.aniso_B[1][3]                            -0.0000 
_refine.aniso_B[2][3]                            0.0000 
_refine.correlation_coeff_Fo_to_Fc               0.9560 
_refine.correlation_coeff_Fo_to_Fc_free          0.9220 
_refine.overall_SU_R_Cruickshank_DPI             ? 
_refine.pdbx_overall_SU_R_free_Cruickshank_DPI   ? 
_refine.pdbx_overall_SU_R_Blow_DPI               ? 
_refine.pdbx_overall_SU_R_free_Blow_DPI          ? 
_refine.overall_SU_R_free                        ? 
_refine.pdbx_overall_ESU_R                       0.2190 
_refine.pdbx_overall_ESU_R_Free                  0.1960 
_refine.overall_SU_ML                            0.1650 
_refine.overall_SU_B                             6.3590 
_refine.solvent_model_details                    MASK 
_refine.pdbx_solvent_vdw_probe_radii             1.2000 
_refine.pdbx_solvent_ion_probe_radii             0.8000 
_refine.pdbx_solvent_shrinkage_radii             0.8000 
_refine.ls_number_parameters                     ? 
_refine.ls_number_restraints                     ? 
_refine.pdbx_starting_model                      6MIW 
_refine.pdbx_method_to_determine_struct          'MOLECULAR REPLACEMENT' 
_refine.pdbx_stereochemistry_target_values       'MAXIMUM LIKELIHOOD' 
_refine.pdbx_stereochem_target_val_spec_case     ? 
_refine.overall_FOM_work_R_set                   ? 
_refine.B_iso_max                                105.320 
_refine.B_iso_min                                18.210 
_refine.pdbx_overall_phase_error                 ? 
_refine.occupancy_max                            ? 
_refine.occupancy_min                            ? 
_refine.pdbx_diffrn_id                           1 
_refine.pdbx_TLS_residual_ADP_flag               ? 
_refine.pdbx_ls_sigma_I                          ? 
_refine.pdbx_data_cutoff_high_rms_absF           ? 
_refine.ls_R_factor_R_free_error_details         ? 
# 
_refine_hist.cycle_id                         final 
_refine_hist.pdbx_refine_id                   'X-RAY DIFFRACTION' 
_refine_hist.d_res_high                       2.1000 
_refine_hist.d_res_low                        43.6700 
_refine_hist.pdbx_number_atoms_ligand         57 
_refine_hist.number_atoms_solvent             27 
_refine_hist.number_atoms_total               1289 
_refine_hist.pdbx_number_residues_total       154 
_refine_hist.pdbx_B_iso_mean_ligand           48.51 
_refine_hist.pdbx_B_iso_mean_solvent          44.88 
_refine_hist.pdbx_number_atoms_protein        1205 
_refine_hist.pdbx_number_atoms_nucleic_acid   0 
# 
loop_
_refine_ls_restr.pdbx_refine_id 
_refine_ls_restr.type 
_refine_ls_restr.number 
_refine_ls_restr.dev_ideal 
_refine_ls_restr.dev_ideal_target 
_refine_ls_restr.weight 
_refine_ls_restr.pdbx_restraint_function 
'X-RAY DIFFRACTION' r_bond_refined_d       1300 0.011  0.012  ? ? 
'X-RAY DIFFRACTION' r_bond_other_d         1072 0.001  0.018  ? ? 
'X-RAY DIFFRACTION' r_angle_refined_deg    1782 1.439  1.659  ? ? 
'X-RAY DIFFRACTION' r_angle_other_deg      2458 1.248  1.579  ? ? 
'X-RAY DIFFRACTION' r_dihedral_angle_1_deg 153  7.362  5.000  ? ? 
'X-RAY DIFFRACTION' r_dihedral_angle_2_deg 76   32.556 19.737 ? ? 
'X-RAY DIFFRACTION' r_dihedral_angle_3_deg 181  13.816 15.000 ? ? 
'X-RAY DIFFRACTION' r_dihedral_angle_4_deg 15   20.417 15.000 ? ? 
'X-RAY DIFFRACTION' r_chiral_restr         176  0.057  0.200  ? ? 
'X-RAY DIFFRACTION' r_gen_planes_refined   1469 0.011  0.020  ? ? 
'X-RAY DIFFRACTION' r_gen_planes_other     322  0.002  0.020  ? ? 
# 
_refine_ls_shell.d_res_high                       2.1010 
_refine_ls_shell.d_res_low                        2.1550 
_refine_ls_shell.pdbx_total_number_of_bins_used   20 
_refine_ls_shell.percent_reflns_obs               98.9000 
_refine_ls_shell.number_reflns_R_work             777 
_refine_ls_shell.R_factor_all                     ? 
_refine_ls_shell.R_factor_R_work                  0.2870 
_refine_ls_shell.R_factor_R_free                  0.3590 
_refine_ls_shell.percent_reflns_R_free            ? 
_refine_ls_shell.number_reflns_R_free             31 
_refine_ls_shell.R_factor_R_free_error            0.0000 
_refine_ls_shell.number_reflns_all                808 
_refine_ls_shell.number_reflns_obs                ? 
_refine_ls_shell.pdbx_refine_id                   'X-RAY DIFFRACTION' 
_refine_ls_shell.R_factor_obs                     ? 
# 
_struct.entry_id                     6PFL 
_struct.title                        'Crystal structure of Human HUWE1 WWE domain in complex with ADPR' 
_struct.pdbx_model_details           ? 
_struct.pdbx_formula_weight          ? 
_struct.pdbx_formula_weight_method   ? 
_struct.pdbx_model_type_details      ? 
_struct.pdbx_CASP_flag               N 
# 
_struct_keywords.entry_id        6PFL 
_struct_keywords.text            'HUWE1, WWE domain, Structural Genomics, Structural Genomics Consortium, SGC, TRANSFERASE' 
_struct_keywords.pdbx_keywords   TRANSFERASE 
# 
loop_
_struct_asym.id 
_struct_asym.pdbx_blank_PDB_chainid_flag 
_struct_asym.pdbx_modified 
_struct_asym.entity_id 
_struct_asym.details 
A N N 1 ? 
B N N 1 ? 
C N N 2 ? 
D N N 3 ? 
E N N 2 ? 
F N N 3 ? 
G N N 3 ? 
H N N 4 ? 
I N N 4 ? 
# 
loop_
_struct_conf.conf_type_id 
_struct_conf.id 
_struct_conf.pdbx_PDB_helix_id 
_struct_conf.beg_label_comp_id 
_struct_conf.beg_label_asym_id 
_struct_conf.beg_label_seq_id 
_struct_conf.pdbx_beg_PDB_ins_code 
_struct_conf.end_label_comp_id 
_struct_conf.end_label_asym_id 
_struct_conf.end_label_seq_id 
_struct_conf.pdbx_end_PDB_ins_code 
_struct_conf.beg_auth_comp_id 
_struct_conf.beg_auth_asym_id 
_struct_conf.beg_auth_seq_id 
_struct_conf.end_auth_comp_id 
_struct_conf.end_auth_asym_id 
_struct_conf.end_auth_seq_id 
_struct_conf.pdbx_PDB_helix_class 
_struct_conf.details 
_struct_conf.pdbx_PDB_helix_length 
HELX_P HELX_P1 AA1 SER A 22 ? SER A 35 ? SER A 1631 SER A 1644 1 ? 14 
HELX_P HELX_P2 AA2 SER B 22 ? SER B 35 ? SER B 1631 SER B 1644 1 ? 14 
# 
_struct_conf_type.id          HELX_P 
_struct_conf_type.criteria    ? 
_struct_conf_type.reference   ? 
# 
_struct_mon_prot_cis.pdbx_id                1 
_struct_mon_prot_cis.label_comp_id          VAL 
_struct_mon_prot_cis.label_seq_id           76 
_struct_mon_prot_cis.label_asym_id          B 
_struct_mon_prot_cis.label_alt_id           . 
_struct_mon_prot_cis.pdbx_PDB_ins_code      ? 
_struct_mon_prot_cis.auth_comp_id           VAL 
_struct_mon_prot_cis.auth_seq_id            1685 
_struct_mon_prot_cis.auth_asym_id           B 
_struct_mon_prot_cis.pdbx_label_comp_id_2   PRO 
_struct_mon_prot_cis.pdbx_label_seq_id_2    77 
_struct_mon_prot_cis.pdbx_label_asym_id_2   B 
_struct_mon_prot_cis.pdbx_PDB_ins_code_2    ? 
_struct_mon_prot_cis.pdbx_auth_comp_id_2    PRO 
_struct_mon_prot_cis.pdbx_auth_seq_id_2     1686 
_struct_mon_prot_cis.pdbx_auth_asym_id_2    B 
_struct_mon_prot_cis.pdbx_PDB_model_num     1 
_struct_mon_prot_cis.pdbx_omega_angle       -4.41 
# 
loop_
_struct_sheet.id 
_struct_sheet.type 
_struct_sheet.number_strands 
_struct_sheet.details 
AA1 ? 6 ? 
AA2 ? 6 ? 
# 
loop_
_struct_sheet_order.sheet_id 
_struct_sheet_order.range_id_1 
_struct_sheet_order.range_id_2 
_struct_sheet_order.offset 
_struct_sheet_order.sense 
AA1 1 2 ? anti-parallel 
AA1 2 3 ? anti-parallel 
AA1 3 4 ? anti-parallel 
AA1 4 5 ? anti-parallel 
AA1 5 6 ? anti-parallel 
AA2 1 2 ? anti-parallel 
AA2 2 3 ? anti-parallel 
AA2 3 4 ? anti-parallel 
AA2 4 5 ? anti-parallel 
AA2 5 6 ? anti-parallel 
# 
loop_
_struct_sheet_range.sheet_id 
_struct_sheet_range.id 
_struct_sheet_range.beg_label_comp_id 
_struct_sheet_range.beg_label_asym_id 
_struct_sheet_range.beg_label_seq_id 
_struct_sheet_range.pdbx_beg_PDB_ins_code 
_struct_sheet_range.end_label_comp_id 
_struct_sheet_range.end_label_asym_id 
_struct_sheet_range.end_label_seq_id 
_struct_sheet_range.pdbx_end_PDB_ins_code 
_struct_sheet_range.beg_auth_comp_id 
_struct_sheet_range.beg_auth_asym_id 
_struct_sheet_range.beg_auth_seq_id 
_struct_sheet_range.end_auth_comp_id 
_struct_sheet_range.end_auth_asym_id 
_struct_sheet_range.end_auth_seq_id 
AA1 1 ARG A 17 ? SER A 20 ? ARG A 1626 SER A 1629 
AA1 2 ASN A 7  ? ASP A 12 ? ASN A 1616 ASP A 1621 
AA1 3 ARG A 66 ? THR A 72 ? ARG A 1675 THR A 1681 
AA1 4 VAL A 57 ? ASN A 60 ? VAL A 1666 ASN A 1669 
AA1 5 ARG A 47 ? GLN A 52 ? ARG A 1656 GLN A 1661 
AA1 6 SER A 39 ? ALA A 44 ? SER A 1648 ALA A 1653 
AA2 1 ARG B 17 ? SER B 20 ? ARG B 1626 SER B 1629 
AA2 2 TRP B 8  ? ASP B 12 ? TRP B 1617 ASP B 1621 
AA2 3 ARG B 66 ? LEU B 71 ? ARG B 1675 LEU B 1680 
AA2 4 VAL B 57 ? ASN B 60 ? VAL B 1666 ASN B 1669 
AA2 5 ARG B 47 ? GLN B 52 ? ARG B 1656 GLN B 1661 
AA2 6 SER B 39 ? ALA B 44 ? SER B 1648 ALA B 1653 
# 
loop_
_pdbx_struct_sheet_hbond.sheet_id 
_pdbx_struct_sheet_hbond.range_id_1 
_pdbx_struct_sheet_hbond.range_id_2 
_pdbx_struct_sheet_hbond.range_1_label_atom_id 
_pdbx_struct_sheet_hbond.range_1_label_comp_id 
_pdbx_struct_sheet_hbond.range_1_label_asym_id 
_pdbx_struct_sheet_hbond.range_1_label_seq_id 
_pdbx_struct_sheet_hbond.range_1_PDB_ins_code 
_pdbx_struct_sheet_hbond.range_1_auth_atom_id 
_pdbx_struct_sheet_hbond.range_1_auth_comp_id 
_pdbx_struct_sheet_hbond.range_1_auth_asym_id 
_pdbx_struct_sheet_hbond.range_1_auth_seq_id 
_pdbx_struct_sheet_hbond.range_2_label_atom_id 
_pdbx_struct_sheet_hbond.range_2_label_comp_id 
_pdbx_struct_sheet_hbond.range_2_label_asym_id 
_pdbx_struct_sheet_hbond.range_2_label_seq_id 
_pdbx_struct_sheet_hbond.range_2_PDB_ins_code 
_pdbx_struct_sheet_hbond.range_2_auth_atom_id 
_pdbx_struct_sheet_hbond.range_2_auth_comp_id 
_pdbx_struct_sheet_hbond.range_2_auth_asym_id 
_pdbx_struct_sheet_hbond.range_2_auth_seq_id 
AA1 1 2 O ARG A 17 ? O ARG A 1626 N ASP A 12 ? N ASP A 1621 
AA1 2 3 N ASN A 7  ? N ASN A 1616 O THR A 72 ? O THR A 1681 
AA1 3 4 O ARG A 67 ? O ARG A 1676 N GLN A 58 ? N GLN A 1667 
AA1 4 5 O VAL A 59 ? O VAL A 1668 N THR A 50 ? N THR A 1659 
AA1 5 6 O VAL A 51 ? O VAL A 1660 N VAL A 40 ? N VAL A 1649 
AA2 1 2 O CYS B 19 ? O CYS B 1628 N TRP B 10 ? N TRP B 1619 
AA2 2 3 N PHE B 11 ? N PHE B 1620 O PRO B 68 ? O PRO B 1677 
AA2 3 4 O ARG B 67 ? O ARG B 1676 N GLN B 58 ? N GLN B 1667 
AA2 4 5 O VAL B 59 ? O VAL B 1668 N THR B 50 ? N THR B 1659 
AA2 5 6 O TYR B 49 ? O TYR B 1658 N PHE B 42 ? N PHE B 1651 
# 
loop_
_struct_site.id 
_struct_site.pdbx_evidence_code 
_struct_site.pdbx_auth_asym_id 
_struct_site.pdbx_auth_comp_id 
_struct_site.pdbx_auth_seq_id 
_struct_site.pdbx_auth_ins_code 
_struct_site.pdbx_num_residues 
_struct_site.details 
AC1 Software A APR 1801 ? 8 'binding site for residue APR A 1801' 
AC2 Software B APR 1801 ? 9 'binding site for residue APR B 1801' 
# 
loop_
_struct_site_gen.id 
_struct_site_gen.site_id 
_struct_site_gen.pdbx_num_res 
_struct_site_gen.label_comp_id 
_struct_site_gen.label_asym_id 
_struct_site_gen.label_seq_id 
_struct_site_gen.pdbx_auth_ins_code 
_struct_site_gen.auth_comp_id 
_struct_site_gen.auth_asym_id 
_struct_site_gen.auth_seq_id 
_struct_site_gen.label_atom_id 
_struct_site_gen.label_alt_id 
_struct_site_gen.symmetry 
_struct_site_gen.details 
1  AC1 8 TRP A 10 ? TRP A 1619 . ? 1_555 ? 
2  AC1 8 TYR A 21 ? TYR A 1630 . ? 1_555 ? 
3  AC1 8 TYR A 49 ? TYR A 1658 . ? 1_555 ? 
4  AC1 8 GLN A 58 ? GLN A 1667 . ? 1_555 ? 
5  AC1 8 ASN A 60 ? ASN A 1669 . ? 1_555 ? 
6  AC1 8 THR A 63 ? THR A 1672 . ? 1_555 ? 
7  AC1 8 ASN A 65 ? ASN A 1674 . ? 1_555 ? 
8  AC1 8 ARG A 67 ? ARG A 1676 . ? 1_555 ? 
9  AC2 9 TRP B 10 ? TRP B 1619 . ? 1_555 ? 
10 AC2 9 TYR B 21 ? TYR B 1630 . ? 1_555 ? 
11 AC2 9 TYR B 49 ? TYR B 1658 . ? 1_555 ? 
12 AC2 9 GLN B 58 ? GLN B 1667 . ? 1_555 ? 
13 AC2 9 ASN B 60 ? ASN B 1669 . ? 1_555 ? 
14 AC2 9 THR B 63 ? THR B 1672 . ? 1_555 ? 
15 AC2 9 ASN B 65 ? ASN B 1674 . ? 1_555 ? 
16 AC2 9 ARG B 67 ? ARG B 1676 . ? 1_555 ? 
17 AC2 9 HOH I .  ? HOH B 1911 . ? 1_555 ? 
# 
_atom_sites.entry_id                    6PFL 
_atom_sites.fract_transf_matrix[1][1]   0.00152973 
_atom_sites.fract_transf_matrix[1][2]   -0.02282090 
_atom_sites.fract_transf_matrix[1][3]   0.00113014 
_atom_sites.fract_transf_matrix[2][1]   0.00868522 
_atom_sites.fract_transf_matrix[2][2]   -0.00998191 
_atom_sites.fract_transf_matrix[2][3]   0.01869060 
_atom_sites.fract_transf_matrix[3][1]   -0.00712006 
_atom_sites.fract_transf_matrix[3][2]   -0.00032194 
_atom_sites.fract_transf_matrix[3][3]   0.00313664 
_atom_sites.fract_transf_vector[1]      -0.214856 
_atom_sites.fract_transf_vector[2]      -0.305548 
_atom_sites.fract_transf_vector[3]      0.182389 
# 
loop_
_atom_type.symbol 
C 
N 
O 
P 
S 
X 
# 
loop_
_atom_site.group_PDB 
_atom_site.id 
_atom_site.type_symbol 
_atom_site.label_atom_id 
_atom_site.label_alt_id 
_atom_site.label_comp_id 
_atom_site.label_asym_id 
_atom_site.label_entity_id 
_atom_site.label_seq_id 
_atom_site.pdbx_PDB_ins_code 
_atom_site.Cartn_x 
_atom_site.Cartn_y 
_atom_site.Cartn_z 
_atom_site.occupancy 
_atom_site.B_iso_or_equiv 
_atom_site.pdbx_formal_charge 
_atom_site.auth_seq_id 
_atom_site.auth_comp_id 
_atom_site.auth_asym_id 
_atom_site.auth_atom_id 
_atom_site.pdbx_PDB_model_num 
ATOM   1    N N     . ASN A 1 4  ? -5.953  0.101   21.822  1.00 90.87  ? 1613 ASN A N     1 
ATOM   2    C CA    . ASN A 1 4  ? -6.200  0.598   20.426  1.00 88.53  ? 1613 ASN A CA    1 
ATOM   3    C C     . ASN A 1 4  ? -6.148  -0.591  19.449  1.00 84.16  ? 1613 ASN A C     1 
ATOM   4    O O     . ASN A 1 4  ? -6.372  -1.726  19.899  1.00 100.87 ? 1613 ASN A O     1 
ATOM   5    C CB    . ASN A 1 4  ? -5.187  1.692   20.070  1.00 79.62  ? 1613 ASN A CB    1 
ATOM   6    N N     . SER A 1 5  ? -5.911  -0.321  18.161  1.00 83.70  ? 1614 SER A N     1 
ATOM   7    C CA    . SER A 1 5  ? -5.843  -1.318  17.052  1.00 83.15  ? 1614 SER A CA    1 
ATOM   8    C C     . SER A 1 5  ? -4.908  -0.777  15.963  1.00 84.37  ? 1614 SER A C     1 
ATOM   9    O O     . SER A 1 5  ? -4.479  0.386   16.089  1.00 74.77  ? 1614 SER A O     1 
ATOM   10   C CB    . SER A 1 5  ? -7.223  -1.629  16.492  1.00 76.41  ? 1614 SER A CB    1 
ATOM   11   N N     . ASN A 1 6  ? -4.574  -1.599  14.956  1.00 96.95  ? 1615 ASN A N     1 
ATOM   12   C CA    . ASN A 1 6  ? -3.717  -1.197  13.797  1.00 77.76  ? 1615 ASN A CA    1 
ATOM   13   C C     . ASN A 1 6  ? -4.515  -0.277  12.880  1.00 59.36  ? 1615 ASN A C     1 
ATOM   14   O O     . ASN A 1 6  ? -5.764  -0.339  12.893  1.00 69.81  ? 1615 ASN A O     1 
ATOM   15   C CB    . ASN A 1 6  ? -3.196  -2.385  12.984  1.00 77.42  ? 1615 ASN A CB    1 
ATOM   16   C CG    . ASN A 1 6  ? -1.958  -3.024  13.573  1.00 69.78  ? 1615 ASN A CG    1 
ATOM   17   O OD1   . ASN A 1 6  ? -1.146  -2.349  14.206  1.00 70.58  ? 1615 ASN A OD1   1 
ATOM   18   N ND2   . ASN A 1 6  ? -1.807  -4.322  13.361  1.00 63.56  ? 1615 ASN A ND2   1 
ATOM   19   N N     . ASN A 1 7  ? -3.818  0.539   12.111  1.00 56.11  ? 1616 ASN A N     1 
ATOM   20   C CA    . ASN A 1 7  ? -4.440  1.553   11.242  1.00 55.13  ? 1616 ASN A CA    1 
ATOM   21   C C     . ASN A 1 7  ? -4.399  1.020   9.794   1.00 47.65  ? 1616 ASN A C     1 
ATOM   22   O O     . ASN A 1 7  ? -3.317  0.811   9.261   1.00 46.77  ? 1616 ASN A O     1 
ATOM   23   C CB    . ASN A 1 7  ? -3.800  2.930   11.450  1.00 54.93  ? 1616 ASN A CB    1 
ATOM   24   C CG    . ASN A 1 7  ? -4.408  3.982   10.544  1.00 60.90  ? 1616 ASN A CG    1 
ATOM   25   O OD1   . ASN A 1 7  ? -3.773  4.438   9.591   1.00 66.17  ? 1616 ASN A OD1   1 
ATOM   26   N ND2   . ASN A 1 7  ? -5.668  4.300   10.772  1.00 64.25  ? 1616 ASN A ND2   1 
ATOM   27   N N     . TRP A 1 8  ? -5.564  0.688   9.262   1.00 48.42  ? 1617 TRP A N     1 
ATOM   28   C CA    . TRP A 1 8  ? -5.769  0.205   7.884   1.00 40.01  ? 1617 TRP A CA    1 
ATOM   29   C C     . TRP A 1 8  ? -6.226  1.361   7.023   1.00 41.91  ? 1617 TRP A C     1 
ATOM   30   O O     . TRP A 1 8  ? -7.106  2.103   7.457   1.00 36.80  ? 1617 TRP A O     1 
ATOM   31   C CB    . TRP A 1 8  ? -6.776  -0.931  7.881   1.00 43.78  ? 1617 TRP A CB    1 
ATOM   32   C CG    . TRP A 1 8  ? -6.188  -2.198  8.386   1.00 36.50  ? 1617 TRP A CG    1 
ATOM   33   C CD1   . TRP A 1 8  ? -6.168  -2.645  9.672   1.00 37.89  ? 1617 TRP A CD1   1 
ATOM   34   C CD2   . TRP A 1 8  ? -5.518  -3.189  7.596   1.00 39.59  ? 1617 TRP A CD2   1 
ATOM   35   N NE1   . TRP A 1 8  ? -5.508  -3.841  9.739   1.00 39.62  ? 1617 TRP A NE1   1 
ATOM   36   C CE2   . TRP A 1 8  ? -5.107  -4.207  8.482   1.00 39.37  ? 1617 TRP A CE2   1 
ATOM   37   C CE3   . TRP A 1 8  ? -5.262  -3.338  6.217   1.00 40.02  ? 1617 TRP A CE3   1 
ATOM   38   C CZ2   . TRP A 1 8  ? -4.445  -5.356  8.035   1.00 39.40  ? 1617 TRP A CZ2   1 
ATOM   39   C CZ3   . TRP A 1 8  ? -4.573  -4.454  5.781   1.00 35.28  ? 1617 TRP A CZ3   1 
ATOM   40   C CH2   . TRP A 1 8  ? -4.173  -5.448  6.683   1.00 39.62  ? 1617 TRP A CH2   1 
ATOM   41   N N     . ARG A 1 9  ? -5.654  1.508   5.839   1.00 40.81  ? 1618 ARG A N     1 
ATOM   42   C CA    . ARG A 1 9  ? -6.093  2.538   4.892   1.00 38.41  ? 1618 ARG A CA    1 
ATOM   43   C C     . ARG A 1 9  ? -6.385  1.910   3.537   1.00 37.16  ? 1618 ARG A C     1 
ATOM   44   O O     . ARG A 1 9  ? -5.835  0.835   3.256   1.00 35.31  ? 1618 ARG A O     1 
ATOM   45   C CB    . ARG A 1 9  ? -5.025  3.622   4.833   1.00 48.18  ? 1618 ARG A CB    1 
ATOM   46   C CG    . ARG A 1 9  ? -4.808  4.304   6.172   1.00 53.14  ? 1618 ARG A CG    1 
ATOM   47   C CD    . ARG A 1 9  ? -3.731  5.334   6.047   1.00 59.10  ? 1618 ARG A CD    1 
ATOM   48   N NE    . ARG A 1 9  ? -3.436  5.958   7.319   1.00 70.59  ? 1618 ARG A NE    1 
ATOM   49   C CZ    . ARG A 1 9  ? -3.865  7.152   7.690   1.00 72.86  ? 1618 ARG A CZ    1 
ATOM   50   N NH1   . ARG A 1 9  ? -4.629  7.870   6.878   1.00 75.92  ? 1618 ARG A NH1   1 
ATOM   51   N NH2   . ARG A 1 9  ? -3.525  7.629   8.874   1.00 73.89  ? 1618 ARG A NH2   1 
ATOM   52   N N     . TRP A 1 10 ? -7.262  2.560   2.772   1.00 32.32  ? 1619 TRP A N     1 
ATOM   53   C CA    . TRP A 1 10 ? -7.540  2.328   1.345   1.00 37.22  ? 1619 TRP A CA    1 
ATOM   54   C C     . TRP A 1 10 ? -7.157  3.602   0.571   1.00 42.35  ? 1619 TRP A C     1 
ATOM   55   O O     . TRP A 1 10 ? -7.294  4.682   1.167   1.00 35.76  ? 1619 TRP A O     1 
ATOM   56   C CB    . TRP A 1 10 ? -9.023  1.927   1.163   1.00 38.81  ? 1619 TRP A CB    1 
ATOM   57   C CG    . TRP A 1 10 ? -10.021 2.973   1.564   1.00 39.97  ? 1619 TRP A CG    1 
ATOM   58   C CD1   . TRP A 1 10 ? -10.443 3.277   2.831   1.00 41.67  ? 1619 TRP A CD1   1 
ATOM   59   C CD2   . TRP A 1 10 ? -10.717 3.875   0.685   1.00 34.49  ? 1619 TRP A CD2   1 
ATOM   60   N NE1   . TRP A 1 10 ? -11.328 4.318   2.795   1.00 40.59  ? 1619 TRP A NE1   1 
ATOM   61   C CE2   . TRP A 1 10 ? -11.516 4.703   1.494   1.00 39.94  ? 1619 TRP A CE2   1 
ATOM   62   C CE3   . TRP A 1 10 ? -10.714 4.085   -0.694  1.00 41.17  ? 1619 TRP A CE3   1 
ATOM   63   C CZ2   . TRP A 1 10 ? -12.322 5.710   0.961   1.00 44.84  ? 1619 TRP A CZ2   1 
ATOM   64   C CZ3   . TRP A 1 10 ? -11.510 5.080   -1.223  1.00 48.06  ? 1619 TRP A CZ3   1 
ATOM   65   C CH2   . TRP A 1 10 ? -12.304 5.880   -0.404  1.00 42.07  ? 1619 TRP A CH2   1 
ATOM   66   N N     . PHE A 1 11 ? -6.631  3.482   -0.666  1.00 36.76  ? 1620 PHE A N     1 
ATOM   67   C CA    . PHE A 1 11 ? -6.217  4.641   -1.522  1.00 36.09  ? 1620 PHE A CA    1 
ATOM   68   C C     . PHE A 1 11 ? -7.413  5.132   -2.339  1.00 44.13  ? 1620 PHE A C     1 
ATOM   69   O O     . PHE A 1 11 ? -8.053  4.348   -3.045  1.00 36.27  ? 1620 PHE A O     1 
ATOM   70   C CB    . PHE A 1 11 ? -5.021  4.318   -2.428  1.00 34.90  ? 1620 PHE A CB    1 
ATOM   71   C CG    . PHE A 1 11 ? -4.345  5.528   -3.056  1.00 35.51  ? 1620 PHE A CG    1 
ATOM   72   C CD1   . PHE A 1 11 ? -3.474  6.327   -2.327  1.00 35.23  ? 1620 PHE A CD1   1 
ATOM   73   C CD2   . PHE A 1 11 ? -4.639  5.908   -4.361  1.00 39.94  ? 1620 PHE A CD2   1 
ATOM   74   C CE1   . PHE A 1 11 ? -2.898  7.461   -2.892  1.00 36.08  ? 1620 PHE A CE1   1 
ATOM   75   C CE2   . PHE A 1 11 ? -4.067  7.038   -4.922  1.00 40.59  ? 1620 PHE A CE2   1 
ATOM   76   C CZ    . PHE A 1 11 ? -3.191  7.811   -4.191  1.00 38.67  ? 1620 PHE A CZ    1 
ATOM   77   N N     . ASP A 1 12 ? -7.657  6.432   -2.272  1.00 47.33  ? 1621 ASP A N     1 
ATOM   78   C CA    . ASP A 1 12 ? -8.712  7.146   -3.041  1.00 47.00  ? 1621 ASP A CA    1 
ATOM   79   C C     . ASP A 1 12 ? -8.058  7.823   -4.265  1.00 44.15  ? 1621 ASP A C     1 
ATOM   80   O O     . ASP A 1 12 ? -7.295  8.798   -4.084  1.00 48.94  ? 1621 ASP A O     1 
ATOM   81   C CB    . ASP A 1 12 ? -9.423  8.117   -2.092  1.00 51.54  ? 1621 ASP A CB    1 
ATOM   82   C CG    . ASP A 1 12 ? -10.435 9.046   -2.734  1.00 57.79  ? 1621 ASP A CG    1 
ATOM   83   O OD1   . ASP A 1 12 ? -10.934 8.725   -3.812  1.00 55.63  ? 1621 ASP A OD1   1 
ATOM   84   O OD2   . ASP A 1 12 ? -10.701 10.095  -2.133  1.00 75.10  ? 1621 ASP A OD2   1 
ATOM   85   N N     . ASP A 1 13 ? -8.282  7.275   -5.447  1.00 40.50  ? 1622 ASP A N     1 
ATOM   86   C CA    . ASP A 1 13 ? -7.679  7.743   -6.710  1.00 49.38  ? 1622 ASP A CA    1 
ATOM   87   C C     . ASP A 1 13 ? -8.298  9.102   -7.092  1.00 57.82  ? 1622 ASP A C     1 
ATOM   88   O O     . ASP A 1 13 ? -7.598  9.894   -7.726  1.00 58.23  ? 1622 ASP A O     1 
ATOM   89   C CB    . ASP A 1 13 ? -7.871  6.718   -7.819  1.00 50.83  ? 1622 ASP A CB    1 
ATOM   90   C CG    . ASP A 1 13 ? -9.337  6.452   -8.117  1.00 57.20  ? 1622 ASP A CG    1 
ATOM   91   O OD1   . ASP A 1 13 ? -10.188 7.160   -7.529  1.00 74.39  ? 1622 ASP A OD1   1 
ATOM   92   O OD2   . ASP A 1 13 ? -9.619  5.545   -8.916  1.00 59.75  ? 1622 ASP A OD2   1 
ATOM   93   N N     . ARG A 1 14 ? -9.541  9.361   -6.675  1.00 58.26  ? 1623 ARG A N     1 
ATOM   94   C CA    . ARG A 1 14 ? -10.264 10.642  -6.913  1.00 59.92  ? 1623 ARG A CA    1 
ATOM   95   C C     . ARG A 1 14 ? -9.466  11.794  -6.299  1.00 58.71  ? 1623 ARG A C     1 
ATOM   96   O O     . ARG A 1 14 ? -9.182  12.753  -7.020  1.00 64.07  ? 1623 ARG A O     1 
ATOM   97   C CB    . ARG A 1 14 ? -11.681 10.589  -6.323  1.00 57.32  ? 1623 ARG A CB    1 
ATOM   98   N N     . SER A 1 15 ? -9.086  11.656  -5.030  1.00 55.54  ? 1624 SER A N     1 
ATOM   99   C CA    . SER A 1 15 ? -8.390  12.670  -4.206  1.00 53.03  ? 1624 SER A CA    1 
ATOM   100  C C     . SER A 1 15 ? -6.863  12.412  -4.151  1.00 59.83  ? 1624 SER A C     1 
ATOM   101  O O     . SER A 1 15 ? -6.147  13.238  -3.546  1.00 57.46  ? 1624 SER A O     1 
ATOM   102  C CB    . SER A 1 15 ? -8.973  12.690  -2.824  1.00 55.14  ? 1624 SER A CB    1 
ATOM   103  O OG    . SER A 1 15 ? -8.806  11.432  -2.184  1.00 56.86  ? 1624 SER A OG    1 
ATOM   104  N N     . GLY A 1 16 ? -6.392  11.276  -4.683  1.00 55.66  ? 1625 GLY A N     1 
ATOM   105  C CA    . GLY A 1 16 ? -4.963  10.900  -4.700  1.00 45.94  ? 1625 GLY A CA    1 
ATOM   106  C C     . GLY A 1 16 ? -4.371  10.790  -3.308  1.00 43.51  ? 1625 GLY A C     1 
ATOM   107  O O     . GLY A 1 16 ? -3.199  11.169  -3.149  1.00 40.62  ? 1625 GLY A O     1 
ATOM   108  N N     . ARG A 1 17 ? -5.104  10.211  -2.345  1.00 41.55  ? 1626 ARG A N     1 
ATOM   109  C CA    . ARG A 1 17 ? -4.622  10.071  -0.940  1.00 42.43  ? 1626 ARG A CA    1 
ATOM   110  C C     . ARG A 1 17 ? -5.083  8.758   -0.285  1.00 39.67  ? 1626 ARG A C     1 
ATOM   111  O O     . ARG A 1 17 ? -6.071  8.171   -0.735  1.00 39.18  ? 1626 ARG A O     1 
ATOM   112  C CB    . ARG A 1 17 ? -5.085  11.231  -0.058  1.00 45.44  ? 1626 ARG A CB    1 
ATOM   113  C CG    . ARG A 1 17 ? -4.267  11.351  1.225   1.00 46.86  ? 1626 ARG A CG    1 
ATOM   114  N N     . TRP A 1 18 ? -4.353  8.344   0.753   1.00 42.81  ? 1627 TRP A N     1 
ATOM   115  C CA    . TRP A 1 18 ? -4.640  7.183   1.637   1.00 46.61  ? 1627 TRP A CA    1 
ATOM   116  C C     . TRP A 1 18 ? -5.652  7.598   2.716   1.00 54.36  ? 1627 TRP A C     1 
ATOM   117  O O     . TRP A 1 18 ? -5.280  8.436   3.537   1.00 60.32  ? 1627 TRP A O     1 
ATOM   118  C CB    . TRP A 1 18 ? -3.343  6.695   2.297   1.00 41.48  ? 1627 TRP A CB    1 
ATOM   119  C CG    . TRP A 1 18 ? -2.420  5.863   1.465   1.00 41.17  ? 1627 TRP A CG    1 
ATOM   120  C CD1   . TRP A 1 18 ? -1.167  6.209   1.064   1.00 37.36  ? 1627 TRP A CD1   1 
ATOM   121  C CD2   . TRP A 1 18 ? -2.611  4.487   1.033   1.00 38.44  ? 1627 TRP A CD2   1 
ATOM   122  N NE1   . TRP A 1 18 ? -0.565  5.163   0.399   1.00 39.99  ? 1627 TRP A NE1   1 
ATOM   123  C CE2   . TRP A 1 18 ? -1.426  4.097   0.359   1.00 38.60  ? 1627 TRP A CE2   1 
ATOM   124  C CE3   . TRP A 1 18 ? -3.659  3.562   1.133   1.00 32.13  ? 1627 TRP A CE3   1 
ATOM   125  C CZ2   . TRP A 1 18 ? -1.269  2.826   -0.213  1.00 39.18  ? 1627 TRP A CZ2   1 
ATOM   126  C CZ3   . TRP A 1 18 ? -3.506  2.311   0.572   1.00 38.97  ? 1627 TRP A CZ3   1 
ATOM   127  C CH2   . TRP A 1 18 ? -2.320  1.939   -0.086  1.00 34.32  ? 1627 TRP A CH2   1 
ATOM   128  N N     . CYS A 1 19 ? -6.848  6.983   2.744   1.00 55.83  ? 1628 CYS A N     1 
ATOM   129  C CA    . CYS A 1 19 ? -7.954  7.270   3.711   1.00 56.34  ? 1628 CYS A CA    1 
ATOM   130  C C     . CYS A 1 19 ? -8.041  6.163   4.763   1.00 56.53  ? 1628 CYS A C     1 
ATOM   131  O O     . CYS A 1 19 ? -7.855  4.989   4.408   1.00 57.17  ? 1628 CYS A O     1 
ATOM   132  C CB    . CYS A 1 19 ? -9.311  7.364   3.022   1.00 60.84  ? 1628 CYS A CB    1 
ATOM   133  S SG    . CYS A 1 19 ? -9.347  8.439   1.566   1.00 72.54  ? 1628 CYS A SG    1 
ATOM   134  N N     . SER A 1 20 ? -8.355  6.523   6.000   1.00 53.24  ? 1629 SER A N     1 
ATOM   135  C CA    . SER A 1 20 ? -8.647  5.579   7.113   1.00 51.21  ? 1629 SER A CA    1 
ATOM   136  C C     . SER A 1 20 ? -10.065 5.012   6.943   1.00 51.71  ? 1629 SER A C     1 
ATOM   137  O O     . SER A 1 20 ? -10.924 5.712   6.417   1.00 51.18  ? 1629 SER A O     1 
ATOM   138  C CB    . SER A 1 20 ? -8.472  6.258   8.459   1.00 54.46  ? 1629 SER A CB    1 
ATOM   139  O OG    . SER A 1 20 ? -7.100  6.243   8.876   1.00 55.29  ? 1629 SER A OG    1 
ATOM   140  N N     . TYR A 1 21 ? -10.279 3.755   7.320   1.00 58.59  ? 1630 TYR A N     1 
ATOM   141  C CA    . TYR A 1 21 ? -11.622 3.134   7.460   1.00 51.77  ? 1630 TYR A CA    1 
ATOM   142  C C     . TYR A 1 21 ? -12.327 3.692   8.714   1.00 58.94  ? 1630 TYR A C     1 
ATOM   143  O O     . TYR A 1 21 ? -11.635 4.236   9.608   1.00 50.42  ? 1630 TYR A O     1 
ATOM   144  C CB    . TYR A 1 21 ? -11.479 1.617   7.546   1.00 51.36  ? 1630 TYR A CB    1 
ATOM   145  C CG    . TYR A 1 21 ? -11.191 0.935   6.232   1.00 47.38  ? 1630 TYR A CG    1 
ATOM   146  C CD1   . TYR A 1 21 ? -12.214 0.583   5.373   1.00 45.86  ? 1630 TYR A CD1   1 
ATOM   147  C CD2   . TYR A 1 21 ? -9.899  0.581   5.876   1.00 47.46  ? 1630 TYR A CD2   1 
ATOM   148  C CE1   . TYR A 1 21 ? -11.961 -0.070  4.177   1.00 48.61  ? 1630 TYR A CE1   1 
ATOM   149  C CE2   . TYR A 1 21 ? -9.631  -0.093  4.697   1.00 44.48  ? 1630 TYR A CE2   1 
ATOM   150  C CZ    . TYR A 1 21 ? -10.664 -0.409  3.840   1.00 44.55  ? 1630 TYR A CZ    1 
ATOM   151  O OH    . TYR A 1 21 ? -10.404 -1.028  2.656   1.00 44.14  ? 1630 TYR A OH    1 
ATOM   152  N N     . SER A 1 22 ? -13.655 3.517   8.803   1.00 59.48  ? 1631 SER A N     1 
ATOM   153  C CA    . SER A 1 22 ? -14.454 3.663   10.056  1.00 58.83  ? 1631 SER A CA    1 
ATOM   154  C C     . SER A 1 22 ? -13.856 2.771   11.147  1.00 59.56  ? 1631 SER A C     1 
ATOM   155  O O     . SER A 1 22 ? -13.434 1.649   10.818  1.00 58.98  ? 1631 SER A O     1 
ATOM   156  C CB    . SER A 1 22 ? -15.900 3.327   9.825   1.00 61.72  ? 1631 SER A CB    1 
ATOM   157  O OG    . SER A 1 22 ? -16.117 1.918   9.855   1.00 58.34  ? 1631 SER A OG    1 
ATOM   158  N N     . ALA A 1 23 ? -13.845 3.247   12.396  1.00 62.14  ? 1632 ALA A N     1 
ATOM   159  C CA    . ALA A 1 23 ? -13.290 2.541   13.582  1.00 58.54  ? 1632 ALA A CA    1 
ATOM   160  C C     . ALA A 1 23 ? -13.851 1.120   13.650  1.00 58.58  ? 1632 ALA A C     1 
ATOM   161  O O     . ALA A 1 23 ? -13.081 0.184   13.966  1.00 58.83  ? 1632 ALA A O     1 
ATOM   162  C CB    . ALA A 1 23 ? -13.610 3.310   14.844  1.00 64.25  ? 1632 ALA A CB    1 
ATOM   163  N N     . SER A 1 24 ? -15.141 0.959   13.352  1.00 59.54  ? 1633 SER A N     1 
ATOM   164  C CA    . SER A 1 24 ? -15.840 -0.350  13.336  1.00 62.63  ? 1633 SER A CA    1 
ATOM   165  C C     . SER A 1 24 ? -15.251 -1.249  12.233  1.00 63.75  ? 1633 SER A C     1 
ATOM   166  O O     . SER A 1 24 ? -14.920 -2.431  12.532  1.00 49.61  ? 1633 SER A O     1 
ATOM   167  C CB    . SER A 1 24 ? -17.319 -0.161  13.171  1.00 61.14  ? 1633 SER A CB    1 
ATOM   168  O OG    . SER A 1 24 ? -17.937 -1.372  12.769  1.00 73.59  ? 1633 SER A OG    1 
ATOM   169  N N     . ASN A 1 25 ? -15.145 -0.715  11.005  1.00 60.09  ? 1634 ASN A N     1 
ATOM   170  C CA    . ASN A 1 25 ? -14.572 -1.416  9.825   1.00 54.42  ? 1634 ASN A CA    1 
ATOM   171  C C     . ASN A 1 25 ? -13.098 -1.762  10.137  1.00 51.77  ? 1634 ASN A C     1 
ATOM   172  O O     . ASN A 1 25 ? -12.717 -2.945  10.006  1.00 45.48  ? 1634 ASN A O     1 
ATOM   173  C CB    . ASN A 1 25 ? -14.771 -0.583  8.550   1.00 53.79  ? 1634 ASN A CB    1 
ATOM   174  C CG    . ASN A 1 25 ? -16.180 -0.664  8.002   1.00 55.22  ? 1634 ASN A CG    1 
ATOM   175  O OD1   . ASN A 1 25 ? -16.899 -1.611  8.296   1.00 47.64  ? 1634 ASN A OD1   1 
ATOM   176  N ND2   . ASN A 1 25 ? -16.572 0.299   7.171   1.00 48.89  ? 1634 ASN A ND2   1 
ATOM   177  N N     . ASN A 1 26 ? -12.346 -0.801  10.670  1.00 48.90  ? 1635 ASN A N     1 
ATOM   178  C CA    . ASN A 1 26 ? -10.926 -0.970  11.060  1.00 52.08  ? 1635 ASN A CA    1 
ATOM   179  C C     . ASN A 1 26 ? -10.789 -2.196  11.972  1.00 57.41  ? 1635 ASN A C     1 
ATOM   180  O O     . ASN A 1 26 ? -9.923  -3.062  11.678  1.00 58.26  ? 1635 ASN A O     1 
ATOM   181  C CB    . ASN A 1 26 ? -10.364 0.310   11.696  1.00 57.12  ? 1635 ASN A CB    1 
ATOM   182  C CG    . ASN A 1 26 ? -8.863  0.266   11.920  1.00 59.74  ? 1635 ASN A CG    1 
ATOM   183  O OD1   . ASN A 1 26 ? -8.079  0.407   10.982  1.00 64.90  ? 1635 ASN A OD1   1 
ATOM   184  N ND2   . ASN A 1 26 ? -8.449  0.091   13.162  1.00 61.35  ? 1635 ASN A ND2   1 
ATOM   185  N N     . SER A 1 27 ? -11.589 -2.281  13.042  1.00 58.89  ? 1636 SER A N     1 
ATOM   186  C CA    . SER A 1 27 ? -11.457 -3.334  14.089  1.00 58.02  ? 1636 SER A CA    1 
ATOM   187  C C     . SER A 1 27 ? -11.867 -4.700  13.527  1.00 50.42  ? 1636 SER A C     1 
ATOM   188  O O     . SER A 1 27 ? -11.203 -5.672  13.830  1.00 50.73  ? 1636 SER A O     1 
ATOM   189  C CB    . SER A 1 27 ? -12.230 -2.976  15.324  1.00 62.68  ? 1636 SER A CB    1 
ATOM   190  O OG    . SER A 1 27 ? -11.583 -1.902  15.991  1.00 69.10  ? 1636 SER A OG    1 
ATOM   191  N N     . THR A 1 28 ? -12.903 -4.744  12.699  1.00 48.76  ? 1637 THR A N     1 
ATOM   192  C CA    . THR A 1 28 ? -13.333 -5.943  11.935  1.00 50.12  ? 1637 THR A CA    1 
ATOM   193  C C     . THR A 1 28 ? -12.185 -6.476  11.067  1.00 51.42  ? 1637 THR A C     1 
ATOM   194  O O     . THR A 1 28 ? -12.033 -7.751  10.966  1.00 50.01  ? 1637 THR A O     1 
ATOM   195  C CB    . THR A 1 28 ? -14.523 -5.603  11.036  1.00 56.66  ? 1637 THR A CB    1 
ATOM   196  O OG1   . THR A 1 28 ? -15.488 -4.906  11.826  1.00 56.71  ? 1637 THR A OG1   1 
ATOM   197  C CG2   . THR A 1 28 ? -15.143 -6.822  10.401  1.00 47.89  ? 1637 THR A CG2   1 
ATOM   198  N N     . ILE A 1 29 ? -11.480 -5.571  10.372  1.00 46.63  ? 1638 ILE A N     1 
ATOM   199  C CA    . ILE A 1 29 ? -10.361 -5.913  9.440   1.00 46.99  ? 1638 ILE A CA    1 
ATOM   200  C C     . ILE A 1 29 ? -9.150  -6.380  10.273  1.00 44.55  ? 1638 ILE A C     1 
ATOM   201  O O     . ILE A 1 29 ? -8.540  -7.393  9.929   1.00 38.48  ? 1638 ILE A O     1 
ATOM   202  C CB    . ILE A 1 29 ? -10.008 -4.703  8.537   1.00 49.73  ? 1638 ILE A CB    1 
ATOM   203  C CG1   . ILE A 1 29 ? -11.119 -4.390  7.523   1.00 45.68  ? 1638 ILE A CG1   1 
ATOM   204  C CG2   . ILE A 1 29 ? -8.655  -4.916  7.850   1.00 44.18  ? 1638 ILE A CG2   1 
ATOM   205  C CD1   . ILE A 1 29 ? -10.986 -3.015  6.854   1.00 46.45  ? 1638 ILE A CD1   1 
ATOM   206  N N     . ASP A 1 30 ? -8.786  -5.623  11.295  1.00 42.78  ? 1639 ASP A N     1 
ATOM   207  C CA    . ASP A 1 30 ? -7.547  -5.883  12.070  1.00 47.49  ? 1639 ASP A CA    1 
ATOM   208  C C     . ASP A 1 30 ? -7.722  -7.192  12.863  1.00 49.72  ? 1639 ASP A C     1 
ATOM   209  O O     . ASP A 1 30 ? -6.765  -8.009  12.898  1.00 44.48  ? 1639 ASP A O     1 
ATOM   210  C CB    . ASP A 1 30 ? -7.194  -4.695  12.952  1.00 49.96  ? 1639 ASP A CB    1 
ATOM   211  C CG    . ASP A 1 30 ? -5.751  -4.721  13.405  1.00 54.19  ? 1639 ASP A CG    1 
ATOM   212  O OD1   . ASP A 1 30 ? -4.880  -4.621  12.538  1.00 53.67  ? 1639 ASP A OD1   1 
ATOM   213  O OD2   . ASP A 1 30 ? -5.522  -4.893  14.612  1.00 52.42  ? 1639 ASP A OD2   1 
ATOM   214  N N     . SER A 1 31 ? -8.932  -7.444  13.364  1.00 48.08  ? 1640 SER A N     1 
ATOM   215  C CA    . SER A 1 31 ? -9.308  -8.709  14.042  1.00 53.78  ? 1640 SER A CA    1 
ATOM   216  C C     . SER A 1 31 ? -9.117  -9.895  13.088  1.00 47.82  ? 1640 SER A C     1 
ATOM   217  O O     . SER A 1 31 ? -8.501  -10.905 13.496  1.00 47.77  ? 1640 SER A O     1 
ATOM   218  C CB    . SER A 1 31 ? -10.689 -8.632  14.553  1.00 55.21  ? 1640 SER A CB    1 
ATOM   219  O OG    . SER A 1 31 ? -10.996 -9.795  15.268  1.00 67.68  ? 1640 SER A OG    1 
ATOM   220  N N     . ALA A 1 32 ? -9.567  -9.771  11.839  1.00 47.05  ? 1641 ALA A N     1 
ATOM   221  C CA    . ALA A 1 32 ? -9.415  -10.840 10.828  1.00 40.88  ? 1641 ALA A CA    1 
ATOM   222  C C     . ALA A 1 32 ? -7.925  -11.003 10.527  1.00 38.75  ? 1641 ALA A C     1 
ATOM   223  O O     . ALA A 1 32 ? -7.481  -12.112 10.398  1.00 33.73  ? 1641 ALA A O     1 
ATOM   224  C CB    . ALA A 1 32 ? -10.217 -10.519 9.589   1.00 47.21  ? 1641 ALA A CB    1 
ATOM   225  N N     . TRP A 1 33 ? -7.175  -9.896  10.501  1.00 46.26  ? 1642 TRP A N     1 
ATOM   226  C CA    . TRP A 1 33 ? -5.713  -9.898  10.232  1.00 43.78  ? 1642 TRP A CA    1 
ATOM   227  C C     . TRP A 1 33 ? -4.977  -10.676 11.344  1.00 45.49  ? 1642 TRP A C     1 
ATOM   228  O O     . TRP A 1 33 ? -4.300  -11.671 11.027  1.00 41.71  ? 1642 TRP A O     1 
ATOM   229  C CB    . TRP A 1 33 ? -5.188  -8.473  10.079  1.00 42.48  ? 1642 TRP A CB    1 
ATOM   230  C CG    . TRP A 1 33 ? -3.698  -8.404  9.919   1.00 46.31  ? 1642 TRP A CG    1 
ATOM   231  C CD1   . TRP A 1 33 ? -2.784  -8.040  10.869  1.00 44.94  ? 1642 TRP A CD1   1 
ATOM   232  C CD2   . TRP A 1 33 ? -2.943  -8.756  8.744   1.00 45.42  ? 1642 TRP A CD2   1 
ATOM   233  N NE1   . TRP A 1 33 ? -1.514  -8.149  10.363  1.00 44.82  ? 1642 TRP A NE1   1 
ATOM   234  C CE2   . TRP A 1 33 ? -1.581  -8.581  9.065   1.00 42.83  ? 1642 TRP A CE2   1 
ATOM   235  C CE3   . TRP A 1 33 ? -3.286  -9.152  7.439   1.00 46.42  ? 1642 TRP A CE3   1 
ATOM   236  C CZ2   . TRP A 1 33 ? -0.569  -8.793  8.131   1.00 46.79  ? 1642 TRP A CZ2   1 
ATOM   237  C CZ3   . TRP A 1 33 ? -2.283  -9.392  6.525   1.00 46.61  ? 1642 TRP A CZ3   1 
ATOM   238  C CH2   . TRP A 1 33 ? -0.941  -9.197  6.865   1.00 46.77  ? 1642 TRP A CH2   1 
ATOM   239  N N     . LYS A 1 34 ? -5.221  -10.327 12.601  1.00 50.78  ? 1643 LYS A N     1 
ATOM   240  C CA    . LYS A 1 34 ? -4.616  -11.010 13.783  1.00 55.74  ? 1643 LYS A CA    1 
ATOM   241  C C     . LYS A 1 34 ? -4.951  -12.517 13.785  1.00 54.38  ? 1643 LYS A C     1 
ATOM   242  O O     . LYS A 1 34 ? -4.065  -13.293 14.169  1.00 61.07  ? 1643 LYS A O     1 
ATOM   243  C CB    . LYS A 1 34 ? -5.086  -10.360 15.084  1.00 61.12  ? 1643 LYS A CB    1 
ATOM   244  C CG    . LYS A 1 34 ? -4.847  -8.862  15.198  1.00 62.44  ? 1643 LYS A CG    1 
ATOM   245  C CD    . LYS A 1 34 ? -3.408  -8.465  15.026  1.00 66.64  ? 1643 LYS A CD    1 
ATOM   246  C CE    . LYS A 1 34 ? -3.135  -7.047  15.481  1.00 72.54  ? 1643 LYS A CE    1 
ATOM   247  N NZ    . LYS A 1 34 ? -3.432  -6.871  16.925  1.00 80.43  ? 1643 LYS A NZ    1 
ATOM   248  N N     . SER A 1 35 ? -6.161  -12.924 13.379  1.00 53.19  ? 1644 SER A N     1 
ATOM   249  C CA    . SER A 1 35 ? -6.677  -14.327 13.518  1.00 49.62  ? 1644 SER A CA    1 
ATOM   250  C C     . SER A 1 35 ? -6.123  -15.233 12.426  1.00 51.18  ? 1644 SER A C     1 
ATOM   251  O O     . SER A 1 35 ? -6.449  -16.428 12.443  1.00 48.68  ? 1644 SER A O     1 
ATOM   252  C CB    . SER A 1 35 ? -8.159  -14.365 13.516  1.00 52.63  ? 1644 SER A CB    1 
ATOM   253  O OG    . SER A 1 35 ? -8.672  -13.512 14.524  1.00 61.50  ? 1644 SER A OG    1 
ATOM   254  N N     . GLY A 1 36 ? -5.367  -14.673 11.480  1.00 48.94  ? 1645 GLY A N     1 
ATOM   255  C CA    . GLY A 1 36 ? -4.736  -15.423 10.381  1.00 46.45  ? 1645 GLY A CA    1 
ATOM   256  C C     . GLY A 1 36 ? -5.680  -15.674 9.206   1.00 44.17  ? 1645 GLY A C     1 
ATOM   257  O O     . GLY A 1 36 ? -5.282  -16.379 8.288   1.00 39.00  ? 1645 GLY A O     1 
ATOM   258  N N     . GLU A 1 37 ? -6.858  -15.060 9.177   1.00 45.68  ? 1646 GLU A N     1 
ATOM   259  C CA    . GLU A 1 37 ? -7.775  -15.156 7.999   1.00 46.05  ? 1646 GLU A CA    1 
ATOM   260  C C     . GLU A 1 37 ? -7.017  -14.678 6.738   1.00 37.70  ? 1646 GLU A C     1 
ATOM   261  O O     . GLU A 1 37 ? -6.112  -13.846 6.868   1.00 38.33  ? 1646 GLU A O     1 
ATOM   262  C CB    . GLU A 1 37 ? -9.020  -14.317 8.273   1.00 53.62  ? 1646 GLU A CB    1 
ATOM   263  C CG    . GLU A 1 37 ? -9.805  -14.769 9.486   1.00 57.48  ? 1646 GLU A CG    1 
ATOM   264  C CD    . GLU A 1 37 ? -10.102 -16.262 9.507   1.00 66.71  ? 1646 GLU A CD    1 
ATOM   265  O OE1   . GLU A 1 37 ? -9.822  -16.902 10.546  1.00 89.25  ? 1646 GLU A OE1   1 
ATOM   266  O OE2   . GLU A 1 37 ? -10.579 -16.790 8.472   1.00 55.22  ? 1646 GLU A OE2   1 
ATOM   267  N N     . THR A 1 38 ? -7.406  -15.097 5.554   1.00 37.51  ? 1647 THR A N     1 
ATOM   268  C CA    . THR A 1 38 ? -6.817  -14.570 4.298   1.00 39.04  ? 1647 THR A CA    1 
ATOM   269  C C     . THR A 1 38 ? -7.697  -13.470 3.684   1.00 39.44  ? 1647 THR A C     1 
ATOM   270  O O     . THR A 1 38 ? -7.250  -12.859 2.672   1.00 39.91  ? 1647 THR A O     1 
ATOM   271  C CB    . THR A 1 38 ? -6.617  -15.676 3.283   1.00 41.39  ? 1647 THR A CB    1 
ATOM   272  O OG1   . THR A 1 38 ? -7.912  -16.237 3.209   1.00 38.30  ? 1647 THR A OG1   1 
ATOM   273  C CG2   . THR A 1 38 ? -5.572  -16.693 3.693   1.00 52.27  ? 1647 THR A CG2   1 
ATOM   274  N N     . SER A 1 39 ? -8.873  -13.213 4.236   1.00 39.23  ? 1648 SER A N     1 
ATOM   275  C CA    . SER A 1 39 ? -9.781  -12.134 3.756   1.00 38.65  ? 1648 SER A CA    1 
ATOM   276  C C     . SER A 1 39 ? -10.755 -11.733 4.853   1.00 41.30  ? 1648 SER A C     1 
ATOM   277  O O     . SER A 1 39 ? -10.716 -12.332 5.910   1.00 46.54  ? 1648 SER A O     1 
ATOM   278  C CB    . SER A 1 39 ? -10.504 -12.554 2.505   1.00 45.14  ? 1648 SER A CB    1 
ATOM   279  O OG    . SER A 1 39 ? -11.244 -13.728 2.735   1.00 46.76  ? 1648 SER A OG    1 
ATOM   280  N N     . VAL A 1 40 ? -11.504 -10.664 4.628   1.00 39.83  ? 1649 VAL A N     1 
ATOM   281  C CA    . VAL A 1 40 ? -12.505 -10.137 5.574   1.00 36.68  ? 1649 VAL A CA    1 
ATOM   282  C C     . VAL A 1 40 ? -13.574 -9.345  4.785   1.00 44.63  ? 1649 VAL A C     1 
ATOM   283  O O     . VAL A 1 40 ? -13.210 -8.669  3.744   1.00 42.62  ? 1649 VAL A O     1 
ATOM   284  C CB    . VAL A 1 40 ? -11.831 -9.297  6.665   1.00 39.96  ? 1649 VAL A CB    1 
ATOM   285  C CG1   . VAL A 1 40 ? -11.116 -8.058  6.106   1.00 39.88  ? 1649 VAL A CG1   1 
ATOM   286  C CG2   . VAL A 1 40 ? -12.823 -8.897  7.735   1.00 41.62  ? 1649 VAL A CG2   1 
ATOM   287  N N     . ARG A 1 41 ? -14.838 -9.402  5.240   1.00 45.86  ? 1650 ARG A N     1 
ATOM   288  C CA    . ARG A 1 41 ? -16.014 -8.836  4.516   1.00 47.82  ? 1650 ARG A CA    1 
ATOM   289  C C     . ARG A 1 41 ? -16.745 -7.872  5.424   1.00 47.76  ? 1650 ARG A C     1 
ATOM   290  O O     . ARG A 1 41 ? -16.812 -8.137  6.576   1.00 50.23  ? 1650 ARG A O     1 
ATOM   291  C CB    . ARG A 1 41 ? -16.952 -9.935  4.048   1.00 50.12  ? 1650 ARG A CB    1 
ATOM   292  C CG    . ARG A 1 41 ? -16.225 -11.119 3.438   1.00 53.80  ? 1650 ARG A CG    1 
ATOM   293  C CD    . ARG A 1 41 ? -16.969 -11.732 2.286   1.00 58.30  ? 1650 ARG A CD    1 
ATOM   294  N NE    . ARG A 1 41 ? -17.989 -12.624 2.787   1.00 70.92  ? 1650 ARG A NE    1 
ATOM   295  C CZ    . ARG A 1 41 ? -19.250 -12.628 2.385   1.00 69.63  ? 1650 ARG A CZ    1 
ATOM   296  N NH1   . ARG A 1 41 ? -19.644 -11.792 1.439   1.00 66.08  ? 1650 ARG A NH1   1 
ATOM   297  N NH2   . ARG A 1 41 ? -20.107 -13.478 2.921   1.00 55.75  ? 1650 ARG A NH2   1 
ATOM   298  N N     . PHE A 1 42 ? -17.206 -6.754  4.874   1.00 44.84  ? 1651 PHE A N     1 
ATOM   299  C CA    . PHE A 1 42 ? -17.841 -5.641  5.613   1.00 48.94  ? 1651 PHE A CA    1 
ATOM   300  C C     . PHE A 1 42 ? -18.565 -4.722  4.621   1.00 52.12  ? 1651 PHE A C     1 
ATOM   301  O O     . PHE A 1 42 ? -18.562 -4.982  3.389   1.00 52.77  ? 1651 PHE A O     1 
ATOM   302  C CB    . PHE A 1 42 ? -16.779 -4.877  6.400   1.00 50.65  ? 1651 PHE A CB    1 
ATOM   303  C CG    . PHE A 1 42 ? -15.703 -4.262  5.550   1.00 49.55  ? 1651 PHE A CG    1 
ATOM   304  C CD1   . PHE A 1 42 ? -15.874 -3.010  4.982   1.00 52.63  ? 1651 PHE A CD1   1 
ATOM   305  C CD2   . PHE A 1 42 ? -14.520 -4.941  5.303   1.00 55.64  ? 1651 PHE A CD2   1 
ATOM   306  C CE1   . PHE A 1 42 ? -14.889 -2.451  4.190   1.00 48.40  ? 1651 PHE A CE1   1 
ATOM   307  C CE2   . PHE A 1 42 ? -13.525 -4.368  4.530   1.00 52.66  ? 1651 PHE A CE2   1 
ATOM   308  C CZ    . PHE A 1 42 ? -13.724 -3.136  3.957   1.00 50.13  ? 1651 PHE A CZ    1 
ATOM   309  N N     . THR A 1 43 ? -19.125 -3.637  5.121   1.00 52.71  ? 1652 THR A N     1 
ATOM   310  C CA    . THR A 1 43 ? -19.864 -2.668  4.289   1.00 62.54  ? 1652 THR A CA    1 
ATOM   311  C C     . THR A 1 43 ? -19.445 -1.250  4.662   1.00 55.12  ? 1652 THR A C     1 
ATOM   312  O O     . THR A 1 43 ? -19.280 -0.975  5.866   1.00 54.09  ? 1652 THR A O     1 
ATOM   313  C CB    . THR A 1 43 ? -21.366 -2.910  4.413   1.00 67.52  ? 1652 THR A CB    1 
ATOM   314  O OG1   . THR A 1 43 ? -21.735 -2.521  5.732   1.00 83.61  ? 1652 THR A OG1   1 
ATOM   315  C CG2   . THR A 1 43 ? -21.749 -4.353  4.168   1.00 67.27  ? 1652 THR A CG2   1 
ATOM   316  N N     . ALA A 1 44 ? -19.269 -0.396  3.654   1.00 58.20  ? 1653 ALA A N     1 
ATOM   317  C CA    . ALA A 1 44 ? -18.979 1.056   3.796   1.00 67.97  ? 1653 ALA A CA    1 
ATOM   318  C C     . ALA A 1 44 ? -19.659 1.832   2.647   1.00 76.12  ? 1653 ALA A C     1 
ATOM   319  O O     . ALA A 1 44 ? -19.758 1.274   1.514   1.00 68.70  ? 1653 ALA A O     1 
ATOM   320  C CB    . ALA A 1 44 ? -17.478 1.282   3.827   1.00 55.33  ? 1653 ALA A CB    1 
ATOM   321  N N     . GLY A 1 45 ? -20.120 3.058   2.923   1.00 72.16  ? 1654 GLY A N     1 
ATOM   322  C CA    . GLY A 1 45 ? -21.022 3.823   2.037   1.00 80.11  ? 1654 GLY A CA    1 
ATOM   323  C C     . GLY A 1 45 ? -22.249 3.008   1.635   1.00 90.47  ? 1654 GLY A C     1 
ATOM   324  O O     . GLY A 1 45 ? -22.744 3.211   0.498   1.00 105.32 ? 1654 GLY A O     1 
ATOM   325  N N     . ARG A 1 46 ? -22.729 2.122   2.530   1.00 83.54  ? 1655 ARG A N     1 
ATOM   326  C CA    . ARG A 1 46 ? -23.835 1.154   2.270   1.00 71.37  ? 1655 ARG A CA    1 
ATOM   327  C C     . ARG A 1 46 ? -23.493 0.316   1.027   1.00 79.15  ? 1655 ARG A C     1 
ATOM   328  O O     . ARG A 1 46 ? -24.415 0.032   0.237   1.00 79.09  ? 1655 ARG A O     1 
ATOM   329  C CB    . ARG A 1 46 ? -25.163 1.905   2.090   1.00 74.18  ? 1655 ARG A CB    1 
ATOM   330  N N     . ARG A 1 47 ? -22.205 -0.025  0.853   1.00 75.53  ? 1656 ARG A N     1 
ATOM   331  C CA    . ARG A 1 47 ? -21.669 -0.871  -0.251  1.00 64.76  ? 1656 ARG A CA    1 
ATOM   332  C C     . ARG A 1 47 ? -20.926 -2.071  0.354   1.00 57.87  ? 1656 ARG A C     1 
ATOM   333  O O     . ARG A 1 47 ? -20.432 -1.941  1.461   1.00 44.89  ? 1656 ARG A O     1 
ATOM   334  C CB    . ARG A 1 47 ? -20.718 -0.067  -1.141  1.00 70.03  ? 1656 ARG A CB    1 
ATOM   335  C CG    . ARG A 1 47 ? -21.407 0.822   -2.165  1.00 75.99  ? 1656 ARG A CG    1 
ATOM   336  C CD    . ARG A 1 47 ? -20.427 1.302   -3.217  1.00 73.59  ? 1656 ARG A CD    1 
ATOM   337  N NE    . ARG A 1 47 ? -21.068 1.952   -4.355  1.00 80.30  ? 1656 ARG A NE    1 
ATOM   338  C CZ    . ARG A 1 47 ? -21.434 3.229   -4.392  1.00 75.71  ? 1656 ARG A CZ    1 
ATOM   339  N NH1   . ARG A 1 47 ? -21.254 4.004   -3.336  1.00 75.09  ? 1656 ARG A NH1   1 
ATOM   340  N NH2   . ARG A 1 47 ? -22.001 3.720   -5.480  1.00 81.10  ? 1656 ARG A NH2   1 
ATOM   341  N N     . ARG A 1 48 ? -20.863 -3.198  -0.360  1.00 48.79  ? 1657 ARG A N     1 
ATOM   342  C CA    . ARG A 1 48 ? -20.291 -4.455  0.170   1.00 54.02  ? 1657 ARG A CA    1 
ATOM   343  C C     . ARG A 1 48 ? -18.873 -4.642  -0.382  1.00 47.68  ? 1657 ARG A C     1 
ATOM   344  O O     . ARG A 1 48 ? -18.720 -4.700  -1.649  1.00 43.58  ? 1657 ARG A O     1 
ATOM   345  C CB    . ARG A 1 48 ? -21.217 -5.628  -0.161  1.00 55.34  ? 1657 ARG A CB    1 
ATOM   346  C CG    . ARG A 1 48 ? -22.411 -5.752  0.777   1.00 57.55  ? 1657 ARG A CG    1 
ATOM   347  C CD    . ARG A 1 48 ? -23.211 -7.029  0.524   1.00 62.97  ? 1657 ARG A CD    1 
ATOM   348  N N     . TYR A 1 49 ? -17.881 -4.784  0.525   1.00 49.63  ? 1658 TYR A N     1 
ATOM   349  C CA    . TYR A 1 49 ? -16.426 -4.962  0.201   1.00 43.32  ? 1658 TYR A CA    1 
ATOM   350  C C     . TYR A 1 49 ? -15.878 -6.234  0.847   1.00 38.60  ? 1658 TYR A C     1 
ATOM   351  O O     . TYR A 1 49 ? -16.235 -6.573  1.989   1.00 35.27  ? 1658 TYR A O     1 
ATOM   352  C CB    . TYR A 1 49 ? -15.587 -3.759  0.662   1.00 46.79  ? 1658 TYR A CB    1 
ATOM   353  C CG    . TYR A 1 49 ? -15.927 -2.450  -0.014  1.00 44.22  ? 1658 TYR A CG    1 
ATOM   354  C CD1   . TYR A 1 49 ? -15.575 -2.210  -1.336  1.00 42.31  ? 1658 TYR A CD1   1 
ATOM   355  C CD2   . TYR A 1 49 ? -16.621 -1.455  0.663   1.00 46.83  ? 1658 TYR A CD2   1 
ATOM   356  C CE1   . TYR A 1 49 ? -15.925 -1.023  -1.970  1.00 46.28  ? 1658 TYR A CE1   1 
ATOM   357  C CE2   . TYR A 1 49 ? -16.999 -0.277  0.037   1.00 47.04  ? 1658 TYR A CE2   1 
ATOM   358  C CZ    . TYR A 1 49 ? -16.652 -0.056  -1.287  1.00 48.69  ? 1658 TYR A CZ    1 
ATOM   359  O OH    . TYR A 1 49 ? -16.997 1.125   -1.900  1.00 46.39  ? 1658 TYR A OH    1 
ATOM   360  N N     . THR A 1 50 ? -14.960 -6.877  0.140   1.00 39.62  ? 1659 THR A N     1 
ATOM   361  C CA    . THR A 1 50 ? -13.992 -7.858  0.690   1.00 39.27  ? 1659 THR A CA    1 
ATOM   362  C C     . THR A 1 50 ? -12.591 -7.270  0.593   1.00 34.99  ? 1659 THR A C     1 
ATOM   363  O O     . THR A 1 50 ? -12.207 -6.829  -0.498  1.00 37.17  ? 1659 THR A O     1 
ATOM   364  C CB    . THR A 1 50 ? -14.066 -9.189  -0.063  1.00 40.30  ? 1659 THR A CB    1 
ATOM   365  O OG1   . THR A 1 50 ? -15.413 -9.659  -0.004  1.00 41.77  ? 1659 THR A OG1   1 
ATOM   366  C CG2   . THR A 1 50 ? -13.125 -10.235 0.492   1.00 39.38  ? 1659 THR A CG2   1 
ATOM   367  N N     . VAL A 1 51 ? -11.847 -7.260  1.679   1.00 30.97  ? 1660 VAL A N     1 
ATOM   368  C CA    . VAL A 1 51 ? -10.383 -7.026  1.616   1.00 29.55  ? 1660 VAL A CA    1 
ATOM   369  C C     . VAL A 1 51 ? -9.679  -8.391  1.490   1.00 32.76  ? 1660 VAL A C     1 
ATOM   370  O O     . VAL A 1 51 ? -10.022 -9.285  2.278   1.00 33.63  ? 1660 VAL A O     1 
ATOM   371  C CB    . VAL A 1 51 ? -9.952  -6.178  2.816   1.00 33.99  ? 1660 VAL A CB    1 
ATOM   372  C CG1   . VAL A 1 51 ? -8.458  -6.226  3.064   1.00 34.03  ? 1660 VAL A CG1   1 
ATOM   373  C CG2   . VAL A 1 51 ? -10.403 -4.743  2.633   1.00 34.08  ? 1660 VAL A CG2   1 
ATOM   374  N N     . GLN A 1 52 ? -8.866  -8.584  0.425   1.00 32.73  ? 1661 GLN A N     1 
ATOM   375  C CA    . GLN A 1 52 ? -8.003  -9.796  0.187   1.00 35.49  ? 1661 GLN A CA    1 
ATOM   376  C C     . GLN A 1 52 ? -6.562  -9.535  0.678   1.00 31.42  ? 1661 GLN A C     1 
ATOM   377  O O     . GLN A 1 52 ? -5.890  -8.677  0.128   1.00 33.13  ? 1661 GLN A O     1 
ATOM   378  C CB    . GLN A 1 52 ? -7.999  -10.164 -1.296  1.00 35.06  ? 1661 GLN A CB    1 
ATOM   379  C CG    . GLN A 1 52 ? -9.393  -10.465 -1.848  1.00 39.36  ? 1661 GLN A CG    1 
ATOM   380  C CD    . GLN A 1 52 ? -9.964  -11.762 -1.303  1.00 41.91  ? 1661 GLN A CD    1 
ATOM   381  O OE1   . GLN A 1 52 ? -9.272  -12.571 -0.687  1.00 44.34  ? 1661 GLN A OE1   1 
ATOM   382  N NE2   . GLN A 1 52 ? -11.220 -12.010 -1.599  1.00 52.71  ? 1661 GLN A NE2   1 
ATOM   383  N N     . PHE A 1 53 ? -6.117  -10.230 1.715   1.00 34.14  ? 1662 PHE A N     1 
ATOM   384  C CA    . PHE A 1 53 ? -4.835  -9.931  2.411   1.00 34.74  ? 1662 PHE A CA    1 
ATOM   385  C C     . PHE A 1 53 ? -3.645  -10.425 1.568   1.00 33.35  ? 1662 PHE A C     1 
ATOM   386  O O     . PHE A 1 53 ? -2.517  -9.873  1.684   1.00 31.85  ? 1662 PHE A O     1 
ATOM   387  C CB    . PHE A 1 53 ? -4.839  -10.547 3.822   1.00 33.23  ? 1662 PHE A CB    1 
ATOM   388  C CG    . PHE A 1 53 ? -5.780  -9.908  4.815   1.00 28.74  ? 1662 PHE A CG    1 
ATOM   389  C CD1   . PHE A 1 53 ? -5.948  -8.541  4.869   1.00 30.19  ? 1662 PHE A CD1   1 
ATOM   390  C CD2   . PHE A 1 53 ? -6.459  -10.687 5.744   1.00 35.22  ? 1662 PHE A CD2   1 
ATOM   391  C CE1   . PHE A 1 53 ? -6.760  -7.957  5.828   1.00 33.11  ? 1662 PHE A CE1   1 
ATOM   392  C CE2   . PHE A 1 53 ? -7.279  -10.104 6.702   1.00 33.42  ? 1662 PHE A CE2   1 
ATOM   393  C CZ    . PHE A 1 53 ? -7.429  -8.740  6.745   1.00 38.83  ? 1662 PHE A CZ    1 
ATOM   394  N N     . THR A 1 54 ? -3.865  -11.432 0.736   1.00 32.73  ? 1663 THR A N     1 
ATOM   395  C CA    . THR A 1 54 ? -2.804  -12.033 -0.119  1.00 34.12  ? 1663 THR A CA    1 
ATOM   396  C C     . THR A 1 54 ? -2.523  -11.146 -1.350  1.00 37.78  ? 1663 THR A C     1 
ATOM   397  O O     . THR A 1 54 ? -1.401  -11.255 -1.865  1.00 43.08  ? 1663 THR A O     1 
ATOM   398  C CB    . THR A 1 54 ? -3.141  -13.476 -0.484  1.00 40.26  ? 1663 THR A CB    1 
ATOM   399  O OG1   . THR A 1 54 ? -4.170  -13.474 -1.476  1.00 47.44  ? 1663 THR A OG1   1 
ATOM   400  C CG2   . THR A 1 54 ? -3.579  -14.274 0.735   1.00 39.03  ? 1663 THR A CG2   1 
ATOM   401  N N     . THR A 1 55 ? -3.445  -10.266 -1.761  1.00 36.27  ? 1664 THR A N     1 
ATOM   402  C CA    . THR A 1 55 ? -3.211  -9.237  -2.843  1.00 36.17  ? 1664 THR A CA    1 
ATOM   403  C C     . THR A 1 55 ? -3.266  -7.781  -2.299  1.00 34.09  ? 1664 THR A C     1 
ATOM   404  O O     . THR A 1 55 ? -2.917  -6.855  -3.060  1.00 32.90  ? 1664 THR A O     1 
ATOM   405  C CB    . THR A 1 55 ? -4.212  -9.375  -4.002  1.00 37.31  ? 1664 THR A CB    1 
ATOM   406  O OG1   . THR A 1 55 ? -5.505  -9.568  -3.482  1.00 35.88  ? 1664 THR A OG1   1 
ATOM   407  C CG2   . THR A 1 55 ? -3.914  -10.530 -4.927  1.00 47.28  ? 1664 THR A CG2   1 
ATOM   408  N N     . MET A 1 56 ? -3.649  -7.588  -1.040  1.00 34.44  ? 1665 MET A N     1 
ATOM   409  C CA    . MET A 1 56 ? -3.744  -6.260  -0.375  1.00 36.16  ? 1665 MET A CA    1 
ATOM   410  C C     . MET A 1 56 ? -4.575  -5.317  -1.260  1.00 32.91  ? 1665 MET A C     1 
ATOM   411  O O     . MET A 1 56 ? -4.130  -4.177  -1.550  1.00 34.37  ? 1665 MET A O     1 
ATOM   412  C CB    . MET A 1 56 ? -2.356  -5.675  -0.075  1.00 32.11  ? 1665 MET A CB    1 
ATOM   413  C CG    . MET A 1 56 ? -1.567  -6.476  0.976   1.00 41.00  ? 1665 MET A CG    1 
ATOM   414  S SD    . MET A 1 56 ? -2.341  -6.519  2.645   1.00 37.12  ? 1665 MET A SD    1 
ATOM   415  C CE    . MET A 1 56 ? -2.020  -4.827  3.135   1.00 37.40  ? 1665 MET A CE    1 
ATOM   416  N N     . VAL A 1 57 ? -5.803  -5.731  -1.554  1.00 34.69  ? 1666 VAL A N     1 
ATOM   417  C CA    . VAL A 1 57 ? -6.798  -4.916  -2.286  1.00 33.58  ? 1666 VAL A CA    1 
ATOM   418  C C     . VAL A 1 57 ? -8.156  -5.078  -1.639  1.00 33.53  ? 1666 VAL A C     1 
ATOM   419  O O     . VAL A 1 57 ? -8.428  -6.153  -1.025  1.00 37.75  ? 1666 VAL A O     1 
ATOM   420  C CB    . VAL A 1 57 ? -6.851  -5.280  -3.777  1.00 35.86  ? 1666 VAL A CB    1 
ATOM   421  C CG1   . VAL A 1 57 ? -5.529  -5.027  -4.452  1.00 37.89  ? 1666 VAL A CG1   1 
ATOM   422  C CG2   . VAL A 1 57 ? -7.283  -6.715  -3.994  1.00 42.46  ? 1666 VAL A CG2   1 
ATOM   423  N N     . GLN A 1 58 ? -8.990  -4.057  -1.827  1.00 32.13  ? 1667 GLN A N     1 
ATOM   424  C CA    . GLN A 1 58 ? -10.416 -4.018  -1.486  1.00 30.65  ? 1667 GLN A CA    1 
ATOM   425  C C     . GLN A 1 58 ? -11.240 -4.201  -2.779  1.00 39.83  ? 1667 GLN A C     1 
ATOM   426  O O     . GLN A 1 58 ? -10.994 -3.479  -3.796  1.00 37.97  ? 1667 GLN A O     1 
ATOM   427  C CB    . GLN A 1 58 ? -10.682 -2.724  -0.753  1.00 36.82  ? 1667 GLN A CB    1 
ATOM   428  C CG    . GLN A 1 58 ? -12.134 -2.458  -0.473  1.00 37.70  ? 1667 GLN A CG    1 
ATOM   429  C CD    . GLN A 1 58 ? -12.338 -0.992  -0.240  1.00 43.54  ? 1667 GLN A CD    1 
ATOM   430  O OE1   . GLN A 1 58 ? -12.153 -0.498  0.879   1.00 41.15  ? 1667 GLN A OE1   1 
ATOM   431  N NE2   . GLN A 1 58 ? -12.671 -0.286  -1.320  1.00 41.97  ? 1667 GLN A NE2   1 
ATOM   432  N N     . VAL A 1 59 ? -12.094 -5.214  -2.779  1.00 41.26  ? 1668 VAL A N     1 
ATOM   433  C CA    . VAL A 1 59 ? -12.959 -5.624  -3.924  1.00 44.71  ? 1668 VAL A CA    1 
ATOM   434  C C     . VAL A 1 59 ? -14.379 -5.104  -3.654  1.00 40.73  ? 1668 VAL A C     1 
ATOM   435  O O     . VAL A 1 59 ? -14.953 -5.436  -2.592  1.00 42.93  ? 1668 VAL A O     1 
ATOM   436  C CB    . VAL A 1 59 ? -12.932 -7.159  -4.107  1.00 47.59  ? 1668 VAL A CB    1 
ATOM   437  C CG1   . VAL A 1 59 ? -13.942 -7.640  -5.147  1.00 49.16  ? 1668 VAL A CG1   1 
ATOM   438  C CG2   . VAL A 1 59 ? -11.530 -7.689  -4.448  1.00 40.44  ? 1668 VAL A CG2   1 
ATOM   439  N N     . ASN A 1 60 ? -14.907 -4.279  -4.544  1.00 42.31  ? 1669 ASN A N     1 
ATOM   440  C CA    . ASN A 1 60 ? -16.363 -4.001  -4.619  1.00 43.54  ? 1669 ASN A CA    1 
ATOM   441  C C     . ASN A 1 60 ? -17.038 -5.279  -5.089  1.00 42.71  ? 1669 ASN A C     1 
ATOM   442  O O     . ASN A 1 60 ? -16.577 -5.834  -6.104  1.00 47.62  ? 1669 ASN A O     1 
ATOM   443  C CB    . ASN A 1 60 ? -16.702 -2.826  -5.533  1.00 53.79  ? 1669 ASN A CB    1 
ATOM   444  C CG    . ASN A 1 60 ? -18.192 -2.568  -5.577  1.00 56.22  ? 1669 ASN A CG    1 
ATOM   445  O OD1   . ASN A 1 60 ? -18.956 -3.417  -6.038  1.00 62.29  ? 1669 ASN A OD1   1 
ATOM   446  N ND2   . ASN A 1 60 ? -18.619 -1.436  -5.037  1.00 59.85  ? 1669 ASN A ND2   1 
ATOM   447  N N     . GLU A 1 61 ? -18.012 -5.779  -4.321  1.00 45.37  ? 1670 GLU A N     1 
ATOM   448  C CA    . GLU A 1 61 ? -18.613 -7.126  -4.530  1.00 45.72  ? 1670 GLU A CA    1 
ATOM   449  C C     . GLU A 1 61 ? -19.592 -7.079  -5.715  1.00 46.95  ? 1670 GLU A C     1 
ATOM   450  O O     . GLU A 1 61 ? -19.727 -8.110  -6.385  1.00 51.38  ? 1670 GLU A O     1 
ATOM   451  C CB    . GLU A 1 61 ? -19.245 -7.641  -3.233  1.00 46.00  ? 1670 GLU A CB    1 
ATOM   452  C CG    . GLU A 1 61 ? -18.236 -8.412  -2.373  1.00 50.85  ? 1670 GLU A CG    1 
ATOM   453  C CD    . GLU A 1 61 ? -18.638 -8.660  -0.936  1.00 54.02  ? 1670 GLU A CD    1 
ATOM   454  O OE1   . GLU A 1 61 ? -19.851 -8.754  -0.667  1.00 67.76  ? 1670 GLU A OE1   1 
ATOM   455  O OE2   . GLU A 1 61 ? -17.743 -8.779  -0.090  1.00 64.99  ? 1670 GLU A OE2   1 
ATOM   456  N N     . GLU A 1 62 ? -20.107 -5.899  -6.062  1.00 44.32  ? 1671 GLU A N     1 
ATOM   457  C CA    . GLU A 1 62 ? -20.976 -5.690  -7.264  1.00 56.42  ? 1671 GLU A CA    1 
ATOM   458  C C     . GLU A 1 62 ? -20.118 -5.707  -8.563  1.00 53.17  ? 1671 GLU A C     1 
ATOM   459  O O     . GLU A 1 62 ? -20.543 -6.354  -9.526  1.00 50.84  ? 1671 GLU A O     1 
ATOM   460  C CB    . GLU A 1 62 ? -21.792 -4.386  -7.127  1.00 48.63  ? 1671 GLU A CB    1 
ATOM   461  C CG    . GLU A 1 62 ? -22.755 -4.390  -5.949  1.00 46.68  ? 1671 GLU A CG    1 
ATOM   462  N N     . THR A 1 63 ? -18.981 -4.980  -8.600  1.00 58.10  ? 1672 THR A N     1 
ATOM   463  C CA    . THR A 1 63 ? -18.310 -4.502  -9.856  1.00 56.02  ? 1672 THR A CA    1 
ATOM   464  C C     . THR A 1 63 ? -17.010 -5.289  -10.129 1.00 62.82  ? 1672 THR A C     1 
ATOM   465  O O     . THR A 1 63 ? -16.601 -5.384  -11.332 1.00 57.52  ? 1672 THR A O     1 
ATOM   466  C CB    . THR A 1 63 ? -18.074 -2.984  -9.797  1.00 55.48  ? 1672 THR A CB    1 
ATOM   467  O OG1   . THR A 1 63 ? -17.104 -2.679  -8.792  1.00 58.87  ? 1672 THR A OG1   1 
ATOM   468  C CG2   . THR A 1 63 ? -19.344 -2.217  -9.491  1.00 56.02  ? 1672 THR A CG2   1 
ATOM   469  N N     . GLY A 1 64 ? -16.366 -5.823  -9.084  1.00 51.39  ? 1673 GLY A N     1 
ATOM   470  C CA    . GLY A 1 64 ? -15.017 -6.400  -9.194  1.00 47.41  ? 1673 GLY A CA    1 
ATOM   471  C C     . GLY A 1 64 ? -13.932 -5.338  -9.064  1.00 46.52  ? 1673 GLY A C     1 
ATOM   472  O O     . GLY A 1 64 ? -12.764 -5.738  -8.983  1.00 47.08  ? 1673 GLY A O     1 
ATOM   473  N N     . ASN A 1 65 ? -14.310 -4.047  -8.926  1.00 45.17  ? 1674 ASN A N     1 
ATOM   474  C CA    . ASN A 1 65 ? -13.361 -2.898  -8.885  1.00 43.22  ? 1674 ASN A CA    1 
ATOM   475  C C     . ASN A 1 65 ? -12.384 -3.081  -7.706  1.00 43.52  ? 1674 ASN A C     1 
ATOM   476  O O     . ASN A 1 65 ? -12.833 -3.299  -6.583  1.00 39.21  ? 1674 ASN A O     1 
ATOM   477  C CB    . ASN A 1 65 ? -14.072 -1.536  -8.784  1.00 48.50  ? 1674 ASN A CB    1 
ATOM   478  C CG    . ASN A 1 65 ? -13.118 -0.388  -9.086  1.00 54.89  ? 1674 ASN A CG    1 
ATOM   479  O OD1   . ASN A 1 65 ? -12.280 -0.524  -9.975  1.00 53.63  ? 1674 ASN A OD1   1 
ATOM   480  N ND2   . ASN A 1 65 ? -13.181 0.710   -8.319  1.00 38.71  ? 1674 ASN A ND2   1 
ATOM   481  N N     . ARG A 1 66 ? -11.088 -2.986  -7.967  1.00 42.77  ? 1675 ARG A N     1 
ATOM   482  C CA    . ARG A 1 66 ? -10.022 -3.273  -6.972  1.00 45.44  ? 1675 ARG A CA    1 
ATOM   483  C C     . ARG A 1 66 ? -9.365  -1.948  -6.557  1.00 46.43  ? 1675 ARG A C     1 
ATOM   484  O O     . ARG A 1 66 ? -8.937  -1.230  -7.454  1.00 40.20  ? 1675 ARG A O     1 
ATOM   485  C CB    . ARG A 1 66 ? -9.031  -4.272  -7.588  1.00 39.71  ? 1675 ARG A CB    1 
ATOM   486  C CG    . ARG A 1 66 ? -9.674  -5.597  -7.989  1.00 43.76  ? 1675 ARG A CG    1 
ATOM   487  C CD    . ARG A 1 66 ? -8.873  -6.436  -8.970  1.00 43.81  ? 1675 ARG A CD    1 
ATOM   488  N NE    . ARG A 1 66 ? -7.648  -7.010  -8.406  1.00 47.93  ? 1675 ARG A NE    1 
ATOM   489  C CZ    . ARG A 1 66 ? -7.559  -8.105  -7.619  1.00 49.37  ? 1675 ARG A CZ    1 
ATOM   490  N NH1   . ARG A 1 66 ? -8.636  -8.775  -7.235  1.00 44.32  ? 1675 ARG A NH1   1 
ATOM   491  N NH2   . ARG A 1 66 ? -6.360  -8.524  -7.227  1.00 54.91  ? 1675 ARG A NH2   1 
ATOM   492  N N     . ARG A 1 67 ? -9.357  -1.626  -5.251  1.00 41.56  ? 1676 ARG A N     1 
ATOM   493  C CA    . ARG A 1 67 ? -8.623  -0.470  -4.646  1.00 45.91  ? 1676 ARG A CA    1 
ATOM   494  C C     . ARG A 1 67 ? -7.551  -0.975  -3.670  1.00 40.25  ? 1676 ARG A C     1 
ATOM   495  O O     . ARG A 1 67 ? -7.758  -1.933  -2.957  1.00 39.41  ? 1676 ARG A O     1 
ATOM   496  C CB    . ARG A 1 67 ? -9.608  0.473   -3.955  1.00 42.21  ? 1676 ARG A CB    1 
ATOM   497  C CG    . ARG A 1 67 ? -10.595 1.094   -4.927  1.00 52.63  ? 1676 ARG A CG    1 
ATOM   498  C CD    . ARG A 1 67 ? -11.380 2.264   -4.369  1.00 50.49  ? 1676 ARG A CD    1 
ATOM   499  N NE    . ARG A 1 67 ? -12.388 2.630   -5.364  1.00 65.20  ? 1676 ARG A NE    1 
ATOM   500  C CZ    . ARG A 1 67 ? -12.266 3.611   -6.279  1.00 67.56  ? 1676 ARG A CZ    1 
ATOM   501  N NH1   . ARG A 1 67 ? -11.195 4.388   -6.307  1.00 64.81  ? 1676 ARG A NH1   1 
ATOM   502  N NH2   . ARG A 1 67 ? -13.239 3.822   -7.153  1.00 63.33  ? 1676 ARG A NH2   1 
ATOM   503  N N     . PRO A 1 68 ? -6.361  -0.355  -3.642  1.00 35.62  ? 1677 PRO A N     1 
ATOM   504  C CA    . PRO A 1 68 ? -5.278  -0.840  -2.814  1.00 35.41  ? 1677 PRO A CA    1 
ATOM   505  C C     . PRO A 1 68 ? -5.520  -0.498  -1.346  1.00 34.46  ? 1677 PRO A C     1 
ATOM   506  O O     . PRO A 1 68 ? -6.219  0.470   -1.072  1.00 27.41  ? 1677 PRO A O     1 
ATOM   507  C CB    . PRO A 1 68 ? -4.038  -0.138  -3.335  1.00 35.30  ? 1677 PRO A CB    1 
ATOM   508  C CG    . PRO A 1 68 ? -4.540  1.085   -4.050  1.00 34.71  ? 1677 PRO A CG    1 
ATOM   509  C CD    . PRO A 1 68 ? -5.986  0.829   -4.430  1.00 39.25  ? 1677 PRO A CD    1 
ATOM   510  N N     . VAL A 1 69 ? -5.025  -1.346  -0.466  1.00 27.54  ? 1678 VAL A N     1 
ATOM   511  C CA    . VAL A 1 69 ? -5.115  -1.164  1.003   1.00 32.41  ? 1678 VAL A CA    1 
ATOM   512  C C     . VAL A 1 69 ? -3.685  -1.233  1.546   1.00 31.10  ? 1678 VAL A C     1 
ATOM   513  O O     . VAL A 1 69 ? -2.818  -1.825  0.892   1.00 32.70  ? 1678 VAL A O     1 
ATOM   514  C CB    . VAL A 1 69 ? -6.029  -2.199  1.699   1.00 34.68  ? 1678 VAL A CB    1 
ATOM   515  C CG1   . VAL A 1 69 ? -7.457  -2.181  1.190   1.00 40.02  ? 1678 VAL A CG1   1 
ATOM   516  C CG2   . VAL A 1 69 ? -5.464  -3.602  1.615   1.00 39.31  ? 1678 VAL A CG2   1 
ATOM   517  N N     . MET A 1 70 ? -3.471  -0.682  2.715   1.00 32.17  ? 1679 MET A N     1 
ATOM   518  C CA    . MET A 1 70 ? -2.168  -0.747  3.411   1.00 36.30  ? 1679 MET A CA    1 
ATOM   519  C C     . MET A 1 70 ? -2.385  -0.889  4.920   1.00 37.03  ? 1679 MET A C     1 
ATOM   520  O O     . MET A 1 70 ? -3.399  -0.372  5.475   1.00 38.72  ? 1679 MET A O     1 
ATOM   521  C CB    . MET A 1 70 ? -1.264  0.461   3.105   1.00 34.39  ? 1679 MET A CB    1 
ATOM   522  C CG    . MET A 1 70 ? -1.630  1.760   3.830   1.00 43.93  ? 1679 MET A CG    1 
ATOM   523  S SD    . MET A 1 70 ? -0.277  3.015   3.775   1.00 45.11  ? 1679 MET A SD    1 
ATOM   524  C CE    . MET A 1 70 ? 0.881   2.308   4.932   1.00 50.08  ? 1679 MET A CE    1 
ATOM   525  N N     . LEU A 1 71 ? -1.395  -1.472  5.555   1.00 38.02  ? 1680 LEU A N     1 
ATOM   526  C CA    . LEU A 1 71 ? -1.293  -1.632  7.011   1.00 41.61  ? 1680 LEU A CA    1 
ATOM   527  C C     . LEU A 1 71 ? -0.209  -0.662  7.480   1.00 40.13  ? 1680 LEU A C     1 
ATOM   528  O O     . LEU A 1 71 ? 0.877   -0.748  6.995   1.00 44.09  ? 1680 LEU A O     1 
ATOM   529  C CB    . LEU A 1 71 ? -0.938  -3.098  7.294   1.00 40.68  ? 1680 LEU A CB    1 
ATOM   530  C CG    . LEU A 1 71 ? -0.638  -3.463  8.732   1.00 48.49  ? 1680 LEU A CG    1 
ATOM   531  C CD1   . LEU A 1 71 ? -1.737  -2.979  9.668   1.00 55.98  ? 1680 LEU A CD1   1 
ATOM   532  C CD2   . LEU A 1 71 ? -0.448  -4.950  8.865   1.00 48.14  ? 1680 LEU A CD2   1 
ATOM   533  N N     . THR A 1 72 ? -0.527  0.229   8.392   1.00 43.66  ? 1681 THR A N     1 
ATOM   534  C CA    . THR A 1 72 ? 0.486   0.998   9.133   1.00 45.37  ? 1681 THR A CA    1 
ATOM   535  C C     . THR A 1 72 ? 0.522   0.462   10.577  1.00 48.34  ? 1681 THR A C     1 
ATOM   536  O O     . THR A 1 72 ? -0.546  0.374   11.239  1.00 48.25  ? 1681 THR A O     1 
ATOM   537  C CB    . THR A 1 72 ? 0.231   2.499   8.932   1.00 51.17  ? 1681 THR A CB    1 
ATOM   538  O OG1   . THR A 1 72 ? 1.327   3.229   9.489   1.00 60.44  ? 1681 THR A OG1   1 
ATOM   539  C CG2   . THR A 1 72 ? -1.064  2.961   9.537   1.00 56.77  ? 1681 THR A CG2   1 
ATOM   540  N N     . LEU A 1 73 ? 1.703   0.075   11.029  1.00 50.63  ? 1682 LEU A N     1 
ATOM   541  C CA    . LEU A 1 73 ? 1.955   -0.387  12.412  1.00 52.44  ? 1682 LEU A CA    1 
ATOM   542  C C     . LEU A 1 73 ? 1.973   0.819   13.378  1.00 49.65  ? 1682 LEU A C     1 
ATOM   543  O O     . LEU A 1 73 ? 2.846   1.721   13.221  1.00 49.06  ? 1682 LEU A O     1 
ATOM   544  C CB    . LEU A 1 73 ? 3.272   -1.157  12.415  1.00 50.14  ? 1682 LEU A CB    1 
ATOM   545  C CG    . LEU A 1 73 ? 3.291   -2.374  11.502  1.00 50.56  ? 1682 LEU A CG    1 
ATOM   546  C CD1   . LEU A 1 73 ? 4.703   -2.871  11.298  1.00 53.94  ? 1682 LEU A CD1   1 
ATOM   547  C CD2   . LEU A 1 73 ? 2.411   -3.470  12.058  1.00 53.28  ? 1682 LEU A CD2   1 
ATOM   548  N N     . LEU A 1 74 ? 1.029   0.833   14.321  1.00 46.66  ? 1683 LEU A N     1 
ATOM   549  C CA    . LEU A 1 74 ? 0.904   1.838   15.421  1.00 62.93  ? 1683 LEU A CA    1 
ATOM   550  C C     . LEU A 1 74 ? 2.230   1.953   16.229  1.00 64.22  ? 1683 LEU A C     1 
ATOM   551  O O     . LEU A 1 74 ? 2.543   3.074   16.667  1.00 61.59  ? 1683 LEU A O     1 
ATOM   552  C CB    . LEU A 1 74 ? -0.273  1.414   16.316  1.00 62.25  ? 1683 LEU A CB    1 
ATOM   553  N N     . ARG A 1 75 ? 3.001   0.852   16.387  1.00 53.87  ? 1684 ARG A N     1 
ATOM   554  C CA    . ARG A 1 75 ? 4.119   0.740   17.380  1.00 48.54  ? 1684 ARG A CA    1 
ATOM   555  C C     . ARG A 1 75 ? 5.071   -0.417  16.987  1.00 41.53  ? 1684 ARG A C     1 
ATOM   556  O O     . ARG A 1 75 ? 4.578   -1.523  16.840  1.00 44.24  ? 1684 ARG A O     1 
ATOM   557  C CB    . ARG A 1 75 ? 3.504   0.515   18.773  1.00 42.47  ? 1684 ARG A CB    1 
ATOM   558  C CG    . ARG A 1 75 ? 4.460   0.754   19.933  1.00 46.64  ? 1684 ARG A CG    1 
ATOM   559  C CD    . ARG A 1 75 ? 3.874   0.420   21.311  1.00 40.75  ? 1684 ARG A CD    1 
ATOM   560  N NE    . ARG A 1 75 ? 4.896   0.627   22.320  1.00 45.84  ? 1684 ARG A NE    1 
ATOM   561  C CZ    . ARG A 1 75 ? 4.721   0.497   23.638  1.00 43.71  ? 1684 ARG A CZ    1 
ATOM   562  N NH1   . ARG A 1 75 ? 3.522   0.222   24.141  1.00 43.95  ? 1684 ARG A NH1   1 
ATOM   563  N NH2   . ARG A 1 75 ? 5.739   0.706   24.447  1.00 41.06  ? 1684 ARG A NH2   1 
ATOM   564  N N     . VAL A 1 76 ? 6.386   -0.166  16.887  1.00 42.52  ? 1685 VAL A N     1 
ATOM   565  C CA    . VAL A 1 76 ? 7.451   -1.207  16.686  1.00 51.64  ? 1685 VAL A CA    1 
ATOM   566  C C     . VAL A 1 76 ? 8.385   -1.235  17.883  1.00 51.06  ? 1685 VAL A C     1 
ATOM   567  O O     . VAL A 1 76 ? 8.626   -0.200  18.492  1.00 52.96  ? 1685 VAL A O     1 
ATOM   568  C CB    . VAL A 1 76 ? 8.282   -0.951  15.422  1.00 48.63  ? 1685 VAL A CB    1 
ATOM   569  C CG1   . VAL A 1 76 ? 7.596   -1.502  14.187  1.00 50.30  ? 1685 VAL A CG1   1 
ATOM   570  C CG2   . VAL A 1 76 ? 8.601   0.527   15.279  1.00 51.05  ? 1685 VAL A CG2   1 
ATOM   571  N N     . PRO A 1 77 ? 9.049   -2.392  18.154  1.00 54.90  ? 1686 PRO A N     1 
ATOM   572  C CA    . PRO A 1 77 ? 10.094  -2.463  19.175  1.00 53.68  ? 1686 PRO A CA    1 
ATOM   573  C C     . PRO A 1 77 ? 11.213  -1.484  18.819  1.00 52.75  ? 1686 PRO A C     1 
ATOM   574  O O     . PRO A 1 77 ? 11.498  -1.373  17.669  1.00 52.27  ? 1686 PRO A O     1 
ATOM   575  C CB    . PRO A 1 77 ? 10.598  -3.917  19.125  1.00 55.69  ? 1686 PRO A CB    1 
ATOM   576  C CG    . PRO A 1 77 ? 9.473   -4.692  18.420  1.00 52.97  ? 1686 PRO A CG    1 
ATOM   577  C CD    . PRO A 1 77 ? 8.821   -3.689  17.490  1.00 51.52  ? 1686 PRO A CD    1 
ATOM   578  N N     . ARG A 1 78 ? 11.759  -0.782  19.814  1.00 53.76  ? 1687 ARG A N     1 
ATOM   579  C CA    . ARG A 1 78 ? 12.889  0.172   19.655  1.00 55.84  ? 1687 ARG A CA    1 
ATOM   580  C C     . ARG A 1 78 ? 13.810  0.065   20.882  1.00 57.51  ? 1687 ARG A C     1 
ATOM   581  O O     . ARG A 1 78 ? 13.301  0.179   22.018  1.00 62.94  ? 1687 ARG A O     1 
ATOM   582  C CB    . ARG A 1 78 ? 12.357  1.595   19.439  1.00 56.20  ? 1687 ARG A CB    1 
ATOM   583  C CG    . ARG A 1 78 ? 12.268  2.006   17.972  1.00 61.72  ? 1687 ARG A CG    1 
ATOM   584  N N     . LEU A 1 79 ? 15.103  -0.180  20.645  1.00 63.64  ? 1688 LEU A N     1 
ATOM   585  C CA    . LEU A 1 79 ? 16.171  -0.376  21.673  1.00 66.70  ? 1688 LEU A CA    1 
ATOM   586  C C     . LEU A 1 79 ? 15.746  -1.471  22.660  1.00 67.30  ? 1688 LEU A C     1 
ATOM   587  O O     . LEU A 1 79 ? 15.659  -2.674  22.343  1.00 64.48  ? 1688 LEU A O     1 
ATOM   588  C CB    . LEU A 1 79 ? 16.439  0.966   22.381  1.00 69.74  ? 1688 LEU A CB    1 
ATOM   589  C CG    . LEU A 1 79 ? 16.585  2.188   21.465  1.00 72.03  ? 1688 LEU A CG    1 
ATOM   590  C CD1   . LEU A 1 79 ? 17.001  3.429   22.257  1.00 76.63  ? 1688 LEU A CD1   1 
ATOM   591  C CD2   . LEU A 1 79 ? 17.580  1.917   20.340  1.00 73.34  ? 1688 LEU A CD2   1 
ATOM   592  N N     . ASN B 1 4  ? 20.052  -7.577  -2.868  1.00 75.27  ? 1613 ASN B N     1 
ATOM   593  C CA    . ASN B 1 4  ? 19.680  -7.638  -1.423  1.00 71.97  ? 1613 ASN B CA    1 
ATOM   594  C C     . ASN B 1 4  ? 19.248  -6.239  -0.943  1.00 82.79  ? 1613 ASN B C     1 
ATOM   595  O O     . ASN B 1 4  ? 20.068  -5.555  -0.288  1.00 96.36  ? 1613 ASN B O     1 
ATOM   596  C CB    . ASN B 1 4  ? 20.848  -8.184  -0.594  1.00 69.99  ? 1613 ASN B CB    1 
ATOM   597  N N     . SER B 1 5  ? 18.002  -5.847  -1.258  1.00 78.57  ? 1614 SER B N     1 
ATOM   598  C CA    . SER B 1 5  ? 17.298  -4.630  -0.753  1.00 68.19  ? 1614 SER B CA    1 
ATOM   599  C C     . SER B 1 5  ? 15.815  -4.959  -0.512  1.00 59.57  ? 1614 SER B C     1 
ATOM   600  O O     . SER B 1 5  ? 15.376  -6.035  -0.960  1.00 68.07  ? 1614 SER B O     1 
ATOM   601  C CB    . SER B 1 5  ? 17.456  -3.453  -1.718  1.00 73.27  ? 1614 SER B CB    1 
ATOM   602  O OG    . SER B 1 5  ? 17.264  -3.855  -3.069  1.00 60.68  ? 1614 SER B OG    1 
ATOM   603  N N     . ASN B 1 6  ? 15.077  -4.061  0.155   1.00 56.95  ? 1615 ASN B N     1 
ATOM   604  C CA    . ASN B 1 6  ? 13.593  -4.159  0.363   1.00 54.89  ? 1615 ASN B CA    1 
ATOM   605  C C     . ASN B 1 6  ? 12.872  -4.105  -1.001  1.00 50.05  ? 1615 ASN B C     1 
ATOM   606  O O     . ASN B 1 6  ? 13.400  -3.442  -1.949  1.00 47.97  ? 1615 ASN B O     1 
ATOM   607  C CB    . ASN B 1 6  ? 13.059  -3.052  1.276   1.00 49.35  ? 1615 ASN B CB    1 
ATOM   608  C CG    . ASN B 1 6  ? 13.845  -2.877  2.564   1.00 61.89  ? 1615 ASN B CG    1 
ATOM   609  O OD1   . ASN B 1 6  ? 14.051  -3.842  3.300   1.00 75.35  ? 1615 ASN B OD1   1 
ATOM   610  N ND2   . ASN B 1 6  ? 14.252  -1.646  2.870   1.00 51.63  ? 1615 ASN B ND2   1 
ATOM   611  N N     A ASN B 1 7  ? 11.733  -4.792  -1.136  0.50 49.09  ? 1616 ASN B N     1 
ATOM   612  N N     B ASN B 1 7  ? 11.726  -4.799  -1.100  0.50 48.99  ? 1616 ASN B N     1 
ATOM   613  C CA    A ASN B 1 7  ? 10.919  -4.761  -2.378  0.50 44.01  ? 1616 ASN B CA    1 
ATOM   614  C CA    B ASN B 1 7  ? 10.822  -4.795  -2.279  0.50 43.78  ? 1616 ASN B CA    1 
ATOM   615  C C     A ASN B 1 7  ? 9.797   -3.727  -2.183  0.50 42.59  ? 1616 ASN B C     1 
ATOM   616  C C     B ASN B 1 7  ? 9.799   -3.666  -2.095  0.50 42.10  ? 1616 ASN B C     1 
ATOM   617  O O     A ASN B 1 7  ? 8.962   -3.894  -1.276  0.50 39.27  ? 1616 ASN B O     1 
ATOM   618  O O     B ASN B 1 7  ? 8.978   -3.738  -1.154  0.50 38.22  ? 1616 ASN B O     1 
ATOM   619  C CB    A ASN B 1 7  ? 10.456  -6.157  -2.809  0.50 44.40  ? 1616 ASN B CB    1 
ATOM   620  C CB    B ASN B 1 7  ? 10.133  -6.150  -2.495  0.50 44.43  ? 1616 ASN B CB    1 
ATOM   621  C CG    A ASN B 1 7  ? 11.553  -6.935  -3.515  0.50 49.27  ? 1616 ASN B CG    1 
ATOM   622  C CG    B ASN B 1 7  ? 9.270   -6.180  -3.742  0.50 45.79  ? 1616 ASN B CG    1 
ATOM   623  O OD1   A ASN B 1 7  ? 12.318  -7.648  -2.873  0.50 46.56  ? 1616 ASN B OD1   1 
ATOM   624  O OD1   B ASN B 1 7  ? 8.073   -6.470  -3.681  0.50 49.18  ? 1616 ASN B OD1   1 
ATOM   625  N ND2   A ASN B 1 7  ? 11.676  -6.766  -4.825  0.50 41.82  ? 1616 ASN B ND2   1 
ATOM   626  N ND2   B ASN B 1 7  ? 9.854   -5.825  -4.872  0.50 48.94  ? 1616 ASN B ND2   1 
ATOM   627  N N     . TRP B 1 8  ? 9.910   -2.625  -2.915  1.00 39.71  ? 1617 TRP B N     1 
ATOM   628  C CA    . TRP B 1 8  ? 8.880   -1.587  -3.080  1.00 38.92  ? 1617 TRP B CA    1 
ATOM   629  C C     . TRP B 1 8  ? 7.938   -1.987  -4.214  1.00 34.61  ? 1617 TRP B C     1 
ATOM   630  O O     . TRP B 1 8  ? 8.384   -2.653  -5.112  1.00 44.21  ? 1617 TRP B O     1 
ATOM   631  C CB    . TRP B 1 8  ? 9.587   -0.269  -3.364  1.00 41.91  ? 1617 TRP B CB    1 
ATOM   632  C CG    . TRP B 1 8  ? 10.324  0.217   -2.168  1.00 41.27  ? 1617 TRP B CG    1 
ATOM   633  C CD1   . TRP B 1 8  ? 11.567  -0.157  -1.746  1.00 45.11  ? 1617 TRP B CD1   1 
ATOM   634  C CD2   . TRP B 1 8  ? 9.794   1.069   -1.148  1.00 36.93  ? 1617 TRP B CD2   1 
ATOM   635  N NE1   . TRP B 1 8  ? 11.860  0.456   -0.559  1.00 37.66  ? 1617 TRP B NE1   1 
ATOM   636  C CE2   . TRP B 1 8  ? 10.782  1.189   -0.153  1.00 39.36  ? 1617 TRP B CE2   1 
ATOM   637  C CE3   . TRP B 1 8  ? 8.593   1.753   -0.994  1.00 32.48  ? 1617 TRP B CE3   1 
ATOM   638  C CZ2   . TRP B 1 8  ? 10.617  2.002   0.963   1.00 39.80  ? 1617 TRP B CZ2   1 
ATOM   639  C CZ3   . TRP B 1 8  ? 8.432   2.558   0.106   1.00 35.87  ? 1617 TRP B CZ3   1 
ATOM   640  C CH2   . TRP B 1 8  ? 9.420   2.661   1.082   1.00 36.47  ? 1617 TRP B CH2   1 
ATOM   641  N N     . ARG B 1 9  ? 6.679   -1.590  -4.136  1.00 36.81  ? 1618 ARG B N     1 
ATOM   642  C CA    . ARG B 1 9  ? 5.658   -1.846  -5.180  1.00 36.01  ? 1618 ARG B CA    1 
ATOM   643  C C     . ARG B 1 9  ? 4.858   -0.567  -5.393  1.00 31.55  ? 1618 ARG B C     1 
ATOM   644  O O     . ARG B 1 9  ? 4.718   0.217   -4.420  1.00 27.43  ? 1618 ARG B O     1 
ATOM   645  C CB    . ARG B 1 9  ? 4.737   -2.994  -4.754  1.00 39.40  ? 1618 ARG B CB    1 
ATOM   646  C CG    . ARG B 1 9  ? 5.465   -4.226  -4.218  1.00 46.36  ? 1618 ARG B CG    1 
ATOM   647  C CD    . ARG B 1 9  ? 5.635   -5.315  -5.264  1.00 50.07  ? 1618 ARG B CD    1 
ATOM   648  N N     . TRP B 1 10 ? 4.304   -0.394  -6.594  1.00 30.24  ? 1619 TRP B N     1 
ATOM   649  C CA    . TRP B 1 10 ? 3.364   0.696   -6.928  1.00 29.75  ? 1619 TRP B CA    1 
ATOM   650  C C     . TRP B 1 10 ? 2.085   0.039   -7.433  1.00 32.86  ? 1619 TRP B C     1 
ATOM   651  O O     . TRP B 1 10 ? 2.199   -1.102  -7.961  1.00 30.43  ? 1619 TRP B O     1 
ATOM   652  C CB    . TRP B 1 10 ? 4.010   1.667   -7.941  1.00 31.31  ? 1619 TRP B CB    1 
ATOM   653  C CG    . TRP B 1 10 ? 4.435   1.015   -9.205  1.00 31.71  ? 1619 TRP B CG    1 
ATOM   654  C CD1   . TRP B 1 10 ? 5.546   0.251   -9.388  1.00 34.47  ? 1619 TRP B CD1   1 
ATOM   655  C CD2   . TRP B 1 10 ? 3.664   0.894   -10.418 1.00 30.51  ? 1619 TRP B CD2   1 
ATOM   656  N NE1   . TRP B 1 10 ? 5.548   -0.286  -10.649 1.00 34.06  ? 1619 TRP B NE1   1 
ATOM   657  C CE2   . TRP B 1 10 ? 4.449   0.152   -11.329 1.00 33.27  ? 1619 TRP B CE2   1 
ATOM   658  C CE3   . TRP B 1 10 ? 2.485   1.466   -10.876 1.00 29.48  ? 1619 TRP B CE3   1 
ATOM   659  C CZ2   . TRP B 1 10 ? 4.039   -0.099  -12.643 1.00 38.74  ? 1619 TRP B CZ2   1 
ATOM   660  C CZ3   . TRP B 1 10 ? 2.076   1.223   -12.173 1.00 33.03  ? 1619 TRP B CZ3   1 
ATOM   661  C CH2   . TRP B 1 10 ? 2.829   0.424   -13.036 1.00 31.63  ? 1619 TRP B CH2   1 
ATOM   662  N N     . PHE B 1 11 ? 0.913   0.633   -7.178  1.00 29.49  ? 1620 PHE B N     1 
ATOM   663  C CA    . PHE B 1 11 ? -0.389  0.055   -7.592  1.00 37.17  ? 1620 PHE B CA    1 
ATOM   664  C C     . PHE B 1 11 ? -0.752  0.522   -9.000  1.00 36.06  ? 1620 PHE B C     1 
ATOM   665  O O     . PHE B 1 11 ? -0.815  1.740   -9.241  1.00 34.94  ? 1620 PHE B O     1 
ATOM   666  C CB    . PHE B 1 11 ? -1.531  0.394   -6.637  1.00 33.14  ? 1620 PHE B CB    1 
ATOM   667  C CG    . PHE B 1 11 ? -2.770  -0.447  -6.847  1.00 32.36  ? 1620 PHE B CG    1 
ATOM   668  C CD1   . PHE B 1 11 ? -2.845  -1.730  -6.343  1.00 35.32  ? 1620 PHE B CD1   1 
ATOM   669  C CD2   . PHE B 1 11 ? -3.865  0.054   -7.525  1.00 31.74  ? 1620 PHE B CD2   1 
ATOM   670  C CE1   . PHE B 1 11 ? -3.989  -2.482  -6.497  1.00 38.16  ? 1620 PHE B CE1   1 
ATOM   671  C CE2   . PHE B 1 11 ? -5.001  -0.707  -7.702  1.00 35.68  ? 1620 PHE B CE2   1 
ATOM   672  C CZ    . PHE B 1 11 ? -5.058  -1.977  -7.199  1.00 37.00  ? 1620 PHE B CZ    1 
ATOM   673  N N     . ASP B 1 12 ? -1.032  -0.434  -9.884  1.00 36.30  ? 1621 ASP B N     1 
ATOM   674  C CA    . ASP B 1 12 ? -1.498  -0.167  -11.279 1.00 36.12  ? 1621 ASP B CA    1 
ATOM   675  C C     . ASP B 1 12 ? -3.011  -0.330  -11.313 1.00 38.39  ? 1621 ASP B C     1 
ATOM   676  O O     . ASP B 1 12 ? -3.468  -1.480  -11.347 1.00 40.11  ? 1621 ASP B O     1 
ATOM   677  C CB    . ASP B 1 12 ? -0.803  -1.106  -12.259 1.00 43.80  ? 1621 ASP B CB    1 
ATOM   678  C CG    . ASP B 1 12 ? -1.302  -1.042  -13.714 1.00 43.91  ? 1621 ASP B CG    1 
ATOM   679  O OD1   . ASP B 1 12 ? -2.053  -0.129  -14.060 1.00 46.72  ? 1621 ASP B OD1   1 
ATOM   680  O OD2   . ASP B 1 12 ? -0.998  -1.957  -14.433 1.00 51.13  ? 1621 ASP B OD2   1 
ATOM   681  N N     . ASP B 1 13 ? -3.753  0.780   -11.298 1.00 39.07  ? 1622 ASP B N     1 
ATOM   682  C CA    . ASP B 1 13 ? -5.237  0.790   -11.283 1.00 45.02  ? 1622 ASP B CA    1 
ATOM   683  C C     . ASP B 1 13 ? -5.778  0.093   -12.538 1.00 44.37  ? 1622 ASP B C     1 
ATOM   684  O O     . ASP B 1 13 ? -6.892  -0.369  -12.490 1.00 48.63  ? 1622 ASP B O     1 
ATOM   685  C CB    . ASP B 1 13 ? -5.787  2.213   -11.154 1.00 48.74  ? 1622 ASP B CB    1 
ATOM   686  C CG    . ASP B 1 13 ? -5.361  3.154   -12.274 1.00 54.25  ? 1622 ASP B CG    1 
ATOM   687  O OD1   . ASP B 1 13 ? -4.795  2.679   -13.270 1.00 52.80  ? 1622 ASP B OD1   1 
ATOM   688  O OD2   . ASP B 1 13 ? -5.576  4.354   -12.125 1.00 71.34  ? 1622 ASP B OD2   1 
ATOM   689  N N     . ARG B 1 14 ? -4.995  0.029   -13.608 1.00 51.66  ? 1623 ARG B N     1 
ATOM   690  C CA    . ARG B 1 14 ? -5.385  -0.612  -14.892 1.00 51.09  ? 1623 ARG B CA    1 
ATOM   691  C C     . ARG B 1 14 ? -5.555  -2.124  -14.687 1.00 47.10  ? 1623 ARG B C     1 
ATOM   692  O O     . ARG B 1 14 ? -6.626  -2.640  -15.050 1.00 52.95  ? 1623 ARG B O     1 
ATOM   693  C CB    . ARG B 1 14 ? -4.327  -0.322  -15.958 1.00 58.43  ? 1623 ARG B CB    1 
ATOM   694  C CG    . ARG B 1 14 ? -4.851  -0.371  -17.376 1.00 72.19  ? 1623 ARG B CG    1 
ATOM   695  C CD    . ARG B 1 14 ? -3.735  -0.441  -18.404 1.00 80.20  ? 1623 ARG B CD    1 
ATOM   696  N NE    . ARG B 1 14 ? -4.180  -1.183  -19.573 1.00 87.69  ? 1623 ARG B NE    1 
ATOM   697  C CZ    . ARG B 1 14 ? -5.201  -0.825  -20.350 1.00 88.94  ? 1623 ARG B CZ    1 
ATOM   698  N NH1   . ARG B 1 14 ? -5.545  -1.580  -21.377 1.00 91.02  ? 1623 ARG B NH1   1 
ATOM   699  N NH2   . ARG B 1 14 ? -5.878  0.283   -20.098 1.00 85.31  ? 1623 ARG B NH2   1 
ATOM   700  N N     . SER B 1 15 ? -4.521  -2.822  -14.199 1.00 42.30  ? 1624 SER B N     1 
ATOM   701  C CA    . SER B 1 15 ? -4.546  -4.291  -13.962 1.00 45.10  ? 1624 SER B CA    1 
ATOM   702  C C     . SER B 1 15 ? -5.056  -4.599  -12.561 1.00 45.90  ? 1624 SER B C     1 
ATOM   703  O O     . SER B 1 15 ? -5.308  -5.777  -12.285 1.00 48.01  ? 1624 SER B O     1 
ATOM   704  C CB    . SER B 1 15 ? -3.213  -4.938  -14.214 1.00 47.72  ? 1624 SER B CB    1 
ATOM   705  O OG    . SER B 1 15 ? -2.203  -4.351  -13.430 1.00 61.89  ? 1624 SER B OG    1 
ATOM   706  N N     . GLY B 1 16 ? -5.282  -3.574  -11.731 1.00 43.93  ? 1625 GLY B N     1 
ATOM   707  C CA    . GLY B 1 16 ? -5.776  -3.758  -10.354 1.00 39.01  ? 1625 GLY B CA    1 
ATOM   708  C C     . GLY B 1 16 ? -4.797  -4.577  -9.537  1.00 37.46  ? 1625 GLY B C     1 
ATOM   709  O O     . GLY B 1 16 ? -5.264  -5.431  -8.699  1.00 45.39  ? 1625 GLY B O     1 
ATOM   710  N N     . ARG B 1 17 ? -3.497  -4.301  -9.667  1.00 37.11  ? 1626 ARG B N     1 
ATOM   711  C CA    . ARG B 1 17 ? -2.465  -5.109  -8.952  1.00 40.83  ? 1626 ARG B CA    1 
ATOM   712  C C     . ARG B 1 17 ? -1.265  -4.250  -8.544  1.00 38.75  ? 1626 ARG B C     1 
ATOM   713  O O     . ARG B 1 17 ? -0.949  -3.230  -9.250  1.00 34.56  ? 1626 ARG B O     1 
ATOM   714  C CB    . ARG B 1 17 ? -2.101  -6.336  -9.804  1.00 44.58  ? 1626 ARG B CB    1 
ATOM   715  C CG    . ARG B 1 17 ? -0.955  -6.156  -10.769 1.00 49.02  ? 1626 ARG B CG    1 
ATOM   716  C CD    . ARG B 1 17 ? -0.901  -7.267  -11.816 1.00 52.75  ? 1626 ARG B CD    1 
ATOM   717  N NE    . ARG B 1 17 ? -0.019  -8.373  -11.476 1.00 49.37  ? 1626 ARG B NE    1 
ATOM   718  C CZ    . ARG B 1 17 ? 0.316   -9.357  -12.329 1.00 60.64  ? 1626 ARG B CZ    1 
ATOM   719  N NH1   . ARG B 1 17 ? -0.136  -9.348  -13.575 1.00 65.42  ? 1626 ARG B NH1   1 
ATOM   720  N NH2   . ARG B 1 17 ? 1.089   -10.346 -11.936 1.00 63.09  ? 1626 ARG B NH2   1 
ATOM   721  N N     . TRP B 1 18 ? -0.621  -4.646  -7.442  1.00 37.66  ? 1627 TRP B N     1 
ATOM   722  C CA    . TRP B 1 18 ? 0.713   -4.154  -7.009  1.00 35.04  ? 1627 TRP B CA    1 
ATOM   723  C C     . TRP B 1 18 ? 1.771   -4.696  -7.960  1.00 38.85  ? 1627 TRP B C     1 
ATOM   724  O O     . TRP B 1 18 ? 1.835   -5.905  -8.120  1.00 36.69  ? 1627 TRP B O     1 
ATOM   725  C CB    . TRP B 1 18 ? 0.996   -4.563  -5.555  1.00 34.73  ? 1627 TRP B CB    1 
ATOM   726  C CG    . TRP B 1 18 ? 0.095   -3.906  -4.544  1.00 34.38  ? 1627 TRP B CG    1 
ATOM   727  C CD1   . TRP B 1 18 ? -0.967  -4.456  -3.904  1.00 35.25  ? 1627 TRP B CD1   1 
ATOM   728  C CD2   . TRP B 1 18 ? 0.195   -2.563  -4.045  1.00 29.70  ? 1627 TRP B CD2   1 
ATOM   729  N NE1   . TRP B 1 18 ? -1.511  -3.554  -3.030  1.00 33.04  ? 1627 TRP B NE1   1 
ATOM   730  C CE2   . TRP B 1 18 ? -0.792  -2.412  -3.060  1.00 24.16  ? 1627 TRP B CE2   1 
ATOM   731  C CE3   . TRP B 1 18 ? 1.064   -1.490  -4.299  1.00 27.33  ? 1627 TRP B CE3   1 
ATOM   732  C CZ2   . TRP B 1 18 ? -0.958  -1.226  -2.337  1.00 28.36  ? 1627 TRP B CZ2   1 
ATOM   733  C CZ3   . TRP B 1 18 ? 0.875   -0.300  -3.613  1.00 28.47  ? 1627 TRP B CZ3   1 
ATOM   734  C CH2   . TRP B 1 18 ? -0.106  -0.175  -2.647  1.00 26.72  ? 1627 TRP B CH2   1 
ATOM   735  N N     . CYS B 1 19 ? 2.586   -3.819  -8.549  1.00 35.29  ? 1628 CYS B N     1 
ATOM   736  C CA    . CYS B 1 19 ? 3.701   -4.204  -9.419  1.00 37.96  ? 1628 CYS B CA    1 
ATOM   737  C C     . CYS B 1 19 ? 4.996   -3.796  -8.763  1.00 39.01  ? 1628 CYS B C     1 
ATOM   738  O O     . CYS B 1 19 ? 5.014   -2.757  -8.101  1.00 38.26  ? 1628 CYS B O     1 
ATOM   739  C CB    . CYS B 1 19 ? 3.609   -3.537  -10.779 1.00 43.36  ? 1628 CYS B CB    1 
ATOM   740  S SG    . CYS B 1 19 ? 2.019   -3.786  -11.591 1.00 54.93  ? 1628 CYS B SG    1 
ATOM   741  N N     . SER B 1 20 ? 6.070   -4.519  -9.052  1.00 37.77  ? 1629 SER B N     1 
ATOM   742  C CA    . SER B 1 20 ? 7.422   -4.201  -8.548  1.00 42.31  ? 1629 SER B CA    1 
ATOM   743  C C     . SER B 1 20 ? 8.128   -3.252  -9.529  1.00 41.64  ? 1629 SER B C     1 
ATOM   744  O O     . SER B 1 20 ? 7.639   -3.077  -10.677 1.00 40.76  ? 1629 SER B O     1 
ATOM   745  C CB    . SER B 1 20 ? 8.196   -5.469  -8.287  1.00 49.45  ? 1629 SER B CB    1 
ATOM   746  O OG    . SER B 1 20 ? 8.665   -5.996  -9.499  1.00 51.40  ? 1629 SER B OG    1 
ATOM   747  N N     . TYR B 1 21 ? 9.096   -2.505  -9.013  1.00 44.57  ? 1630 TYR B N     1 
ATOM   748  C CA    . TYR B 1 21 ? 10.017  -1.624  -9.764  1.00 43.36  ? 1630 TYR B CA    1 
ATOM   749  C C     . TYR B 1 21 ? 11.130  -2.484  -10.377 1.00 50.78  ? 1630 TYR B C     1 
ATOM   750  O O     . TYR B 1 21 ? 11.429  -3.539  -9.805  1.00 52.19  ? 1630 TYR B O     1 
ATOM   751  C CB    . TYR B 1 21 ? 10.583  -0.573  -8.815  1.00 44.27  ? 1630 TYR B CB    1 
ATOM   752  C CG    . TYR B 1 21 ? 9.618   0.524   -8.420  1.00 34.34  ? 1630 TYR B CG    1 
ATOM   753  C CD1   . TYR B 1 21 ? 9.392   1.598   -9.247  1.00 35.12  ? 1630 TYR B CD1   1 
ATOM   754  C CD2   . TYR B 1 21 ? 8.895   0.456   -7.249  1.00 35.62  ? 1630 TYR B CD2   1 
ATOM   755  C CE1   . TYR B 1 21 ? 8.515   2.618   -8.895  1.00 35.66  ? 1630 TYR B CE1   1 
ATOM   756  C CE2   . TYR B 1 21 ? 8.001   1.447   -6.885  1.00 34.97  ? 1630 TYR B CE2   1 
ATOM   757  C CZ    . TYR B 1 21 ? 7.830   2.557   -7.700  1.00 34.78  ? 1630 TYR B CZ    1 
ATOM   758  O OH    . TYR B 1 21 ? 6.940   3.552   -7.363  1.00 34.45  ? 1630 TYR B OH    1 
ATOM   759  N N     . SER B 1 22 ? 11.741  -2.021  -11.472 1.00 49.12  ? 1631 SER B N     1 
ATOM   760  C CA    . SER B 1 22 ? 13.061  -2.484  -11.970 1.00 51.67  ? 1631 SER B CA    1 
ATOM   761  C C     . SER B 1 22 ? 14.024  -2.566  -10.799 1.00 50.95  ? 1631 SER B C     1 
ATOM   762  O O     . SER B 1 22 ? 13.832  -1.814  -9.830  1.00 49.57  ? 1631 SER B O     1 
ATOM   763  C CB    . SER B 1 22 ? 13.602  -1.567  -13.034 1.00 54.32  ? 1631 SER B CB    1 
ATOM   764  O OG    . SER B 1 22 ? 14.115  -0.389  -12.444 1.00 52.33  ? 1631 SER B OG    1 
ATOM   765  N N     . ALA B 1 23 ? 15.036  -3.429  -10.894 1.00 48.31  ? 1632 ALA B N     1 
ATOM   766  C CA    . ALA B 1 23 ? 16.081  -3.599  -9.860  1.00 48.91  ? 1632 ALA B CA    1 
ATOM   767  C C     . ALA B 1 23 ? 16.803  -2.268  -9.604  1.00 52.78  ? 1632 ALA B C     1 
ATOM   768  O O     . ALA B 1 23 ? 17.150  -2.013  -8.431  1.00 51.74  ? 1632 ALA B O     1 
ATOM   769  C CB    . ALA B 1 23 ? 17.049  -4.682  -10.264 1.00 53.31  ? 1632 ALA B CB    1 
ATOM   770  N N     . SER B 1 24 ? 17.064  -1.468  -10.655 1.00 47.84  ? 1633 SER B N     1 
ATOM   771  C CA    . SER B 1 24 ? 17.723  -0.135  -10.532 1.00 51.84  ? 1633 SER B CA    1 
ATOM   772  C C     . SER B 1 24 ? 16.816  0.817   -9.741  1.00 39.82  ? 1633 SER B C     1 
ATOM   773  O O     . SER B 1 24 ? 17.293  1.399   -8.760  1.00 44.32  ? 1633 SER B O     1 
ATOM   774  C CB    . SER B 1 24 ? 18.060  0.464   -11.877 1.00 58.62  ? 1633 SER B CB    1 
ATOM   775  O OG    . SER B 1 24 ? 18.478  -0.535  -12.785 1.00 76.40  ? 1633 SER B OG    1 
ATOM   776  N N     . ASN B 1 25 ? 15.553  0.945   -10.161 1.00 39.98  ? 1634 ASN B N     1 
ATOM   777  C CA    . ASN B 1 25 ? 14.547  1.865   -9.549  1.00 36.24  ? 1634 ASN B CA    1 
ATOM   778  C C     . ASN B 1 25 ? 14.254  1.410   -8.109  1.00 44.76  ? 1634 ASN B C     1 
ATOM   779  O O     . ASN B 1 25 ? 14.426  2.226   -7.203  1.00 40.67  ? 1634 ASN B O     1 
ATOM   780  C CB    . ASN B 1 25 ? 13.325  1.950   -10.422 1.00 40.89  ? 1634 ASN B CB    1 
ATOM   781  C CG    . ASN B 1 25 ? 13.600  2.819   -11.627 1.00 44.87  ? 1634 ASN B CG    1 
ATOM   782  O OD1   . ASN B 1 25 ? 14.635  3.505   -11.684 1.00 47.26  ? 1634 ASN B OD1   1 
ATOM   783  N ND2   . ASN B 1 25 ? 12.666  2.854   -12.546 1.00 32.33  ? 1634 ASN B ND2   1 
ATOM   784  N N     . ASN B 1 26 ? 14.083  0.110   -7.889  1.00 42.31  ? 1635 ASN B N     1 
ATOM   785  C CA    . ASN B 1 26 ? 13.963  -0.467  -6.520  1.00 41.10  ? 1635 ASN B CA    1 
ATOM   786  C C     . ASN B 1 26 ? 15.181  -0.096  -5.665  1.00 42.70  ? 1635 ASN B C     1 
ATOM   787  O O     . ASN B 1 26 ? 14.981  0.268   -4.502  1.00 45.10  ? 1635 ASN B O     1 
ATOM   788  C CB    . ASN B 1 26 ? 13.796  -1.981  -6.542  1.00 44.31  ? 1635 ASN B CB    1 
ATOM   789  C CG    . ASN B 1 26 ? 13.306  -2.477  -5.208  1.00 42.77  ? 1635 ASN B CG    1 
ATOM   790  O OD1   . ASN B 1 26 ? 12.116  -2.434  -4.940  1.00 41.36  ? 1635 ASN B OD1   1 
ATOM   791  N ND2   . ASN B 1 26 ? 14.229  -2.819  -4.331  1.00 43.39  ? 1635 ASN B ND2   1 
ATOM   792  N N     . SER B 1 27 ? 16.399  -0.199  -6.196  1.00 52.39  ? 1636 SER B N     1 
ATOM   793  C CA    . SER B 1 27 ? 17.655  0.122   -5.439  1.00 51.63  ? 1636 SER B CA    1 
ATOM   794  C C     . SER B 1 27 ? 17.734  1.626   -5.146  1.00 45.73  ? 1636 SER B C     1 
ATOM   795  O O     . SER B 1 27 ? 18.073  2.018   -3.988  1.00 42.10  ? 1636 SER B O     1 
ATOM   796  C CB    . SER B 1 27 ? 18.878  -0.360  -6.158  1.00 48.15  ? 1636 SER B CB    1 
ATOM   797  O OG    . SER B 1 27 ? 19.301  -1.597  -5.609  1.00 68.35  ? 1636 SER B OG    1 
ATOM   798  N N     . THR B 1 28 ? 17.455  2.455   -6.140  1.00 42.85  ? 1637 THR B N     1 
ATOM   799  C CA    . THR B 1 28 ? 17.379  3.938   -5.957  1.00 48.97  ? 1637 THR B CA    1 
ATOM   800  C C     . THR B 1 28 ? 16.435  4.266   -4.796  1.00 38.79  ? 1637 THR B C     1 
ATOM   801  O O     . THR B 1 28 ? 16.841  4.989   -3.884  1.00 46.55  ? 1637 THR B O     1 
ATOM   802  C CB    . THR B 1 28 ? 16.956  4.607   -7.265  1.00 47.59  ? 1637 THR B CB    1 
ATOM   803  O OG1   . THR B 1 28 ? 17.971  4.200   -8.173  1.00 43.67  ? 1637 THR B OG1   1 
ATOM   804  C CG2   . THR B 1 28 ? 16.845  6.120   -7.177  1.00 50.53  ? 1637 THR B CG2   1 
ATOM   805  N N     . ILE B 1 29 ? 15.202  3.759   -4.848  1.00 39.21  ? 1638 ILE B N     1 
ATOM   806  C CA    . ILE B 1 29 ? 14.146  4.043   -3.836  1.00 44.43  ? 1638 ILE B CA    1 
ATOM   807  C C     . ILE B 1 29 ? 14.639  3.554   -2.467  1.00 43.05  ? 1638 ILE B C     1 
ATOM   808  O O     . ILE B 1 29 ? 14.535  4.309   -1.484  1.00 40.72  ? 1638 ILE B O     1 
ATOM   809  C CB    . ILE B 1 29 ? 12.798  3.400   -4.228  1.00 39.88  ? 1638 ILE B CB    1 
ATOM   810  C CG1   . ILE B 1 29 ? 12.205  4.029   -5.496  1.00 39.09  ? 1638 ILE B CG1   1 
ATOM   811  C CG2   . ILE B 1 29 ? 11.829  3.464   -3.060  1.00 35.13  ? 1638 ILE B CG2   1 
ATOM   812  C CD1   . ILE B 1 29 ? 11.035  3.250   -6.083  1.00 37.44  ? 1638 ILE B CD1   1 
ATOM   813  N N     . ASP B 1 30 ? 15.136  2.326   -2.390  1.00 39.35  ? 1639 ASP B N     1 
ATOM   814  C CA    . ASP B 1 30 ? 15.448  1.694   -1.082  1.00 41.12  ? 1639 ASP B CA    1 
ATOM   815  C C     . ASP B 1 30 ? 16.644  2.415   -0.454  1.00 39.38  ? 1639 ASP B C     1 
ATOM   816  O O     . ASP B 1 30 ? 16.641  2.557   0.755   1.00 42.01  ? 1639 ASP B O     1 
ATOM   817  C CB    . ASP B 1 30 ? 15.673  0.188   -1.223  1.00 43.68  ? 1639 ASP B CB    1 
ATOM   818  C CG    . ASP B 1 30 ? 15.477  -0.580  0.073   1.00 48.97  ? 1639 ASP B CG    1 
ATOM   819  O OD1   . ASP B 1 30 ? 14.548  -0.216  0.863   1.00 45.41  ? 1639 ASP B OD1   1 
ATOM   820  O OD2   . ASP B 1 30 ? 16.229  -1.553  0.276   1.00 50.91  ? 1639 ASP B OD2   1 
ATOM   821  N N     . SER B 1 31 ? 17.598  2.902   -1.258  1.00 43.01  ? 1640 SER B N     1 
ATOM   822  C CA    . SER B 1 31 ? 18.794  3.649   -0.757  1.00 47.53  ? 1640 SER B CA    1 
ATOM   823  C C     . SER B 1 31 ? 18.330  4.931   -0.092  1.00 50.52  ? 1640 SER B C     1 
ATOM   824  O O     . SER B 1 31 ? 18.874  5.290   0.973   1.00 50.13  ? 1640 SER B O     1 
ATOM   825  C CB    . SER B 1 31 ? 19.767  3.966   -1.860  1.00 52.31  ? 1640 SER B CB    1 
ATOM   826  O OG    . SER B 1 31 ? 20.565  2.840   -2.152  1.00 61.93  ? 1640 SER B OG    1 
ATOM   827  N N     . ALA B 1 32 ? 17.384  5.619   -0.735  1.00 46.43  ? 1641 ALA B N     1 
ATOM   828  C CA    . ALA B 1 32 ? 16.808  6.887   -0.250  1.00 41.15  ? 1641 ALA B CA    1 
ATOM   829  C C     . ALA B 1 32 ? 16.121  6.626   1.078   1.00 38.85  ? 1641 ALA B C     1 
ATOM   830  O O     . ALA B 1 32 ? 16.286  7.433   1.992   1.00 40.33  ? 1641 ALA B O     1 
ATOM   831  C CB    . ALA B 1 32 ? 15.851  7.460   -1.285  1.00 41.74  ? 1641 ALA B CB    1 
ATOM   832  N N     . TRP B 1 33 ? 15.268  5.594   1.112   1.00 44.29  ? 1642 TRP B N     1 
ATOM   833  C CA    . TRP B 1 33 ? 14.546  5.125   2.314   1.00 42.79  ? 1642 TRP B CA    1 
ATOM   834  C C     . TRP B 1 33 ? 15.547  4.876   3.448   1.00 44.52  ? 1642 TRP B C     1 
ATOM   835  O O     . TRP B 1 33 ? 15.354  5.413   4.523   1.00 40.74  ? 1642 TRP B O     1 
ATOM   836  C CB    . TRP B 1 33 ? 13.776  3.860   1.977   1.00 41.46  ? 1642 TRP B CB    1 
ATOM   837  C CG    . TRP B 1 33 ? 13.112  3.236   3.149   1.00 36.89  ? 1642 TRP B CG    1 
ATOM   838  C CD1   . TRP B 1 33 ? 13.498  2.100   3.798   1.00 38.94  ? 1642 TRP B CD1   1 
ATOM   839  C CD2   . TRP B 1 33 ? 11.898  3.677   3.793   1.00 38.29  ? 1642 TRP B CD2   1 
ATOM   840  N NE1   . TRP B 1 33 ? 12.619  1.813   4.809   1.00 34.50  ? 1642 TRP B NE1   1 
ATOM   841  C CE2   . TRP B 1 33 ? 11.643  2.772   4.847   1.00 35.97  ? 1642 TRP B CE2   1 
ATOM   842  C CE3   . TRP B 1 33 ? 10.995  4.724   3.569   1.00 41.69  ? 1642 TRP B CE3   1 
ATOM   843  C CZ2   . TRP B 1 33 ? 10.520  2.885   5.662   1.00 41.90  ? 1642 TRP B CZ2   1 
ATOM   844  C CZ3   . TRP B 1 33 ? 9.903   4.854   4.389   1.00 39.07  ? 1642 TRP B CZ3   1 
ATOM   845  C CH2   . TRP B 1 33 ? 9.646   3.919   5.399   1.00 43.33  ? 1642 TRP B CH2   1 
ATOM   846  N N     . LYS B 1 34 ? 16.595  4.113   3.175   1.00 44.29  ? 1643 LYS B N     1 
ATOM   847  C CA    . LYS B 1 34 ? 17.570  3.666   4.202   1.00 58.87  ? 1643 LYS B CA    1 
ATOM   848  C C     . LYS B 1 34 ? 18.263  4.905   4.813   1.00 54.67  ? 1643 LYS B C     1 
ATOM   849  O O     . LYS B 1 34 ? 18.359  4.941   6.014   1.00 50.10  ? 1643 LYS B O     1 
ATOM   850  C CB    . LYS B 1 34 ? 18.539  2.644   3.590   1.00 55.77  ? 1643 LYS B CB    1 
ATOM   851  C CG    . LYS B 1 34 ? 17.934  1.268   3.316   1.00 60.11  ? 1643 LYS B CG    1 
ATOM   852  C CD    . LYS B 1 34 ? 18.806  0.342   2.454   1.00 53.55  ? 1643 LYS B CD    1 
ATOM   853  N N     . SER B 1 35 ? 18.560  5.936   3.998   1.00 58.49  ? 1644 SER B N     1 
ATOM   854  C CA    . SER B 1 35 ? 19.309  7.182   4.368   1.00 54.74  ? 1644 SER B CA    1 
ATOM   855  C C     . SER B 1 35 ? 18.431  8.199   5.102   1.00 53.11  ? 1644 SER B C     1 
ATOM   856  O O     . SER B 1 35 ? 18.934  9.301   5.341   1.00 53.05  ? 1644 SER B O     1 
ATOM   857  C CB    . SER B 1 35 ? 19.894  7.875   3.148   1.00 52.98  ? 1644 SER B CB    1 
ATOM   858  O OG    . SER B 1 35 ? 20.356  6.952   2.200   1.00 55.10  ? 1644 SER B OG    1 
ATOM   859  N N     . GLY B 1 36 ? 17.136  7.937   5.264   1.00 44.62  ? 1645 GLY B N     1 
ATOM   860  C CA    . GLY B 1 36 ? 16.202  8.856   5.946   1.00 37.36  ? 1645 GLY B CA    1 
ATOM   861  C C     . GLY B 1 36 ? 15.722  10.014  5.059   1.00 46.21  ? 1645 GLY B C     1 
ATOM   862  O O     . GLY B 1 36 ? 15.176  10.982  5.615   1.00 45.40  ? 1645 GLY B O     1 
ATOM   863  N N     . GLU B 1 37 ? 15.851  9.918   3.729   1.00 50.62  ? 1646 GLU B N     1 
ATOM   864  C CA    . GLU B 1 37 ? 15.235  10.908  2.785   1.00 45.98  ? 1646 GLU B CA    1 
ATOM   865  C C     . GLU B 1 37 ? 13.717  10.864  2.933   1.00 44.93  ? 1646 GLU B C     1 
ATOM   866  O O     . GLU B 1 37 ? 13.192  9.758   3.205   1.00 41.86  ? 1646 GLU B O     1 
ATOM   867  C CB    . GLU B 1 37 ? 15.626  10.624  1.328   1.00 52.64  ? 1646 GLU B CB    1 
ATOM   868  C CG    . GLU B 1 37 ? 17.098  10.764  1.053   1.00 54.24  ? 1646 GLU B CG    1 
ATOM   869  C CD    . GLU B 1 37 ? 17.750  11.916  1.793   1.00 60.68  ? 1646 GLU B CD    1 
ATOM   870  O OE1   . GLU B 1 37 ? 18.642  11.638  2.632   1.00 75.62  ? 1646 GLU B OE1   1 
ATOM   871  O OE2   . GLU B 1 37 ? 17.360  13.091  1.539   1.00 64.52  ? 1646 GLU B OE2   1 
ATOM   872  N N     . THR B 1 38 ? 13.023  12.003  2.714   1.00 39.88  ? 1647 THR B N     1 
ATOM   873  C CA    . THR B 1 38 ? 11.544  12.056  2.659   1.00 42.43  ? 1647 THR B CA    1 
ATOM   874  C C     . THR B 1 38 ? 11.060  11.819  1.212   1.00 41.30  ? 1647 THR B C     1 
ATOM   875  O O     . THR B 1 38 ? 9.883   11.520  1.059   1.00 48.53  ? 1647 THR B O     1 
ATOM   876  C CB    . THR B 1 38 ? 10.980  13.368  3.232   1.00 49.81  ? 1647 THR B CB    1 
ATOM   877  O OG1   . THR B 1 38 ? 11.470  14.454  2.442   1.00 51.68  ? 1647 THR B OG1   1 
ATOM   878  C CG2   . THR B 1 38 ? 11.348  13.585  4.684   1.00 53.99  ? 1647 THR B CG2   1 
ATOM   879  N N     . SER B 1 39 ? 11.910  11.981  0.191   1.00 34.33  ? 1648 SER B N     1 
ATOM   880  C CA    . SER B 1 39 ? 11.514  11.759  -1.230  1.00 38.98  ? 1648 SER B CA    1 
ATOM   881  C C     . SER B 1 39 ? 12.711  11.365  -2.055  1.00 34.17  ? 1648 SER B C     1 
ATOM   882  O O     . SER B 1 39 ? 13.804  11.462  -1.540  1.00 40.66  ? 1648 SER B O     1 
ATOM   883  C CB    . SER B 1 39 ? 10.837  12.961  -1.821  1.00 40.86  ? 1648 SER B CB    1 
ATOM   884  O OG    . SER B 1 39 ? 11.690  14.075  -1.774  1.00 49.79  ? 1648 SER B OG    1 
ATOM   885  N N     . VAL B 1 40 ? 12.465  10.887  -3.274  1.00 37.26  ? 1649 VAL B N     1 
ATOM   886  C CA    . VAL B 1 40 ? 13.481  10.342  -4.206  1.00 36.22  ? 1649 VAL B CA    1 
ATOM   887  C C     . VAL B 1 40 ? 12.936  10.389  -5.645  1.00 36.41  ? 1649 VAL B C     1 
ATOM   888  O O     . VAL B 1 40 ? 11.781  10.053  -5.831  1.00 39.16  ? 1649 VAL B O     1 
ATOM   889  C CB    . VAL B 1 40 ? 13.834  8.902   -3.793  1.00 39.91  ? 1649 VAL B CB    1 
ATOM   890  C CG1   . VAL B 1 40 ? 12.626  7.977   -3.912  1.00 37.05  ? 1649 VAL B CG1   1 
ATOM   891  C CG2   . VAL B 1 40 ? 15.020  8.353   -4.579  1.00 42.38  ? 1649 VAL B CG2   1 
ATOM   892  N N     . ARG B 1 41 ? 13.804  10.673  -6.616  1.00 37.20  ? 1650 ARG B N     1 
ATOM   893  C CA    . ARG B 1 41 ? 13.480  10.800  -8.061  1.00 42.46  ? 1650 ARG B CA    1 
ATOM   894  C C     . ARG B 1 41 ? 14.047  9.600   -8.835  1.00 41.92  ? 1650 ARG B C     1 
ATOM   895  O O     . ARG B 1 41 ? 15.156  9.142   -8.532  1.00 43.18  ? 1650 ARG B O     1 
ATOM   896  C CB    . ARG B 1 41 ? 14.044  12.107  -8.630  1.00 42.66  ? 1650 ARG B CB    1 
ATOM   897  C CG    . ARG B 1 41 ? 13.475  13.363  -7.975  1.00 48.48  ? 1650 ARG B CG    1 
ATOM   898  C CD    . ARG B 1 41 ? 13.946  14.676  -8.627  1.00 51.43  ? 1650 ARG B CD    1 
ATOM   899  N NE    . ARG B 1 41 ? 13.345  14.940  -9.934  1.00 51.71  ? 1650 ARG B NE    1 
ATOM   900  C CZ    . ARG B 1 41 ? 14.016  14.944  -11.108 1.00 58.07  ? 1650 ARG B CZ    1 
ATOM   901  N NH1   . ARG B 1 41 ? 15.329  14.767  -11.136 1.00 51.28  ? 1650 ARG B NH1   1 
ATOM   902  N NH2   . ARG B 1 41 ? 13.371  15.142  -12.249 1.00 54.12  ? 1650 ARG B NH2   1 
ATOM   903  N N     . PHE B 1 42 ? 13.303  9.130   -9.814  1.00 38.48  ? 1651 PHE B N     1 
ATOM   904  C CA    . PHE B 1 42 ? 13.770  8.148   -10.807 1.00 38.62  ? 1651 PHE B CA    1 
ATOM   905  C C     . PHE B 1 42 ? 12.930  8.329   -12.051 1.00 37.76  ? 1651 PHE B C     1 
ATOM   906  O O     . PHE B 1 42 ? 11.950  9.135   -12.029 1.00 40.90  ? 1651 PHE B O     1 
ATOM   907  C CB    . PHE B 1 42 ? 13.653  6.738   -10.223 1.00 41.26  ? 1651 PHE B CB    1 
ATOM   908  C CG    . PHE B 1 42 ? 12.261  6.396   -9.766  1.00 39.33  ? 1651 PHE B CG    1 
ATOM   909  C CD1   . PHE B 1 42 ? 11.833  6.739   -8.489  1.00 46.08  ? 1651 PHE B CD1   1 
ATOM   910  C CD2   . PHE B 1 42 ? 11.364  5.780   -10.620 1.00 34.26  ? 1651 PHE B CD2   1 
ATOM   911  C CE1   . PHE B 1 42 ? 10.532  6.477   -8.090  1.00 41.86  ? 1651 PHE B CE1   1 
ATOM   912  C CE2   . PHE B 1 42 ? 10.069  5.510   -10.211 1.00 40.18  ? 1651 PHE B CE2   1 
ATOM   913  C CZ    . PHE B 1 42 ? 9.659   5.848   -8.939  1.00 36.61  ? 1651 PHE B CZ    1 
ATOM   914  N N     . THR B 1 43 ? 13.227  7.544   -13.066 1.00 39.99  ? 1652 THR B N     1 
ATOM   915  C CA    . THR B 1 43 ? 12.512  7.534   -14.352 1.00 43.87  ? 1652 THR B CA    1 
ATOM   916  C C     . THR B 1 43 ? 12.111  6.101   -14.653 1.00 41.90  ? 1652 THR B C     1 
ATOM   917  O O     . THR B 1 43 ? 12.882  5.190   -14.293 1.00 43.49  ? 1652 THR B O     1 
ATOM   918  C CB    . THR B 1 43 ? 13.399  8.173   -15.420 1.00 47.64  ? 1652 THR B CB    1 
ATOM   919  O OG1   . THR B 1 43 ? 14.383  7.206   -15.748 1.00 66.49  ? 1652 THR B OG1   1 
ATOM   920  C CG2   . THR B 1 43 ? 14.096  9.419   -14.939 1.00 45.46  ? 1652 THR B CG2   1 
ATOM   921  N N     . ALA B 1 44 ? 10.938  5.903   -15.236 1.00 41.85  ? 1653 ALA B N     1 
ATOM   922  C CA    . ALA B 1 44 ? 10.512  4.610   -15.795 1.00 47.63  ? 1653 ALA B CA    1 
ATOM   923  C C     . ALA B 1 44 ? 9.552   4.887   -16.944 1.00 50.63  ? 1653 ALA B C     1 
ATOM   924  O O     . ALA B 1 44 ? 8.759   5.840   -16.822 1.00 45.75  ? 1653 ALA B O     1 
ATOM   925  C CB    . ALA B 1 44 ? 9.903   3.744   -14.703 1.00 49.10  ? 1653 ALA B CB    1 
ATOM   926  N N     . GLY B 1 45 ? 9.714   4.172   -18.063 1.00 59.79  ? 1654 GLY B N     1 
ATOM   927  C CA    . GLY B 1 45 ? 8.976   4.413   -19.329 1.00 56.28  ? 1654 GLY B CA    1 
ATOM   928  C C     . GLY B 1 45 ? 9.313   5.766   -19.956 1.00 55.59  ? 1654 GLY B C     1 
ATOM   929  O O     . GLY B 1 45 ? 8.473   6.297   -20.702 1.00 65.84  ? 1654 GLY B O     1 
ATOM   930  N N     . ARG B 1 46 ? 10.503  6.306   -19.677 1.00 54.74  ? 1655 ARG B N     1 
ATOM   931  C CA    . ARG B 1 46 ? 10.930  7.657   -20.126 1.00 55.81  ? 1655 ARG B CA    1 
ATOM   932  C C     . ARG B 1 46 ? 10.003  8.694   -19.485 1.00 55.60  ? 1655 ARG B C     1 
ATOM   933  O O     . ARG B 1 46 ? 9.761   9.731   -20.110 1.00 64.01  ? 1655 ARG B O     1 
ATOM   934  C CB    . ARG B 1 46 ? 10.913  7.735   -21.661 1.00 64.48  ? 1655 ARG B CB    1 
ATOM   935  N N     . ARG B 1 47 ? 9.506   8.407   -18.275 1.00 58.46  ? 1656 ARG B N     1 
ATOM   936  C CA    . ARG B 1 47 ? 8.634   9.308   -17.475 1.00 47.19  ? 1656 ARG B CA    1 
ATOM   937  C C     . ARG B 1 47 ? 9.273   9.535   -16.112 1.00 47.97  ? 1656 ARG B C     1 
ATOM   938  O O     . ARG B 1 47 ? 9.771   8.564   -15.524 1.00 41.08  ? 1656 ARG B O     1 
ATOM   939  C CB    . ARG B 1 47 ? 7.242   8.707   -17.330 1.00 48.70  ? 1656 ARG B CB    1 
ATOM   940  C CG    . ARG B 1 47 ? 6.335   8.974   -18.516 1.00 50.39  ? 1656 ARG B CG    1 
ATOM   941  C CD    . ARG B 1 47 ? 5.161   8.028   -18.604 1.00 55.41  ? 1656 ARG B CD    1 
ATOM   942  N NE    . ARG B 1 47 ? 3.994   8.706   -19.160 1.00 62.26  ? 1656 ARG B NE    1 
ATOM   943  C CZ    . ARG B 1 47 ? 3.150   8.195   -20.065 1.00 70.20  ? 1656 ARG B CZ    1 
ATOM   944  N NH1   . ARG B 1 47 ? 3.349   6.985   -20.558 1.00 68.31  ? 1656 ARG B NH1   1 
ATOM   945  N NH2   . ARG B 1 47 ? 2.118   8.914   -20.491 1.00 68.75  ? 1656 ARG B NH2   1 
ATOM   946  N N     . ARG B 1 48 ? 9.211   10.769  -15.620 1.00 42.65  ? 1657 ARG B N     1 
ATOM   947  C CA    . ARG B 1 48 ? 9.925   11.223  -14.414 1.00 48.01  ? 1657 ARG B CA    1 
ATOM   948  C C     . ARG B 1 48 ? 8.979   11.145  -13.221 1.00 41.67  ? 1657 ARG B C     1 
ATOM   949  O O     . ARG B 1 48 ? 7.830   11.627  -13.324 1.00 39.46  ? 1657 ARG B O     1 
ATOM   950  C CB    . ARG B 1 48 ? 10.485  12.627  -14.665 1.00 55.56  ? 1657 ARG B CB    1 
ATOM   951  C CG    . ARG B 1 48 ? 11.582  12.646  -15.730 1.00 61.11  ? 1657 ARG B CG    1 
ATOM   952  C CD    . ARG B 1 48 ? 11.547  13.898  -16.578 1.00 72.58  ? 1657 ARG B CD    1 
ATOM   953  N NE    . ARG B 1 48 ? 11.322  15.013  -15.679 1.00 79.44  ? 1657 ARG B NE    1 
ATOM   954  C CZ    . ARG B 1 48 ? 10.195  15.707  -15.583 1.00 75.16  ? 1657 ARG B CZ    1 
ATOM   955  N NH1   . ARG B 1 48 ? 9.190   15.487  -16.418 1.00 74.23  ? 1657 ARG B NH1   1 
ATOM   956  N NH2   . ARG B 1 48 ? 10.096  16.650  -14.659 1.00 75.33  ? 1657 ARG B NH2   1 
ATOM   957  N N     . TYR B 1 49 ? 9.424   10.480  -12.157 1.00 39.68  ? 1658 TYR B N     1 
ATOM   958  C CA    . TYR B 1 49 ? 8.636   10.203  -10.936 1.00 34.93  ? 1658 TYR B CA    1 
ATOM   959  C C     . TYR B 1 49 ? 9.431   10.713  -9.744  1.00 35.35  ? 1658 TYR B C     1 
ATOM   960  O O     . TYR B 1 49 ? 10.648  10.551  -9.739  1.00 35.71  ? 1658 TYR B O     1 
ATOM   961  C CB    . TYR B 1 49 ? 8.320   8.695   -10.801 1.00 37.29  ? 1658 TYR B CB    1 
ATOM   962  C CG    . TYR B 1 49 ? 7.431   8.150   -11.897 1.00 33.35  ? 1658 TYR B CG    1 
ATOM   963  C CD1   . TYR B 1 49 ? 6.106   8.537   -11.985 1.00 31.95  ? 1658 TYR B CD1   1 
ATOM   964  C CD2   . TYR B 1 49 ? 7.929   7.349   -12.909 1.00 35.52  ? 1658 TYR B CD2   1 
ATOM   965  C CE1   . TYR B 1 49 ? 5.277   8.081   -12.990 1.00 31.95  ? 1658 TYR B CE1   1 
ATOM   966  C CE2   . TYR B 1 49 ? 7.111   6.896   -13.938 1.00 36.93  ? 1658 TYR B CE2   1 
ATOM   967  C CZ    . TYR B 1 49 ? 5.795   7.321   -14.014 1.00 35.35  ? 1658 TYR B CZ    1 
ATOM   968  O OH    . TYR B 1 49 ? 4.955   6.900   -15.005 1.00 33.38  ? 1658 TYR B OH    1 
ATOM   969  N N     . THR B 1 50 ? 8.722   11.256  -8.754  1.00 37.72  ? 1659 THR B N     1 
ATOM   970  C CA    . THR B 1 50 ? 9.159   11.367  -7.346  1.00 40.14  ? 1659 THR B CA    1 
ATOM   971  C C     . THR B 1 50 ? 8.318   10.410  -6.487  1.00 37.76  ? 1659 THR B C     1 
ATOM   972  O O     . THR B 1 50 ? 7.051   10.491  -6.555  1.00 36.40  ? 1659 THR B O     1 
ATOM   973  C CB    . THR B 1 50 ? 8.999   12.814  -6.842  1.00 40.89  ? 1659 THR B CB    1 
ATOM   974  O OG1   . THR B 1 50 ? 9.853   13.702  -7.581  1.00 37.71  ? 1659 THR B OG1   1 
ATOM   975  C CG2   . THR B 1 50 ? 9.301   12.929  -5.374  1.00 38.67  ? 1659 THR B CG2   1 
ATOM   976  N N     . VAL B 1 51 ? 8.961   9.582   -5.662  1.00 35.53  ? 1660 VAL B N     1 
ATOM   977  C CA    . VAL B 1 51 ? 8.261   8.856   -4.558  1.00 32.26  ? 1660 VAL B CA    1 
ATOM   978  C C     . VAL B 1 51 ? 8.379   9.681   -3.301  1.00 32.21  ? 1660 VAL B C     1 
ATOM   979  O O     . VAL B 1 51 ? 9.506   9.992   -2.936  1.00 41.66  ? 1660 VAL B O     1 
ATOM   980  C CB    . VAL B 1 51 ? 8.800   7.431   -4.383  1.00 31.84  ? 1660 VAL B CB    1 
ATOM   981  C CG1   . VAL B 1 51 ? 8.535   6.881   -2.977  1.00 31.57  ? 1660 VAL B CG1   1 
ATOM   982  C CG2   . VAL B 1 51 ? 8.176   6.527   -5.433  1.00 33.40  ? 1660 VAL B CG2   1 
ATOM   983  N N     . GLN B 1 52 ? 7.245   10.029  -2.672  1.00 36.40  ? 1661 GLN B N     1 
ATOM   984  C CA    . GLN B 1 52 ? 7.201   10.730  -1.356  1.00 37.31  ? 1661 GLN B CA    1 
ATOM   985  C C     . GLN B 1 52 ? 6.892   9.738   -0.239  1.00 35.73  ? 1661 GLN B C     1 
ATOM   986  O O     . GLN B 1 52 ? 5.760   9.255   -0.196  1.00 39.24  ? 1661 GLN B O     1 
ATOM   987  C CB    . GLN B 1 52 ? 6.118   11.797  -1.321  1.00 37.47  ? 1661 GLN B CB    1 
ATOM   988  C CG    . GLN B 1 52 ? 6.129   12.717  -2.501  1.00 50.79  ? 1661 GLN B CG    1 
ATOM   989  C CD    . GLN B 1 52 ? 5.002   13.703  -2.380  1.00 54.98  ? 1661 GLN B CD    1 
ATOM   990  O OE1   . GLN B 1 52 ? 4.066   13.494  -1.607  1.00 65.24  ? 1661 GLN B OE1   1 
ATOM   991  N NE2   . GLN B 1 52 ? 5.088   14.787  -3.136  1.00 54.33  ? 1661 GLN B NE2   1 
ATOM   992  N N     . PHE B 1 53 ? 7.845   9.509   0.673   1.00 34.51  ? 1662 PHE B N     1 
ATOM   993  C CA    . PHE B 1 53 ? 7.729   8.521   1.770   1.00 37.71  ? 1662 PHE B CA    1 
ATOM   994  C C     . PHE B 1 53 ? 6.717   9.005   2.822   1.00 40.14  ? 1662 PHE B C     1 
ATOM   995  O O     . PHE B 1 53 ? 5.953   8.182   3.314   1.00 45.02  ? 1662 PHE B O     1 
ATOM   996  C CB    . PHE B 1 53 ? 9.100   8.236   2.374   1.00 37.45  ? 1662 PHE B CB    1 
ATOM   997  C CG    . PHE B 1 53 ? 10.057  7.561   1.433   1.00 39.86  ? 1662 PHE B CG    1 
ATOM   998  C CD1   . PHE B 1 53 ? 9.710   6.376   0.793   1.00 40.25  ? 1662 PHE B CD1   1 
ATOM   999  C CD2   . PHE B 1 53 ? 11.315  8.089   1.190   1.00 40.04  ? 1662 PHE B CD2   1 
ATOM   1000 C CE1   . PHE B 1 53 ? 10.600  5.740   -0.062  1.00 38.16  ? 1662 PHE B CE1   1 
ATOM   1001 C CE2   . PHE B 1 53 ? 12.197  7.460   0.330   1.00 42.60  ? 1662 PHE B CE2   1 
ATOM   1002 C CZ    . PHE B 1 53 ? 11.851  6.269   -0.274  1.00 43.10  ? 1662 PHE B CZ    1 
ATOM   1003 N N     . THR B 1 54 ? 6.574   10.313  3.011   1.00 41.40  ? 1663 THR B N     1 
ATOM   1004 C CA    . THR B 1 54 ? 5.655   10.897  4.020   1.00 38.28  ? 1663 THR B CA    1 
ATOM   1005 C C     . THR B 1 54 ? 4.193   10.568  3.693   1.00 43.58  ? 1663 THR B C     1 
ATOM   1006 O O     . THR B 1 54 ? 3.411   10.407  4.666   1.00 47.64  ? 1663 THR B O     1 
ATOM   1007 C CB    . THR B 1 54 ? 5.874   12.406  4.173   1.00 43.19  ? 1663 THR B CB    1 
ATOM   1008 O OG1   . THR B 1 54 ? 5.542   13.016  2.931   1.00 56.22  ? 1663 THR B OG1   1 
ATOM   1009 C CG2   . THR B 1 54 ? 7.298   12.753  4.554   1.00 42.44  ? 1663 THR B CG2   1 
ATOM   1010 N N     . THR B 1 55 ? 3.818   10.437  2.410   1.00 35.41  ? 1664 THR B N     1 
ATOM   1011 C CA    . THR B 1 55 ? 2.419   10.116  2.002   1.00 34.26  ? 1664 THR B CA    1 
ATOM   1012 C C     . THR B 1 55 ? 2.336   8.730   1.321   1.00 29.59  ? 1664 THR B C     1 
ATOM   1013 O O     . THR B 1 55 ? 1.276   8.389   0.882   1.00 32.14  ? 1664 THR B O     1 
ATOM   1014 C CB    . THR B 1 55 ? 1.871   11.179  1.046   1.00 36.95  ? 1664 THR B CB    1 
ATOM   1015 O OG1   . THR B 1 55 ? 2.804   11.217  -0.026  1.00 34.57  ? 1664 THR B OG1   1 
ATOM   1016 C CG2   . THR B 1 55 ? 1.695   12.542  1.687   1.00 42.88  ? 1664 THR B CG2   1 
ATOM   1017 N N     . MET B 1 56 ? 3.451   8.048   1.151   1.00 30.57  ? 1665 MET B N     1 
ATOM   1018 C CA    . MET B 1 56 ? 3.587   6.754   0.411   1.00 32.26  ? 1665 MET B CA    1 
ATOM   1019 C C     . MET B 1 56 ? 2.836   6.824   -0.928  1.00 32.25  ? 1665 MET B C     1 
ATOM   1020 O O     . MET B 1 56 ? 1.929   5.986   -1.171  1.00 30.18  ? 1665 MET B O     1 
ATOM   1021 C CB    . MET B 1 56 ? 3.079   5.596   1.273   1.00 33.84  ? 1665 MET B CB    1 
ATOM   1022 C CG    . MET B 1 56 ? 3.911   5.445   2.587   1.00 37.78  ? 1665 MET B CG    1 
ATOM   1023 S SD    . MET B 1 56 ? 5.569   4.744   2.272   1.00 38.03  ? 1665 MET B SD    1 
ATOM   1024 C CE    . MET B 1 56 ? 5.106   3.035   2.003   1.00 35.84  ? 1665 MET B CE    1 
ATOM   1025 N N     . VAL B 1 57 ? 3.245   7.746   -1.793  1.00 33.36  ? 1666 VAL B N     1 
ATOM   1026 C CA    . VAL B 1 57 ? 2.716   7.865   -3.184  1.00 36.80  ? 1666 VAL B CA    1 
ATOM   1027 C C     . VAL B 1 57 ? 3.868   8.130   -4.125  1.00 33.76  ? 1666 VAL B C     1 
ATOM   1028 O O     . VAL B 1 57 ? 4.849   8.766   -3.706  1.00 33.96  ? 1666 VAL B O     1 
ATOM   1029 C CB    . VAL B 1 57 ? 1.673   8.990   -3.356  1.00 39.24  ? 1666 VAL B CB    1 
ATOM   1030 C CG1   . VAL B 1 57 ? 0.439   8.776   -2.507  1.00 41.03  ? 1666 VAL B CG1   1 
ATOM   1031 C CG2   . VAL B 1 57 ? 2.278   10.354  -3.106  1.00 39.86  ? 1666 VAL B CG2   1 
ATOM   1032 N N     . GLN B 1 58 ? 3.635   7.822   -5.384  1.00 28.28  ? 1667 GLN B N     1 
ATOM   1033 C CA    . GLN B 1 58 ? 4.526   8.113   -6.501  1.00 30.50  ? 1667 GLN B CA    1 
ATOM   1034 C C     . GLN B 1 58 ? 3.845   9.209   -7.324  1.00 33.93  ? 1667 GLN B C     1 
ATOM   1035 O O     . GLN B 1 58 ? 2.633   9.062   -7.614  1.00 34.65  ? 1667 GLN B O     1 
ATOM   1036 C CB    . GLN B 1 58 ? 4.761   6.816   -7.267  1.00 33.35  ? 1667 GLN B CB    1 
ATOM   1037 C CG    . GLN B 1 58 ? 5.311   7.025   -8.654  1.00 34.59  ? 1667 GLN B CG    1 
ATOM   1038 C CD    . GLN B 1 58 ? 5.065   5.836   -9.552  1.00 36.99  ? 1667 GLN B CD    1 
ATOM   1039 O OE1   . GLN B 1 58 ? 5.746   4.804   -9.449  1.00 37.69  ? 1667 GLN B OE1   1 
ATOM   1040 N NE2   . GLN B 1 58 ? 4.124   5.992   -10.478 1.00 33.73  ? 1667 GLN B NE2   1 
ATOM   1041 N N     . VAL B 1 59 ? 4.565   10.288  -7.631  1.00 36.30  ? 1668 VAL B N     1 
ATOM   1042 C CA    . VAL B 1 59 ? 4.013   11.447  -8.384  1.00 38.22  ? 1668 VAL B CA    1 
ATOM   1043 C C     . VAL B 1 59 ? 4.688   11.507  -9.760  1.00 31.13  ? 1668 VAL B C     1 
ATOM   1044 O O     . VAL B 1 59 ? 5.906   11.656  -9.817  1.00 33.21  ? 1668 VAL B O     1 
ATOM   1045 C CB    . VAL B 1 59 ? 4.209   12.769  -7.613  1.00 40.40  ? 1668 VAL B CB    1 
ATOM   1046 C CG1   . VAL B 1 59 ? 3.408   13.885  -8.245  1.00 43.62  ? 1668 VAL B CG1   1 
ATOM   1047 C CG2   . VAL B 1 59 ? 3.866   12.623  -6.138  1.00 46.97  ? 1668 VAL B CG2   1 
ATOM   1048 N N     . ASN B 1 60 ? 3.905   11.482  -10.823 1.00 28.96  ? 1669 ASN B N     1 
ATOM   1049 C CA    . ASN B 1 60 ? 4.361   11.907  -12.166 1.00 30.40  ? 1669 ASN B CA    1 
ATOM   1050 C C     . ASN B 1 60 ? 4.593   13.420  -12.122 1.00 30.14  ? 1669 ASN B C     1 
ATOM   1051 O O     . ASN B 1 60 ? 3.647   14.127  -11.846 1.00 32.80  ? 1669 ASN B O     1 
ATOM   1052 C CB    . ASN B 1 60 ? 3.367   11.512  -13.243 1.00 31.78  ? 1669 ASN B CB    1 
ATOM   1053 C CG    . ASN B 1 60 ? 3.802   11.970  -14.620 1.00 34.43  ? 1669 ASN B CG    1 
ATOM   1054 O OD1   . ASN B 1 60 ? 4.225   13.121  -14.803 1.00 32.78  ? 1669 ASN B OD1   1 
ATOM   1055 N ND2   . ASN B 1 60 ? 3.676   11.093  -15.596 1.00 34.66  ? 1669 ASN B ND2   1 
ATOM   1056 N N     . GLU B 1 61 ? 5.848   13.850  -12.217 1.00 34.02  ? 1670 GLU B N     1 
ATOM   1057 C CA    . GLU B 1 61 ? 6.261   15.272  -12.038 1.00 40.07  ? 1670 GLU B CA    1 
ATOM   1058 C C     . GLU B 1 61 ? 5.579   16.160  -13.097 1.00 42.08  ? 1670 GLU B C     1 
ATOM   1059 O O     . GLU B 1 61 ? 5.195   17.305  -12.744 1.00 37.43  ? 1670 GLU B O     1 
ATOM   1060 C CB    . GLU B 1 61 ? 7.785   15.387  -12.101 1.00 45.30  ? 1670 GLU B CB    1 
ATOM   1061 C CG    . GLU B 1 61 ? 8.500   14.875  -10.826 1.00 45.83  ? 1670 GLU B CG    1 
ATOM   1062 C CD    . GLU B 1 61 ? 9.985   14.587  -11.008 1.00 50.66  ? 1670 GLU B CD    1 
ATOM   1063 O OE1   . GLU B 1 61 ? 10.558  13.755  -10.239 1.00 49.41  ? 1670 GLU B OE1   1 
ATOM   1064 O OE2   . GLU B 1 61 ? 10.563  15.133  -11.957 1.00 51.42  ? 1670 GLU B OE2   1 
ATOM   1065 N N     . GLU B 1 62 ? 5.363   15.635  -14.310 1.00 33.38  ? 1671 GLU B N     1 
ATOM   1066 C CA    . GLU B 1 62 ? 4.828   16.416  -15.468 1.00 39.52  ? 1671 GLU B CA    1 
ATOM   1067 C C     . GLU B 1 62 ? 3.310   16.620  -15.289 1.00 38.93  ? 1671 GLU B C     1 
ATOM   1068 O O     . GLU B 1 62 ? 2.851   17.705  -15.567 1.00 39.56  ? 1671 GLU B O     1 
ATOM   1069 C CB    . GLU B 1 62 ? 5.164   15.747  -16.807 1.00 36.91  ? 1671 GLU B CB    1 
ATOM   1070 N N     . THR B 1 63 ? 2.565   15.613  -14.818 1.00 38.86  ? 1672 THR B N     1 
ATOM   1071 C CA    . THR B 1 63 ? 1.076   15.663  -14.749 1.00 38.64  ? 1672 THR B CA    1 
ATOM   1072 C C     . THR B 1 63 ? 0.566   15.812  -13.309 1.00 39.08  ? 1672 THR B C     1 
ATOM   1073 O O     . THR B 1 63 ? -0.587  16.184  -13.162 1.00 38.68  ? 1672 THR B O     1 
ATOM   1074 C CB    . THR B 1 63 ? 0.423   14.426  -15.390 1.00 44.84  ? 1672 THR B CB    1 
ATOM   1075 O OG1   . THR B 1 63 ? 0.572   13.334  -14.485 1.00 37.12  ? 1672 THR B OG1   1 
ATOM   1076 C CG2   . THR B 1 63 ? 0.999   14.064  -16.740 1.00 41.92  ? 1672 THR B CG2   1 
ATOM   1077 N N     . GLY B 1 64 ? 1.368   15.514  -12.286 1.00 33.29  ? 1673 GLY B N     1 
ATOM   1078 C CA    . GLY B 1 64 ? 0.876   15.529  -10.897 1.00 36.32  ? 1673 GLY B CA    1 
ATOM   1079 C C     . GLY B 1 64 ? 0.103   14.271  -10.512 1.00 37.34  ? 1673 GLY B C     1 
ATOM   1080 O O     . GLY B 1 64 ? -0.352  14.200  -9.351  1.00 41.40  ? 1673 GLY B O     1 
ATOM   1081 N N     . ASN B 1 65 ? 0.000   13.275  -11.400 1.00 36.19  ? 1674 ASN B N     1 
ATOM   1082 C CA    . ASN B 1 65 ? -0.826  12.064  -11.138 1.00 37.45  ? 1674 ASN B CA    1 
ATOM   1083 C C     . ASN B 1 65 ? -0.124  11.212  -10.077 1.00 31.16  ? 1674 ASN B C     1 
ATOM   1084 O O     . ASN B 1 65 ? 1.022   10.877  -10.263 1.00 33.54  ? 1674 ASN B O     1 
ATOM   1085 C CB    . ASN B 1 65 ? -1.119  11.258  -12.388 1.00 34.61  ? 1674 ASN B CB    1 
ATOM   1086 C CG    . ASN B 1 65 ? -2.177  10.202  -12.169 1.00 41.33  ? 1674 ASN B CG    1 
ATOM   1087 O OD1   . ASN B 1 65 ? -3.281  10.500  -11.714 1.00 36.49  ? 1674 ASN B OD1   1 
ATOM   1088 N ND2   . ASN B 1 65 ? -1.839  8.958   -12.478 1.00 38.66  ? 1674 ASN B ND2   1 
ATOM   1089 N N     . ARG B 1 66 ? -0.863  10.878  -9.026  1.00 33.69  ? 1675 ARG B N     1 
ATOM   1090 C CA    . ARG B 1 66 ? -0.418  10.176  -7.801  1.00 34.60  ? 1675 ARG B CA    1 
ATOM   1091 C C     . ARG B 1 66 ? -0.906  8.731   -7.840  1.00 34.16  ? 1675 ARG B C     1 
ATOM   1092 O O     . ARG B 1 66 ? -2.108  8.539   -7.978  1.00 32.71  ? 1675 ARG B O     1 
ATOM   1093 C CB    . ARG B 1 66 ? -0.975  10.916  -6.586  1.00 35.12  ? 1675 ARG B CB    1 
ATOM   1094 C CG    . ARG B 1 66 ? -0.249  12.239  -6.359  1.00 39.62  ? 1675 ARG B CG    1 
ATOM   1095 C CD    . ARG B 1 66 ? -0.705  13.121  -5.212  1.00 44.70  ? 1675 ARG B CD    1 
ATOM   1096 N NE    . ARG B 1 66 ? 0.196   14.285  -5.307  1.00 57.77  ? 1675 ARG B NE    1 
ATOM   1097 C CZ    . ARG B 1 66 ? 1.211   14.573  -4.473  1.00 54.04  ? 1675 ARG B CZ    1 
ATOM   1098 N NH1   . ARG B 1 66 ? 1.414   13.872  -3.363  1.00 55.41  ? 1675 ARG B NH1   1 
ATOM   1099 N NH2   . ARG B 1 66 ? 1.983   15.614  -4.730  1.00 58.53  ? 1675 ARG B NH2   1 
ATOM   1100 N N     . ARG B 1 67 ? 0.010   7.767   -7.710  1.00 30.35  ? 1676 ARG B N     1 
ATOM   1101 C CA    . ARG B 1 67 ? -0.296  6.316   -7.564  1.00 31.30  ? 1676 ARG B CA    1 
ATOM   1102 C C     . ARG B 1 67 ? 0.303   5.835   -6.239  1.00 29.68  ? 1676 ARG B C     1 
ATOM   1103 O O     . ARG B 1 67 ? 1.389   6.256   -5.857  1.00 29.58  ? 1676 ARG B O     1 
ATOM   1104 C CB    . ARG B 1 67 ? 0.307   5.510   -8.737  1.00 34.28  ? 1676 ARG B CB    1 
ATOM   1105 C CG    . ARG B 1 67 ? -0.268  5.890   -10.108 1.00 38.67  ? 1676 ARG B CG    1 
ATOM   1106 C CD    . ARG B 1 67 ? 0.271   5.080   -11.284 1.00 35.13  ? 1676 ARG B CD    1 
ATOM   1107 N NE    . ARG B 1 67 ? -0.268  5.589   -12.549 1.00 41.09  ? 1676 ARG B NE    1 
ATOM   1108 C CZ    . ARG B 1 67 ? -1.443  5.232   -13.083 1.00 45.09  ? 1676 ARG B CZ    1 
ATOM   1109 N NH1   . ARG B 1 67 ? -2.210  4.328   -12.492 1.00 49.54  ? 1676 ARG B NH1   1 
ATOM   1110 N NH2   . ARG B 1 67 ? -1.850  5.784   -14.212 1.00 51.17  ? 1676 ARG B NH2   1 
ATOM   1111 N N     . PRO B 1 68 ? -0.366  4.947   -5.494  1.00 28.31  ? 1677 PRO B N     1 
ATOM   1112 C CA    . PRO B 1 68 ? 0.147   4.540   -4.196  1.00 31.37  ? 1677 PRO B CA    1 
ATOM   1113 C C     . PRO B 1 68 ? 1.337   3.566   -4.298  1.00 30.90  ? 1677 PRO B C     1 
ATOM   1114 O O     . PRO B 1 68 ? 1.438   2.825   -5.276  1.00 28.92  ? 1677 PRO B O     1 
ATOM   1115 C CB    . PRO B 1 68 ? -1.056  3.897   -3.514  1.00 33.34  ? 1677 PRO B CB    1 
ATOM   1116 C CG    . PRO B 1 68 ? -1.950  3.434   -4.653  1.00 31.99  ? 1677 PRO B CG    1 
ATOM   1117 C CD    . PRO B 1 68 ? -1.689  4.392   -5.794  1.00 33.90  ? 1677 PRO B CD    1 
ATOM   1118 N N     . VAL B 1 69 ? 2.235   3.623   -3.320  1.00 32.56  ? 1678 VAL B N     1 
ATOM   1119 C CA    . VAL B 1 69 ? 3.356   2.654   -3.177  1.00 30.06  ? 1678 VAL B CA    1 
ATOM   1120 C C     . VAL B 1 69 ? 3.187   1.937   -1.840  1.00 35.89  ? 1678 VAL B C     1 
ATOM   1121 O O     . VAL B 1 69 ? 2.379   2.415   -0.983  1.00 29.08  ? 1678 VAL B O     1 
ATOM   1122 C CB    . VAL B 1 69 ? 4.742   3.318   -3.310  1.00 35.36  ? 1678 VAL B CB    1 
ATOM   1123 C CG1   . VAL B 1 69 ? 4.851   4.134   -4.607  1.00 39.02  ? 1678 VAL B CG1   1 
ATOM   1124 C CG2   . VAL B 1 69 ? 5.097   4.193   -2.125  1.00 35.08  ? 1678 VAL B CG2   1 
ATOM   1125 N N     . MET B 1 70 ? 3.888   0.811   -1.690  1.00 35.56  ? 1679 MET B N     1 
ATOM   1126 C CA    . MET B 1 70 ? 3.934   0.051   -0.450  1.00 33.79  ? 1679 MET B CA    1 
ATOM   1127 C C     . MET B 1 70 ? 5.312   -0.566  -0.287  1.00 33.29  ? 1679 MET B C     1 
ATOM   1128 O O     . MET B 1 70 ? 6.006   -0.824  -1.297  1.00 36.64  ? 1679 MET B O     1 
ATOM   1129 C CB    . MET B 1 70 ? 2.857   -1.044  -0.439  1.00 34.69  ? 1679 MET B CB    1 
ATOM   1130 C CG    . MET B 1 70 ? 3.123   -2.184  -1.388  1.00 36.50  ? 1679 MET B CG    1 
ATOM   1131 S SD    . MET B 1 70 ? 2.090   -3.659  -1.031  1.00 38.41  ? 1679 MET B SD    1 
ATOM   1132 C CE    . MET B 1 70 ? 3.050   -4.379  0.293   1.00 43.78  ? 1679 MET B CE    1 
ATOM   1133 N N     . LEU B 1 71 ? 5.671   -0.812  0.948   1.00 33.21  ? 1680 LEU B N     1 
ATOM   1134 C CA    . LEU B 1 71 ? 6.903   -1.510  1.328   1.00 33.24  ? 1680 LEU B CA    1 
ATOM   1135 C C     . LEU B 1 71 ? 6.497   -2.876  1.853   1.00 32.39  ? 1680 LEU B C     1 
ATOM   1136 O O     . LEU B 1 71 ? 5.749   -2.922  2.808   1.00 31.60  ? 1680 LEU B O     1 
ATOM   1137 C CB    . LEU B 1 71 ? 7.624   -0.673  2.396   1.00 37.53  ? 1680 LEU B CB    1 
ATOM   1138 C CG    . LEU B 1 71 ? 8.807   -1.343  3.104   1.00 39.23  ? 1680 LEU B CG    1 
ATOM   1139 C CD1   . LEU B 1 71 ? 9.911   -1.752  2.119   1.00 43.07  ? 1680 LEU B CD1   1 
ATOM   1140 C CD2   . LEU B 1 71 ? 9.363   -0.413  4.167   1.00 42.17  ? 1680 LEU B CD2   1 
ATOM   1141 N N     . THR B 1 72 ? 6.962   -3.954  1.242   1.00 36.89  ? 1681 THR B N     1 
ATOM   1142 C CA    . THR B 1 72 ? 6.640   -5.314  1.723   1.00 36.41  ? 1681 THR B CA    1 
ATOM   1143 C C     . THR B 1 72 ? 7.306   -5.519  3.089   1.00 38.63  ? 1681 THR B C     1 
ATOM   1144 O O     . THR B 1 72 ? 8.388   -4.965  3.304   1.00 44.56  ? 1681 THR B O     1 
ATOM   1145 C CB    . THR B 1 72 ? 7.045   -6.371  0.700   1.00 42.20  ? 1681 THR B CB    1 
ATOM   1146 O OG1   . THR B 1 72 ? 8.454   -6.317  0.691   1.00 52.59  ? 1681 THR B OG1   1 
ATOM   1147 C CG2   . THR B 1 72 ? 6.507   -6.127  -0.690  1.00 40.23  ? 1681 THR B CG2   1 
ATOM   1148 N N     . LEU B 1 73 ? 6.640   -6.223  3.999   1.00 40.51  ? 1682 LEU B N     1 
ATOM   1149 C CA    . LEU B 1 73 ? 7.177   -6.585  5.341   1.00 36.91  ? 1682 LEU B CA    1 
ATOM   1150 C C     . LEU B 1 73 ? 7.445   -8.083  5.371   1.00 37.96  ? 1682 LEU B C     1 
ATOM   1151 O O     . LEU B 1 73 ? 6.488   -8.882  5.138   1.00 35.39  ? 1682 LEU B O     1 
ATOM   1152 C CB    . LEU B 1 73 ? 6.176   -6.181  6.414   1.00 38.75  ? 1682 LEU B CB    1 
ATOM   1153 N N     . LEU B 1 74 ? 8.708   -8.455  5.553   1.00 38.01  ? 1683 LEU B N     1 
ATOM   1154 C CA    . LEU B 1 74 ? 9.135   -9.878  5.617   1.00 38.70  ? 1683 LEU B CA    1 
ATOM   1155 C C     . LEU B 1 74 ? 8.823   -10.405 7.023   1.00 35.28  ? 1683 LEU B C     1 
ATOM   1156 O O     . LEU B 1 74 ? 8.883   -9.597  7.974   1.00 39.24  ? 1683 LEU B O     1 
ATOM   1157 C CB    . LEU B 1 74 ? 10.622  -9.971  5.258   1.00 46.35  ? 1683 LEU B CB    1 
ATOM   1158 C CG    . LEU B 1 74 ? 11.016  -9.391  3.895   1.00 50.04  ? 1683 LEU B CG    1 
ATOM   1159 C CD1   . LEU B 1 74 ? 12.506  -9.573  3.640   1.00 52.53  ? 1683 LEU B CD1   1 
ATOM   1160 C CD2   . LEU B 1 74 ? 10.210  -10.029 2.765   1.00 50.20  ? 1683 LEU B CD2   1 
ATOM   1161 N N     . ARG B 1 75 ? 8.278   -11.625 7.096   1.00 30.49  ? 1684 ARG B N     1 
ATOM   1162 C CA    . ARG B 1 75 ? 7.837   -12.303 8.336   1.00 32.31  ? 1684 ARG B CA    1 
ATOM   1163 C C     . ARG B 1 75 ? 9.007   -12.476 9.313   1.00 33.03  ? 1684 ARG B C     1 
ATOM   1164 O O     . ARG B 1 75 ? 10.092  -12.837 8.866   1.00 33.37  ? 1684 ARG B O     1 
ATOM   1165 C CB    . ARG B 1 75 ? 7.277   -13.674 7.989   1.00 32.57  ? 1684 ARG B CB    1 
ATOM   1166 C CG    . ARG B 1 75 ? 6.447   -14.304 9.089   1.00 35.15  ? 1684 ARG B CG    1 
ATOM   1167 C CD    . ARG B 1 75 ? 5.939   -15.683 8.684   1.00 37.88  ? 1684 ARG B CD    1 
ATOM   1168 N NE    . ARG B 1 75 ? 5.033   -16.173 9.700   1.00 48.31  ? 1684 ARG B NE    1 
ATOM   1169 C CZ    . ARG B 1 75 ? 5.418   -16.681 10.874  1.00 53.92  ? 1684 ARG B CZ    1 
ATOM   1170 N NH1   . ARG B 1 75 ? 6.701   -16.784 11.169  1.00 51.69  ? 1684 ARG B NH1   1 
ATOM   1171 N NH2   . ARG B 1 75 ? 4.516   -17.067 11.749  1.00 51.03  ? 1684 ARG B NH2   1 
ATOM   1172 N N     . VAL B 1 76 ? 8.755   -12.301 10.617  1.00 36.12  ? 1685 VAL B N     1 
ATOM   1173 C CA    . VAL B 1 76 ? 9.705   -12.665 11.701  1.00 34.89  ? 1685 VAL B CA    1 
ATOM   1174 C C     . VAL B 1 76 ? 8.942   -13.490 12.735  1.00 40.35  ? 1685 VAL B C     1 
ATOM   1175 O O     . VAL B 1 76 ? 7.966   -13.006 13.297  1.00 36.07  ? 1685 VAL B O     1 
ATOM   1176 C CB    . VAL B 1 76 ? 10.356  -11.413 12.328  1.00 39.66  ? 1685 VAL B CB    1 
ATOM   1177 C CG1   . VAL B 1 76 ? 11.465  -11.788 13.327  1.00 41.66  ? 1685 VAL B CG1   1 
ATOM   1178 C CG2   . VAL B 1 76 ? 10.893  -10.463 11.268  1.00 36.84  ? 1685 VAL B CG2   1 
ATOM   1179 N N     . PRO B 1 77 ? 9.310   -14.774 12.998  1.00 35.21  ? 1686 PRO B N     1 
ATOM   1180 C CA    . PRO B 1 77 ? 10.368  -15.480 12.273  1.00 38.02  ? 1686 PRO B CA    1 
ATOM   1181 C C     . PRO B 1 77 ? 10.103  -15.729 10.774  1.00 36.03  ? 1686 PRO B C     1 
ATOM   1182 O O     . PRO B 1 77 ? 8.951   -15.728 10.368  1.00 37.15  ? 1686 PRO B O     1 
ATOM   1183 C CB    . PRO B 1 77 ? 10.415  -16.875 12.919  1.00 36.71  ? 1686 PRO B CB    1 
ATOM   1184 C CG    . PRO B 1 77 ? 9.648   -16.758 14.209  1.00 38.93  ? 1686 PRO B CG    1 
ATOM   1185 C CD    . PRO B 1 77 ? 8.678   -15.612 14.015  1.00 43.09  ? 1686 PRO B CD    1 
ATOM   1186 N N     . ARG B 1 78 ? 11.149  -16.060 10.031  1.00 35.89  ? 1687 ARG B N     1 
ATOM   1187 C CA    . ARG B 1 78 ? 11.065  -16.562 8.619   1.00 38.39  ? 1687 ARG B CA    1 
ATOM   1188 C C     . ARG B 1 78 ? 10.498  -17.983 8.604   1.00 41.99  ? 1687 ARG B C     1 
ATOM   1189 O O     . ARG B 1 78 ? 10.724  -18.740 9.577   1.00 39.71  ? 1687 ARG B O     1 
ATOM   1190 C CB    . ARG B 1 78 ? 12.432  -16.500 7.949   1.00 38.63  ? 1687 ARG B CB    1 
ATOM   1191 C CG    . ARG B 1 78 ? 12.461  -17.015 6.501   1.00 41.47  ? 1687 ARG B CG    1 
ATOM   1192 C CD    . ARG B 1 78 ? 13.503  -16.300 5.637   1.00 37.02  ? 1687 ARG B CD    1 
ATOM   1193 N NE    . ARG B 1 78 ? 13.324  -14.851 5.707   1.00 40.93  ? 1687 ARG B NE    1 
ATOM   1194 C CZ    . ARG B 1 78 ? 14.171  -13.920 5.251   1.00 39.66  ? 1687 ARG B CZ    1 
ATOM   1195 N NH1   . ARG B 1 78 ? 15.345  -14.236 4.720   1.00 40.03  ? 1687 ARG B NH1   1 
ATOM   1196 N NH2   . ARG B 1 78 ? 13.836  -12.649 5.358   1.00 44.53  ? 1687 ARG B NH2   1 
ATOM   1197 N N     . LEU B 1 79 ? 9.723   -18.313 7.571   1.00 42.17  ? 1688 LEU B N     1 
ATOM   1198 C CA    . LEU B 1 79 ? 9.144   -19.669 7.385   1.00 46.90  ? 1688 LEU B CA    1 
ATOM   1199 C C     . LEU B 1 79 ? 10.150  -20.589 6.679   1.00 46.36  ? 1688 LEU B C     1 
ATOM   1200 O O     . LEU B 1 79 ? 11.010  -20.088 5.907   1.00 46.91  ? 1688 LEU B O     1 
ATOM   1201 C CB    . LEU B 1 79 ? 7.841   -19.551 6.588   1.00 56.76  ? 1688 LEU B CB    1 
ATOM   1202 C CG    . LEU B 1 79 ? 6.657   -19.013 7.390   1.00 58.53  ? 1688 LEU B CG    1 
ATOM   1203 C CD1   . LEU B 1 79 ? 5.511   -18.617 6.471   1.00 63.69  ? 1688 LEU B CD1   1 
ATOM   1204 C CD2   . LEU B 1 79 ? 6.203   -20.026 8.438   1.00 51.93  ? 1688 LEU B CD2   1 
ATOM   1205 N N     . ASN B 1 80 ? 10.117  -21.874 7.018   1.00 46.55  ? 1689 ASN B N     1 
ATOM   1206 C CA    . ASN B 1 80 ? 10.903  -22.942 6.346   1.00 51.90  ? 1689 ASN B CA    1 
ATOM   1207 C C     . ASN B 1 80 ? 10.480  -23.021 4.868   1.00 60.81  ? 1689 ASN B C     1 
ATOM   1208 O O     . ASN B 1 80 ? 9.307   -23.370 4.596   1.00 63.72  ? 1689 ASN B O     1 
ATOM   1209 C CB    . ASN B 1 80 ? 10.753  -24.272 7.093   1.00 55.54  ? 1689 ASN B CB    1 
ATOM   1210 C CG    . ASN B 1 80 ? 11.495  -24.265 8.416   1.00 55.07  ? 1689 ASN B CG    1 
ATOM   1211 O OD1   . ASN B 1 80 ? 12.646  -23.825 8.487   1.00 59.85  ? 1689 ASN B OD1   1 
ATOM   1212 N ND2   . ASN B 1 80 ? 10.829  -24.676 9.480   1.00 54.10  ? 1689 ASN B ND2   1 
ATOM   1213 N N     . LYS B 1 81 ? 11.404  -22.704 3.959   1.00 54.33  ? 1690 LYS B N     1 
HETATM 1214 N N1    . APR C 2 .  ? -15.093 3.826   2.097   1.00 41.66  ? 1801 APR A N1    1 
HETATM 1215 C C2    . APR C 2 .  ? -15.788 4.818   1.519   1.00 43.08  ? 1801 APR A C2    1 
HETATM 1216 N N3    . APR C 2 .  ? -16.013 5.059   0.217   1.00 51.33  ? 1801 APR A N3    1 
HETATM 1217 C C4    . APR C 2 .  ? -15.390 4.142   -0.540  1.00 54.56  ? 1801 APR A C4    1 
HETATM 1218 C C5    . APR C 2 .  ? -14.604 3.092   -0.095  1.00 51.39  ? 1801 APR A C5    1 
HETATM 1219 C C6    . APR C 2 .  ? -14.448 2.932   1.293   1.00 49.04  ? 1801 APR A C6    1 
HETATM 1220 N N6    . APR C 2 .  ? -13.759 1.924   1.839   1.00 40.35  ? 1801 APR A N6    1 
HETATM 1221 N N7    . APR C 2 .  ? -14.116 2.361   -1.171  1.00 55.81  ? 1801 APR A N7    1 
HETATM 1222 C C8    . APR C 2 .  ? -14.592 2.975   -2.231  1.00 55.38  ? 1801 APR A C8    1 
HETATM 1223 N N9    . APR C 2 .  ? -15.372 4.067   -1.903  1.00 56.72  ? 1801 APR A N9    1 
HETATM 1224 C "C1'" . APR C 2 .  ? -16.054 4.923   -2.845  1.00 53.23  ? 1801 APR A "C1'" 1 
HETATM 1225 C "C2'" . APR C 2 .  ? -15.120 5.311   -3.988  1.00 56.67  ? 1801 APR A "C2'" 1 
HETATM 1226 O "O2'" . APR C 2 .  ? -14.441 6.516   -3.702  1.00 60.42  ? 1801 APR A "O2'" 1 
HETATM 1227 C "C3'" . APR C 2 .  ? -16.063 5.407   -5.195  1.00 57.40  ? 1801 APR A "C3'" 1 
HETATM 1228 O "O3'" . APR C 2 .  ? -16.399 6.762   -5.475  1.00 59.16  ? 1801 APR A "O3'" 1 
HETATM 1229 O "O4'" . APR C 2 .  ? -17.114 4.189   -3.418  1.00 51.36  ? 1801 APR A "O4'" 1 
HETATM 1230 C "C4'" . APR C 2 .  ? -17.305 4.579   -4.804  1.00 54.21  ? 1801 APR A "C4'" 1 
HETATM 1231 C "C5'" . APR C 2 .  ? -17.591 3.358   -5.660  1.00 51.29  ? 1801 APR A "C5'" 1 
HETATM 1232 O "O5'" . APR C 2 .  ? -16.347 2.762   -6.089  1.00 58.92  ? 1801 APR A "O5'" 1 
HETATM 1233 P PA    . APR C 2 .  ? -15.997 1.210   -5.738  1.00 61.29  ? 1801 APR A PA    1 
HETATM 1234 O O1A   . APR C 2 .  ? -14.524 0.982   -5.840  1.00 53.82  ? 1801 APR A O1A   1 
HETATM 1235 O O2A   . APR C 2 .  ? -16.703 0.838   -4.476  1.00 67.48  ? 1801 APR A O2A   1 
HETATM 1236 O O3A   . APR C 2 .  ? -16.672 0.494   -7.002  1.00 64.75  ? 1801 APR A O3A   1 
HETATM 1237 P PB    . APR C 2 .  ? -16.778 1.052   -8.520  1.00 60.68  ? 1801 APR A PB    1 
HETATM 1238 O O1B   . APR C 2 .  ? -15.625 1.974   -8.771  1.00 59.35  ? 1801 APR A O1B   1 
HETATM 1239 O O2B   . APR C 2 .  ? -16.966 -0.141  -9.412  1.00 53.07  ? 1801 APR A O2B   1 
HETATM 1240 O O5D   . APR C 2 .  ? -18.117 1.918   -8.422  1.00 55.05  ? 1801 APR A O5D   1 
HETATM 1241 X UNK   . UNX D 3 .  ? -14.411 3.421   4.360   1.00 48.94  ? 1802 UNX A UNK   1 
HETATM 1242 N N1    . APR E 2 .  ? 6.599   1.684   -13.788 1.00 45.51  ? 1801 APR B N1    1 
HETATM 1243 C C2    . APR E 2 .  ? 6.053   1.484   -14.996 1.00 43.27  ? 1801 APR B C2    1 
HETATM 1244 N N3    . APR E 2 .  ? 5.006   2.082   -15.554 1.00 45.41  ? 1801 APR B N3    1 
HETATM 1245 C C4    . APR E 2 .  ? 4.474   2.988   -14.721 1.00 40.77  ? 1801 APR B C4    1 
HETATM 1246 C C5    . APR E 2 .  ? 4.918   3.294   -13.449 1.00 36.03  ? 1801 APR B C5    1 
HETATM 1247 C C6    . APR E 2 .  ? 6.044   2.598   -12.965 1.00 37.60  ? 1801 APR B C6    1 
HETATM 1248 N N6    . APR E 2 .  ? 6.579   2.773   -11.755 1.00 33.30  ? 1801 APR B N6    1 
HETATM 1249 N N7    . APR E 2 .  ? 4.117   4.280   -12.904 1.00 38.40  ? 1801 APR B N7    1 
HETATM 1250 C C8    . APR E 2 .  ? 3.202   4.518   -13.815 1.00 35.83  ? 1801 APR B C8    1 
HETATM 1251 N N9    . APR E 2 .  ? 3.372   3.769   -14.939 1.00 41.70  ? 1801 APR B N9    1 
HETATM 1252 C "C1'" . APR E 2 .  ? 2.522   3.819   -16.169 1.00 41.12  ? 1801 APR B "C1'" 1 
HETATM 1253 C "C2'" . APR E 2 .  ? 1.033   3.723   -15.869 1.00 45.71  ? 1801 APR B "C2'" 1 
HETATM 1254 O "O2'" . APR E 2 .  ? 0.585   2.397   -15.755 1.00 48.52  ? 1801 APR B "O2'" 1 
HETATM 1255 C "C3'" . APR E 2 .  ? 0.429   4.407   -17.098 1.00 50.30  ? 1801 APR B "C3'" 1 
HETATM 1256 O "O3'" . APR E 2 .  ? 0.255   3.448   -18.124 1.00 61.05  ? 1801 APR B "O3'" 1 
HETATM 1257 O "O4'" . APR E 2 .  ? 2.697   5.080   -16.784 1.00 43.91  ? 1801 APR B "O4'" 1 
HETATM 1258 C "C4'" . APR E 2 .  ? 1.476   5.471   -17.466 1.00 46.94  ? 1801 APR B "C4'" 1 
HETATM 1259 C "C5'" . APR E 2 .  ? 1.127   6.892   -17.093 1.00 45.52  ? 1801 APR B "C5'" 1 
HETATM 1260 O "O5'" . APR E 2 .  ? 0.779   6.958   -15.693 1.00 39.74  ? 1801 APR B "O5'" 1 
HETATM 1261 P PA    . APR E 2 .  ? 1.409   8.125   -14.824 1.00 39.66  ? 1801 APR B PA    1 
HETATM 1262 O O1A   . APR E 2 .  ? 2.833   8.281   -15.209 1.00 36.28  ? 1801 APR B O1A   1 
HETATM 1263 O O2A   . APR E 2 .  ? 1.074   7.926   -13.361 1.00 41.80  ? 1801 APR B O2A   1 
HETATM 1264 O O3A   . APR E 2 .  ? 0.664   9.422   -15.345 1.00 45.63  ? 1801 APR B O3A   1 
HETATM 1265 P PB    . APR E 2 .  ? -0.638  9.916   -16.135 1.00 54.92  ? 1801 APR B PB    1 
HETATM 1266 O O1B   . APR E 2 .  ? -0.226  9.761   -17.675 1.00 46.27  ? 1801 APR B O1B   1 
HETATM 1267 O O2B   . APR E 2 .  ? -1.826  9.052   -15.867 1.00 55.87  ? 1801 APR B O2B   1 
HETATM 1268 O O5D   . APR E 2 .  ? -0.722  11.360  -15.768 1.00 48.91  ? 1801 APR B O5D   1 
HETATM 1269 X UNK   . UNX F 3 .  ? 8.562   -13.345 4.379   1.00 18.21  ? 1802 UNX B UNK   1 
HETATM 1270 X UNK   . UNX G 3 .  ? -3.726  12.025  -8.550  1.00 30.30  ? 1803 UNX B UNK   1 
HETATM 1271 O O     . HOH H 4 .  ? -6.903  -12.762 0.041   1.00 40.60  ? 1901 HOH A O     1 
HETATM 1272 O O     . HOH H 4 .  ? -19.529 -7.802  -11.626 1.00 52.51  ? 1902 HOH A O     1 
HETATM 1273 O O     . HOH H 4 .  ? -1.791  -12.149 15.208  1.00 47.46  ? 1903 HOH A O     1 
HETATM 1274 O O     . HOH H 4 .  ? -0.092  -2.588  1.029   1.00 38.58  ? 1904 HOH A O     1 
HETATM 1275 O O     . HOH H 4 .  ? 0.877   -2.218  3.793   1.00 35.90  ? 1905 HOH A O     1 
HETATM 1276 O O     . HOH H 4 .  ? -2.085  -7.103  -5.929  1.00 34.15  ? 1906 HOH A O     1 
HETATM 1277 O O     . HOH H 4 .  ? -1.631  9.723   0.976   1.00 47.25  ? 1907 HOH A O     1 
HETATM 1278 O O     . HOH H 4 .  ? -1.568  -4.454  17.245  1.00 51.79  ? 1908 HOH A O     1 
HETATM 1279 O O     . HOH I 4 .  ? -0.100  15.757  -7.073  1.00 57.15  ? 1901 HOH B O     1 
HETATM 1280 O O     . HOH I 4 .  ? 9.002   16.021  -7.076  1.00 37.70  ? 1902 HOH B O     1 
HETATM 1281 O O     . HOH I 4 .  ? 9.692   -20.371 11.251  1.00 43.75  ? 1903 HOH B O     1 
HETATM 1282 O O     . HOH I 4 .  ? 6.290   5.262   -17.223 1.00 46.80  ? 1904 HOH B O     1 
HETATM 1283 O O     . HOH I 4 .  ? 5.214   18.281  -10.333 1.00 41.84  ? 1905 HOH B O     1 
HETATM 1284 O O     . HOH I 4 .  ? 17.153  -2.649  -13.530 1.00 51.90  ? 1906 HOH B O     1 
HETATM 1285 O O     . HOH I 4 .  ? 10.204  -3.803  -6.998  1.00 45.86  ? 1907 HOH B O     1 
HETATM 1286 O O     . HOH I 4 .  ? -2.856  3.312   -9.912  1.00 41.68  ? 1908 HOH B O     1 
HETATM 1287 O O     . HOH I 4 .  ? 18.751  6.888   -4.098  1.00 42.41  ? 1909 HOH B O     1 
HETATM 1288 O O     . HOH I 4 .  ? 14.413  14.309  2.983   1.00 59.58  ? 1910 HOH B O     1 
HETATM 1289 O O     . HOH I 4 .  ? 2.055   8.225   -10.820 1.00 30.91  ? 1911 HOH B O     1 
HETATM 1290 O O     . HOH I 4 .  ? -4.179  6.865   -8.695  1.00 47.65  ? 1912 HOH B O     1 
HETATM 1291 O O     . HOH I 4 .  ? 1.793   1.754   1.636   1.00 40.91  ? 1913 HOH B O     1 
HETATM 1292 O O     . HOH I 4 .  ? 14.306  -23.779 6.158   1.00 52.35  ? 1914 HOH B O     1 
HETATM 1293 O O     . HOH I 4 .  ? 12.190  12.016  -11.915 1.00 47.19  ? 1915 HOH B O     1 
HETATM 1294 O O     . HOH I 4 .  ? 3.524   -0.028  2.909   1.00 35.41  ? 1916 HOH B O     1 
HETATM 1295 O O     . HOH I 4 .  ? -4.210  7.163   -11.940 1.00 50.69  ? 1917 HOH B O     1 
HETATM 1296 O O     . HOH I 4 .  ? 8.722   -16.025 5.609   1.00 47.87  ? 1918 HOH B O     1 
HETATM 1297 O O     . HOH I 4 .  ? -4.317  4.166   -7.889  1.00 41.74  ? 1919 HOH B O     1 
# 
loop_
_pdbx_poly_seq_scheme.asym_id 
_pdbx_poly_seq_scheme.entity_id 
_pdbx_poly_seq_scheme.seq_id 
_pdbx_poly_seq_scheme.mon_id 
_pdbx_poly_seq_scheme.ndb_seq_num 
_pdbx_poly_seq_scheme.pdb_seq_num 
_pdbx_poly_seq_scheme.auth_seq_num 
_pdbx_poly_seq_scheme.pdb_mon_id 
_pdbx_poly_seq_scheme.auth_mon_id 
_pdbx_poly_seq_scheme.pdb_strand_id 
_pdbx_poly_seq_scheme.pdb_ins_code 
_pdbx_poly_seq_scheme.hetero 
A 1 1  GLY 1  1610 ?    ?   ?   A . n 
A 1 2  GLN 2  1611 ?    ?   ?   A . n 
A 1 3  SER 3  1612 ?    ?   ?   A . n 
A 1 4  ASN 4  1613 1613 ASN ASN A . n 
A 1 5  SER 5  1614 1614 SER SER A . n 
A 1 6  ASN 6  1615 1615 ASN ASN A . n 
A 1 7  ASN 7  1616 1616 ASN ASN A . n 
A 1 8  TRP 8  1617 1617 TRP TRP A . n 
A 1 9  ARG 9  1618 1618 ARG ARG A . n 
A 1 10 TRP 10 1619 1619 TRP TRP A . n 
A 1 11 PHE 11 1620 1620 PHE PHE A . n 
A 1 12 ASP 12 1621 1621 ASP ASP A . n 
A 1 13 ASP 13 1622 1622 ASP ASP A . n 
A 1 14 ARG 14 1623 1623 ARG ARG A . n 
A 1 15 SER 15 1624 1624 SER SER A . n 
A 1 16 GLY 16 1625 1625 GLY GLY A . n 
A 1 17 ARG 17 1626 1626 ARG ARG A . n 
A 1 18 TRP 18 1627 1627 TRP TRP A . n 
A 1 19 CYS 19 1628 1628 CYS CYS A . n 
A 1 20 SER 20 1629 1629 SER SER A . n 
A 1 21 TYR 21 1630 1630 TYR TYR A . n 
A 1 22 SER 22 1631 1631 SER SER A . n 
A 1 23 ALA 23 1632 1632 ALA ALA A . n 
A 1 24 SER 24 1633 1633 SER SER A . n 
A 1 25 ASN 25 1634 1634 ASN ASN A . n 
A 1 26 ASN 26 1635 1635 ASN ASN A . n 
A 1 27 SER 27 1636 1636 SER SER A . n 
A 1 28 THR 28 1637 1637 THR THR A . n 
A 1 29 ILE 29 1638 1638 ILE ILE A . n 
A 1 30 ASP 30 1639 1639 ASP ASP A . n 
A 1 31 SER 31 1640 1640 SER SER A . n 
A 1 32 ALA 32 1641 1641 ALA ALA A . n 
A 1 33 TRP 33 1642 1642 TRP TRP A . n 
A 1 34 LYS 34 1643 1643 LYS LYS A . n 
A 1 35 SER 35 1644 1644 SER SER A . n 
A 1 36 GLY 36 1645 1645 GLY GLY A . n 
A 1 37 GLU 37 1646 1646 GLU GLU A . n 
A 1 38 THR 38 1647 1647 THR THR A . n 
A 1 39 SER 39 1648 1648 SER SER A . n 
A 1 40 VAL 40 1649 1649 VAL VAL A . n 
A 1 41 ARG 41 1650 1650 ARG ARG A . n 
A 1 42 PHE 42 1651 1651 PHE PHE A . n 
A 1 43 THR 43 1652 1652 THR THR A . n 
A 1 44 ALA 44 1653 1653 ALA ALA A . n 
A 1 45 GLY 45 1654 1654 GLY GLY A . n 
A 1 46 ARG 46 1655 1655 ARG ARG A . n 
A 1 47 ARG 47 1656 1656 ARG ARG A . n 
A 1 48 ARG 48 1657 1657 ARG ARG A . n 
A 1 49 TYR 49 1658 1658 TYR TYR A . n 
A 1 50 THR 50 1659 1659 THR THR A . n 
A 1 51 VAL 51 1660 1660 VAL VAL A . n 
A 1 52 GLN 52 1661 1661 GLN GLN A . n 
A 1 53 PHE 53 1662 1662 PHE PHE A . n 
A 1 54 THR 54 1663 1663 THR THR A . n 
A 1 55 THR 55 1664 1664 THR THR A . n 
A 1 56 MET 56 1665 1665 MET MET A . n 
A 1 57 VAL 57 1666 1666 VAL VAL A . n 
A 1 58 GLN 58 1667 1667 GLN GLN A . n 
A 1 59 VAL 59 1668 1668 VAL VAL A . n 
A 1 60 ASN 60 1669 1669 ASN ASN A . n 
A 1 61 GLU 61 1670 1670 GLU GLU A . n 
A 1 62 GLU 62 1671 1671 GLU GLU A . n 
A 1 63 THR 63 1672 1672 THR THR A . n 
A 1 64 GLY 64 1673 1673 GLY GLY A . n 
A 1 65 ASN 65 1674 1674 ASN ASN A . n 
A 1 66 ARG 66 1675 1675 ARG ARG A . n 
A 1 67 ARG 67 1676 1676 ARG ARG A . n 
A 1 68 PRO 68 1677 1677 PRO PRO A . n 
A 1 69 VAL 69 1678 1678 VAL VAL A . n 
A 1 70 MET 70 1679 1679 MET MET A . n 
A 1 71 LEU 71 1680 1680 LEU LEU A . n 
A 1 72 THR 72 1681 1681 THR THR A . n 
A 1 73 LEU 73 1682 1682 LEU LEU A . n 
A 1 74 LEU 74 1683 1683 LEU LEU A . n 
A 1 75 ARG 75 1684 1684 ARG ARG A . n 
A 1 76 VAL 76 1685 1685 VAL VAL A . n 
A 1 77 PRO 77 1686 1686 PRO PRO A . n 
A 1 78 ARG 78 1687 1687 ARG ARG A . n 
A 1 79 LEU 79 1688 1688 LEU LEU A . n 
A 1 80 ASN 80 1689 ?    ?   ?   A . n 
A 1 81 LYS 81 1690 ?    ?   ?   A . n 
A 1 82 ASN 82 1691 ?    ?   ?   A . n 
A 1 83 SER 83 1692 ?    ?   ?   A . n 
A 1 84 LYS 84 1693 ?    ?   ?   A . n 
A 1 85 ASN 85 1694 ?    ?   ?   A . n 
A 1 86 SER 86 1695 ?    ?   ?   A . n 
A 1 87 ASN 87 1696 ?    ?   ?   A . n 
A 1 88 GLY 88 1697 ?    ?   ?   A . n 
A 1 89 GLN 89 1698 ?    ?   ?   A . n 
A 1 90 GLU 90 1699 ?    ?   ?   A . n 
A 1 91 LEU 91 1700 ?    ?   ?   A . n 
B 1 1  GLY 1  1610 ?    ?   ?   B . n 
B 1 2  GLN 2  1611 ?    ?   ?   B . n 
B 1 3  SER 3  1612 ?    ?   ?   B . n 
B 1 4  ASN 4  1613 1613 ASN ASN B . n 
B 1 5  SER 5  1614 1614 SER SER B . n 
B 1 6  ASN 6  1615 1615 ASN ASN B . n 
B 1 7  ASN 7  1616 1616 ASN ASN B . n 
B 1 8  TRP 8  1617 1617 TRP TRP B . n 
B 1 9  ARG 9  1618 1618 ARG ARG B . n 
B 1 10 TRP 10 1619 1619 TRP TRP B . n 
B 1 11 PHE 11 1620 1620 PHE PHE B . n 
B 1 12 ASP 12 1621 1621 ASP ASP B . n 
B 1 13 ASP 13 1622 1622 ASP ASP B . n 
B 1 14 ARG 14 1623 1623 ARG ARG B . n 
B 1 15 SER 15 1624 1624 SER SER B . n 
B 1 16 GLY 16 1625 1625 GLY GLY B . n 
B 1 17 ARG 17 1626 1626 ARG ARG B . n 
B 1 18 TRP 18 1627 1627 TRP TRP B . n 
B 1 19 CYS 19 1628 1628 CYS CYS B . n 
B 1 20 SER 20 1629 1629 SER SER B . n 
B 1 21 TYR 21 1630 1630 TYR TYR B . n 
B 1 22 SER 22 1631 1631 SER SER B . n 
B 1 23 ALA 23 1632 1632 ALA ALA B . n 
B 1 24 SER 24 1633 1633 SER SER B . n 
B 1 25 ASN 25 1634 1634 ASN ASN B . n 
B 1 26 ASN 26 1635 1635 ASN ASN B . n 
B 1 27 SER 27 1636 1636 SER SER B . n 
B 1 28 THR 28 1637 1637 THR THR B . n 
B 1 29 ILE 29 1638 1638 ILE ILE B . n 
B 1 30 ASP 30 1639 1639 ASP ASP B . n 
B 1 31 SER 31 1640 1640 SER SER B . n 
B 1 32 ALA 32 1641 1641 ALA ALA B . n 
B 1 33 TRP 33 1642 1642 TRP TRP B . n 
B 1 34 LYS 34 1643 1643 LYS LYS B . n 
B 1 35 SER 35 1644 1644 SER SER B . n 
B 1 36 GLY 36 1645 1645 GLY GLY B . n 
B 1 37 GLU 37 1646 1646 GLU GLU B . n 
B 1 38 THR 38 1647 1647 THR THR B . n 
B 1 39 SER 39 1648 1648 SER SER B . n 
B 1 40 VAL 40 1649 1649 VAL VAL B . n 
B 1 41 ARG 41 1650 1650 ARG ARG B . n 
B 1 42 PHE 42 1651 1651 PHE PHE B . n 
B 1 43 THR 43 1652 1652 THR THR B . n 
B 1 44 ALA 44 1653 1653 ALA ALA B . n 
B 1 45 GLY 45 1654 1654 GLY GLY B . n 
B 1 46 ARG 46 1655 1655 ARG ARG B . n 
B 1 47 ARG 47 1656 1656 ARG ARG B . n 
B 1 48 ARG 48 1657 1657 ARG ARG B . n 
B 1 49 TYR 49 1658 1658 TYR TYR B . n 
B 1 50 THR 50 1659 1659 THR THR B . n 
B 1 51 VAL 51 1660 1660 VAL VAL B . n 
B 1 52 GLN 52 1661 1661 GLN GLN B . n 
B 1 53 PHE 53 1662 1662 PHE PHE B . n 
B 1 54 THR 54 1663 1663 THR THR B . n 
B 1 55 THR 55 1664 1664 THR THR B . n 
B 1 56 MET 56 1665 1665 MET MET B . n 
B 1 57 VAL 57 1666 1666 VAL VAL B . n 
B 1 58 GLN 58 1667 1667 GLN GLN B . n 
B 1 59 VAL 59 1668 1668 VAL VAL B . n 
B 1 60 ASN 60 1669 1669 ASN ASN B . n 
B 1 61 GLU 61 1670 1670 GLU GLU B . n 
B 1 62 GLU 62 1671 1671 GLU GLU B . n 
B 1 63 THR 63 1672 1672 THR THR B . n 
B 1 64 GLY 64 1673 1673 GLY GLY B . n 
B 1 65 ASN 65 1674 1674 ASN ASN B . n 
B 1 66 ARG 66 1675 1675 ARG ARG B . n 
B 1 67 ARG 67 1676 1676 ARG ARG B . n 
B 1 68 PRO 68 1677 1677 PRO PRO B . n 
B 1 69 VAL 69 1678 1678 VAL VAL B . n 
B 1 70 MET 70 1679 1679 MET MET B . n 
B 1 71 LEU 71 1680 1680 LEU LEU B . n 
B 1 72 THR 72 1681 1681 THR THR B . n 
B 1 73 LEU 73 1682 1682 LEU LEU B . n 
B 1 74 LEU 74 1683 1683 LEU LEU B . n 
B 1 75 ARG 75 1684 1684 ARG ARG B . n 
B 1 76 VAL 76 1685 1685 VAL VAL B . n 
B 1 77 PRO 77 1686 1686 PRO PRO B . n 
B 1 78 ARG 78 1687 1687 ARG ARG B . n 
B 1 79 LEU 79 1688 1688 LEU LEU B . n 
B 1 80 ASN 80 1689 1689 ASN ASN B . n 
B 1 81 LYS 81 1690 1690 LYS LYS B . n 
B 1 82 ASN 82 1691 ?    ?   ?   B . n 
B 1 83 SER 83 1692 ?    ?   ?   B . n 
B 1 84 LYS 84 1693 ?    ?   ?   B . n 
B 1 85 ASN 85 1694 ?    ?   ?   B . n 
B 1 86 SER 86 1695 ?    ?   ?   B . n 
B 1 87 ASN 87 1696 ?    ?   ?   B . n 
B 1 88 GLY 88 1697 ?    ?   ?   B . n 
B 1 89 GLN 89 1698 ?    ?   ?   B . n 
B 1 90 GLU 90 1699 ?    ?   ?   B . n 
B 1 91 LEU 91 1700 ?    ?   ?   B . n 
# 
_pdbx_SG_project.id                    1 
_pdbx_SG_project.project_name          ? 
_pdbx_SG_project.full_name_of_center   'Structural Genomics Consortium' 
_pdbx_SG_project.initial_of_center     SGC 
# 
loop_
_pdbx_nonpoly_scheme.asym_id 
_pdbx_nonpoly_scheme.entity_id 
_pdbx_nonpoly_scheme.mon_id 
_pdbx_nonpoly_scheme.ndb_seq_num 
_pdbx_nonpoly_scheme.pdb_seq_num 
_pdbx_nonpoly_scheme.auth_seq_num 
_pdbx_nonpoly_scheme.pdb_mon_id 
_pdbx_nonpoly_scheme.auth_mon_id 
_pdbx_nonpoly_scheme.pdb_strand_id 
_pdbx_nonpoly_scheme.pdb_ins_code 
C 2 APR 1  1801 1701 APR APR A . 
D 3 UNX 1  1802 3    UNX UNX A . 
E 2 APR 1  1801 1701 APR APR B . 
F 3 UNX 1  1802 1    UNX UNX B . 
G 3 UNX 1  1803 2    UNX UNX B . 
H 4 HOH 1  1901 8    HOH HOH A . 
H 4 HOH 2  1902 11   HOH HOH A . 
H 4 HOH 3  1903 14   HOH HOH A . 
H 4 HOH 4  1904 4    HOH HOH A . 
H 4 HOH 5  1905 2    HOH HOH A . 
H 4 HOH 6  1906 1    HOH HOH A . 
H 4 HOH 7  1907 23   HOH HOH A . 
H 4 HOH 8  1908 22   HOH HOH A . 
I 4 HOH 1  1901 7    HOH HOH B . 
I 4 HOH 2  1902 3    HOH HOH B . 
I 4 HOH 3  1903 10   HOH HOH B . 
I 4 HOH 4  1904 13   HOH HOH B . 
I 4 HOH 5  1905 16   HOH HOH B . 
I 4 HOH 6  1906 20   HOH HOH B . 
I 4 HOH 7  1907 19   HOH HOH B . 
I 4 HOH 8  1908 9    HOH HOH B . 
I 4 HOH 9  1909 21   HOH HOH B . 
I 4 HOH 10 1910 24   HOH HOH B . 
I 4 HOH 11 1911 25   HOH HOH B . 
I 4 HOH 12 1912 17   HOH HOH B . 
I 4 HOH 13 1913 6    HOH HOH B . 
I 4 HOH 14 1914 18   HOH HOH B . 
I 4 HOH 15 1915 26   HOH HOH B . 
I 4 HOH 16 1916 5    HOH HOH B . 
I 4 HOH 17 1917 27   HOH HOH B . 
I 4 HOH 18 1918 12   HOH HOH B . 
I 4 HOH 19 1919 15   HOH HOH B . 
# 
_pdbx_struct_assembly.id                   1 
_pdbx_struct_assembly.details              author_and_software_defined_assembly 
_pdbx_struct_assembly.method_details       PISA 
_pdbx_struct_assembly.oligomeric_details   tetrameric 
_pdbx_struct_assembly.oligomeric_count     4 
# 
_pdbx_struct_assembly_gen.assembly_id       1 
_pdbx_struct_assembly_gen.oper_expression   1,2 
_pdbx_struct_assembly_gen.asym_id_list      A,B,C,D,E,F,G,H,I 
# 
loop_
_pdbx_struct_assembly_prop.biol_id 
_pdbx_struct_assembly_prop.type 
_pdbx_struct_assembly_prop.value 
_pdbx_struct_assembly_prop.details 
1 'ABSA (A^2)' 8610  ? 
1 MORE         -45   ? 
1 'SSA (A^2)'  14900 ? 
# 
loop_
_pdbx_struct_oper_list.id 
_pdbx_struct_oper_list.type 
_pdbx_struct_oper_list.name 
_pdbx_struct_oper_list.symmetry_operation 
_pdbx_struct_oper_list.matrix[1][1] 
_pdbx_struct_oper_list.matrix[1][2] 
_pdbx_struct_oper_list.matrix[1][3] 
_pdbx_struct_oper_list.vector[1] 
_pdbx_struct_oper_list.matrix[2][1] 
_pdbx_struct_oper_list.matrix[2][2] 
_pdbx_struct_oper_list.matrix[2][3] 
_pdbx_struct_oper_list.vector[2] 
_pdbx_struct_oper_list.matrix[3][1] 
_pdbx_struct_oper_list.matrix[3][2] 
_pdbx_struct_oper_list.matrix[3][3] 
_pdbx_struct_oper_list.vector[3] 
1 'identity operation'         1_555 x,y,z         1.0000000000  0.0000000000 0.0000000000 0.0000000000  0.0000000000 1.0000000000 0.0000000000 0.0000000000   0.0000000000 0.0000000000 1.0000000000  0.0000000000  
2 'crystal symmetry operation' 5_555 x-y,-y,-z+1/3 -0.9597654729 0.2550339397 0.1175071344 13.8153687869 0.2550339397 0.6165794677 0.7448405532 -11.4648856199 0.1175071344 0.7448405532 -0.6568139948 20.1526497151 
# 
loop_
_pdbx_audit_revision_history.ordinal 
_pdbx_audit_revision_history.data_content_type 
_pdbx_audit_revision_history.major_revision 
_pdbx_audit_revision_history.minor_revision 
_pdbx_audit_revision_history.revision_date 
1 'Structure model' 1 0 2019-07-24 
2 'Structure model' 1 1 2023-10-11 
# 
_pdbx_audit_revision_details.ordinal             1 
_pdbx_audit_revision_details.revision_ordinal    1 
_pdbx_audit_revision_details.data_content_type   'Structure model' 
_pdbx_audit_revision_details.provider            repository 
_pdbx_audit_revision_details.type                'Initial release' 
_pdbx_audit_revision_details.description         ? 
_pdbx_audit_revision_details.details             ? 
# 
loop_
_pdbx_audit_revision_group.ordinal 
_pdbx_audit_revision_group.revision_ordinal 
_pdbx_audit_revision_group.data_content_type 
_pdbx_audit_revision_group.group 
1 2 'Structure model' 'Data collection'        
2 2 'Structure model' 'Database references'    
3 2 'Structure model' 'Refinement description' 
# 
loop_
_pdbx_audit_revision_category.ordinal 
_pdbx_audit_revision_category.revision_ordinal 
_pdbx_audit_revision_category.data_content_type 
_pdbx_audit_revision_category.category 
1 2 'Structure model' chem_comp_atom                
2 2 'Structure model' chem_comp_bond                
3 2 'Structure model' database_2                    
4 2 'Structure model' pdbx_initial_refinement_model 
# 
loop_
_pdbx_audit_revision_item.ordinal 
_pdbx_audit_revision_item.revision_ordinal 
_pdbx_audit_revision_item.data_content_type 
_pdbx_audit_revision_item.item 
1 2 'Structure model' '_database_2.pdbx_DOI'                
2 2 'Structure model' '_database_2.pdbx_database_accession' 
# 
loop_
_software.citation_id 
_software.classification 
_software.compiler_name 
_software.compiler_version 
_software.contact_author 
_software.contact_author_email 
_software.date 
_software.description 
_software.dependencies 
_software.hardware 
_software.language 
_software.location 
_software.mods 
_software.name 
_software.os 
_software.os_version 
_software.type 
_software.version 
_software.pdbx_ordinal 
? refinement        ? ? ? ? ? ? ? ? ? ? ? REFMAC      ? ? ? 5.8.0238 1 
? 'data reduction'  ? ? ? ? ? ? ? ? ? ? ? XDS         ? ? ? .        2 
? 'data scaling'    ? ? ? ? ? ? ? ? ? ? ? Aimless     ? ? ? 0.7.4    3 
? 'data extraction' ? ? ? ? ? ? ? ? ? ? ? PDB_EXTRACT ? ? ? 3.25     4 
? phasing           ? ? ? ? ? ? ? ? ? ? ? PHASER      ? ? ? .        5 
# 
_pdbx_entry_details.entry_id                 6PFL 
_pdbx_entry_details.has_ligand_of_interest   Y 
_pdbx_entry_details.compound_details         ? 
_pdbx_entry_details.source_details           ? 
_pdbx_entry_details.nonpolymer_details       ? 
_pdbx_entry_details.sequence_details         ? 
# 
_pdbx_validate_torsion.id              1 
_pdbx_validate_torsion.PDB_model_num   1 
_pdbx_validate_torsion.auth_comp_id    SER 
_pdbx_validate_torsion.auth_asym_id    B 
_pdbx_validate_torsion.auth_seq_id     1631 
_pdbx_validate_torsion.PDB_ins_code    ? 
_pdbx_validate_torsion.label_alt_id    ? 
_pdbx_validate_torsion.phi             -45.41 
_pdbx_validate_torsion.psi             153.56 
# 
loop_
_pdbx_unobs_or_zero_occ_atoms.id 
_pdbx_unobs_or_zero_occ_atoms.PDB_model_num 
_pdbx_unobs_or_zero_occ_atoms.polymer_flag 
_pdbx_unobs_or_zero_occ_atoms.occupancy_flag 
_pdbx_unobs_or_zero_occ_atoms.auth_asym_id 
_pdbx_unobs_or_zero_occ_atoms.auth_comp_id 
_pdbx_unobs_or_zero_occ_atoms.auth_seq_id 
_pdbx_unobs_or_zero_occ_atoms.PDB_ins_code 
_pdbx_unobs_or_zero_occ_atoms.auth_atom_id 
_pdbx_unobs_or_zero_occ_atoms.label_alt_id 
_pdbx_unobs_or_zero_occ_atoms.label_asym_id 
_pdbx_unobs_or_zero_occ_atoms.label_comp_id 
_pdbx_unobs_or_zero_occ_atoms.label_seq_id 
_pdbx_unobs_or_zero_occ_atoms.label_atom_id 
1  1 Y 1 A ASN 1613 ? CG  ? A ASN 4  CG  
2  1 Y 1 A ASN 1613 ? OD1 ? A ASN 4  OD1 
3  1 Y 1 A ASN 1613 ? ND2 ? A ASN 4  ND2 
4  1 Y 1 A SER 1614 ? OG  ? A SER 5  OG  
5  1 Y 1 A ARG 1623 ? CG  ? A ARG 14 CG  
6  1 Y 1 A ARG 1623 ? CD  ? A ARG 14 CD  
7  1 Y 1 A ARG 1623 ? NE  ? A ARG 14 NE  
8  1 Y 1 A ARG 1623 ? CZ  ? A ARG 14 CZ  
9  1 Y 1 A ARG 1623 ? NH1 ? A ARG 14 NH1 
10 1 Y 1 A ARG 1623 ? NH2 ? A ARG 14 NH2 
11 1 Y 1 A ARG 1626 ? CD  ? A ARG 17 CD  
12 1 Y 1 A ARG 1626 ? NE  ? A ARG 17 NE  
13 1 Y 1 A ARG 1626 ? CZ  ? A ARG 17 CZ  
14 1 Y 1 A ARG 1626 ? NH1 ? A ARG 17 NH1 
15 1 Y 1 A ARG 1626 ? NH2 ? A ARG 17 NH2 
16 1 Y 1 A ARG 1655 ? CG  ? A ARG 46 CG  
17 1 Y 1 A ARG 1655 ? CD  ? A ARG 46 CD  
18 1 Y 1 A ARG 1655 ? NE  ? A ARG 46 NE  
19 1 Y 1 A ARG 1655 ? CZ  ? A ARG 46 CZ  
20 1 Y 1 A ARG 1655 ? NH1 ? A ARG 46 NH1 
21 1 Y 1 A ARG 1655 ? NH2 ? A ARG 46 NH2 
22 1 Y 1 A ARG 1657 ? NE  ? A ARG 48 NE  
23 1 Y 1 A ARG 1657 ? CZ  ? A ARG 48 CZ  
24 1 Y 1 A ARG 1657 ? NH1 ? A ARG 48 NH1 
25 1 Y 1 A ARG 1657 ? NH2 ? A ARG 48 NH2 
26 1 Y 1 A GLU 1671 ? CD  ? A GLU 62 CD  
27 1 Y 1 A GLU 1671 ? OE1 ? A GLU 62 OE1 
28 1 Y 1 A GLU 1671 ? OE2 ? A GLU 62 OE2 
29 1 Y 1 A LEU 1683 ? CG  ? A LEU 74 CG  
30 1 Y 1 A LEU 1683 ? CD1 ? A LEU 74 CD1 
31 1 Y 1 A LEU 1683 ? CD2 ? A LEU 74 CD2 
32 1 Y 1 A ARG 1687 ? CD  ? A ARG 78 CD  
33 1 Y 1 A ARG 1687 ? NE  ? A ARG 78 NE  
34 1 Y 1 A ARG 1687 ? CZ  ? A ARG 78 CZ  
35 1 Y 1 A ARG 1687 ? NH1 ? A ARG 78 NH1 
36 1 Y 1 A ARG 1687 ? NH2 ? A ARG 78 NH2 
37 1 Y 1 B ASN 1613 ? CG  ? B ASN 4  CG  
38 1 Y 1 B ASN 1613 ? OD1 ? B ASN 4  OD1 
39 1 Y 1 B ASN 1613 ? ND2 ? B ASN 4  ND2 
40 1 Y 1 B ARG 1618 ? NE  ? B ARG 9  NE  
41 1 Y 1 B ARG 1618 ? CZ  ? B ARG 9  CZ  
42 1 Y 1 B ARG 1618 ? NH1 ? B ARG 9  NH1 
43 1 Y 1 B ARG 1618 ? NH2 ? B ARG 9  NH2 
44 1 Y 1 B LYS 1643 ? CE  ? B LYS 34 CE  
45 1 Y 1 B LYS 1643 ? NZ  ? B LYS 34 NZ  
46 1 Y 1 B ARG 1655 ? CG  ? B ARG 46 CG  
47 1 Y 1 B ARG 1655 ? CD  ? B ARG 46 CD  
48 1 Y 1 B ARG 1655 ? NE  ? B ARG 46 NE  
49 1 Y 1 B ARG 1655 ? CZ  ? B ARG 46 CZ  
50 1 Y 1 B ARG 1655 ? NH1 ? B ARG 46 NH1 
51 1 Y 1 B ARG 1655 ? NH2 ? B ARG 46 NH2 
52 1 Y 1 B GLU 1671 ? CG  ? B GLU 62 CG  
53 1 Y 1 B GLU 1671 ? CD  ? B GLU 62 CD  
54 1 Y 1 B GLU 1671 ? OE1 ? B GLU 62 OE1 
55 1 Y 1 B GLU 1671 ? OE2 ? B GLU 62 OE2 
56 1 Y 1 B LEU 1682 ? CG  ? B LEU 73 CG  
57 1 Y 1 B LEU 1682 ? CD1 ? B LEU 73 CD1 
58 1 Y 1 B LEU 1682 ? CD2 ? B LEU 73 CD2 
59 1 Y 1 B LYS 1690 ? CA  ? B LYS 81 CA  
60 1 Y 1 B LYS 1690 ? C   ? B LYS 81 C   
61 1 Y 1 B LYS 1690 ? O   ? B LYS 81 O   
62 1 Y 1 B LYS 1690 ? CB  ? B LYS 81 CB  
63 1 Y 1 B LYS 1690 ? CG  ? B LYS 81 CG  
64 1 Y 1 B LYS 1690 ? CD  ? B LYS 81 CD  
65 1 Y 1 B LYS 1690 ? CE  ? B LYS 81 CE  
66 1 Y 1 B LYS 1690 ? NZ  ? B LYS 81 NZ  
67 1 N 1 A APR 1801 ? C5D ? C APR 1  C5D 
68 1 N 1 A APR 1801 ? O4D ? C APR 1  O4D 
69 1 N 1 A APR 1801 ? O1D ? C APR 1  O1D 
70 1 N 1 A APR 1801 ? C1D ? C APR 1  C1D 
71 1 N 1 A APR 1801 ? O2D ? C APR 1  O2D 
72 1 N 1 A APR 1801 ? C2D ? C APR 1  C2D 
73 1 N 1 A APR 1801 ? O3D ? C APR 1  O3D 
74 1 N 1 A APR 1801 ? C3D ? C APR 1  C3D 
75 1 N 1 A APR 1801 ? C4D ? C APR 1  C4D 
76 1 N 1 B APR 1801 ? C5D ? E APR 1  C5D 
77 1 N 1 B APR 1801 ? O4D ? E APR 1  O4D 
78 1 N 1 B APR 1801 ? O1D ? E APR 1  O1D 
79 1 N 1 B APR 1801 ? C1D ? E APR 1  C1D 
80 1 N 1 B APR 1801 ? O2D ? E APR 1  O2D 
81 1 N 1 B APR 1801 ? C2D ? E APR 1  C2D 
82 1 N 1 B APR 1801 ? O3D ? E APR 1  O3D 
83 1 N 1 B APR 1801 ? C3D ? E APR 1  C3D 
84 1 N 1 B APR 1801 ? C4D ? E APR 1  C4D 
# 
loop_
_pdbx_unobs_or_zero_occ_residues.id 
_pdbx_unobs_or_zero_occ_residues.PDB_model_num 
_pdbx_unobs_or_zero_occ_residues.polymer_flag 
_pdbx_unobs_or_zero_occ_residues.occupancy_flag 
_pdbx_unobs_or_zero_occ_residues.auth_asym_id 
_pdbx_unobs_or_zero_occ_residues.auth_comp_id 
_pdbx_unobs_or_zero_occ_residues.auth_seq_id 
_pdbx_unobs_or_zero_occ_residues.PDB_ins_code 
_pdbx_unobs_or_zero_occ_residues.label_asym_id 
_pdbx_unobs_or_zero_occ_residues.label_comp_id 
_pdbx_unobs_or_zero_occ_residues.label_seq_id 
1  1 Y 1 A GLY 1610 ? A GLY 1  
2  1 Y 1 A GLN 1611 ? A GLN 2  
3  1 Y 1 A SER 1612 ? A SER 3  
4  1 Y 1 A ASN 1689 ? A ASN 80 
5  1 Y 1 A LYS 1690 ? A LYS 81 
6  1 Y 1 A ASN 1691 ? A ASN 82 
7  1 Y 1 A SER 1692 ? A SER 83 
8  1 Y 1 A LYS 1693 ? A LYS 84 
9  1 Y 1 A ASN 1694 ? A ASN 85 
10 1 Y 1 A SER 1695 ? A SER 86 
11 1 Y 1 A ASN 1696 ? A ASN 87 
12 1 Y 1 A GLY 1697 ? A GLY 88 
13 1 Y 1 A GLN 1698 ? A GLN 89 
14 1 Y 1 A GLU 1699 ? A GLU 90 
15 1 Y 1 A LEU 1700 ? A LEU 91 
16 1 Y 1 B GLY 1610 ? B GLY 1  
17 1 Y 1 B GLN 1611 ? B GLN 2  
18 1 Y 1 B SER 1612 ? B SER 3  
19 1 Y 1 B ASN 1691 ? B ASN 82 
20 1 Y 1 B SER 1692 ? B SER 83 
21 1 Y 1 B LYS 1693 ? B LYS 84 
22 1 Y 1 B ASN 1694 ? B ASN 85 
23 1 Y 1 B SER 1695 ? B SER 86 
24 1 Y 1 B ASN 1696 ? B ASN 87 
25 1 Y 1 B GLY 1697 ? B GLY 88 
26 1 Y 1 B GLN 1698 ? B GLN 89 
27 1 Y 1 B GLU 1699 ? B GLU 90 
28 1 Y 1 B LEU 1700 ? B LEU 91 
# 
loop_
_chem_comp_atom.comp_id 
_chem_comp_atom.atom_id 
_chem_comp_atom.type_symbol 
_chem_comp_atom.pdbx_aromatic_flag 
_chem_comp_atom.pdbx_stereo_config 
_chem_comp_atom.pdbx_ordinal 
ALA N      N N N 1   
ALA CA     C N S 2   
ALA C      C N N 3   
ALA O      O N N 4   
ALA CB     C N N 5   
ALA OXT    O N N 6   
ALA H      H N N 7   
ALA H2     H N N 8   
ALA HA     H N N 9   
ALA HB1    H N N 10  
ALA HB2    H N N 11  
ALA HB3    H N N 12  
ALA HXT    H N N 13  
APR N1     N Y N 14  
APR C2     C Y N 15  
APR N3     N Y N 16  
APR C4     C Y N 17  
APR C5     C Y N 18  
APR C6     C Y N 19  
APR N6     N N N 20  
APR N7     N Y N 21  
APR C8     C Y N 22  
APR N9     N Y N 23  
APR "C1'"  C N R 24  
APR "C2'"  C N R 25  
APR "O2'"  O N N 26  
APR "C3'"  C N S 27  
APR "O3'"  O N N 28  
APR "O4'"  O N N 29  
APR "C4'"  C N R 30  
APR "C5'"  C N N 31  
APR "O5'"  O N N 32  
APR PA     P N S 33  
APR O1A    O N N 34  
APR O2A    O N N 35  
APR O3A    O N N 36  
APR PB     P N R 37  
APR O1B    O N N 38  
APR O2B    O N N 39  
APR O5D    O N N 40  
APR C5D    C N N 41  
APR O4D    O N N 42  
APR O1D    O N N 43  
APR C1D    C N R 44  
APR O2D    O N N 45  
APR C2D    C N R 46  
APR O3D    O N N 47  
APR C3D    C N S 48  
APR C4D    C N R 49  
APR H2     H N N 50  
APR H61    H N N 51  
APR H62    H N N 52  
APR H8     H N N 53  
APR "H'1"  H N N 54  
APR "H'2"  H N N 55  
APR "HO'2" H N N 56  
APR "H'3"  H N N 57  
APR "HO'3" H N N 58  
APR "H'4"  H N N 59  
APR "H5'1" H N N 60  
APR "H5'2" H N N 61  
APR HOA2   H N N 62  
APR HOB2   H N N 63  
APR H5R1   H N N 64  
APR H5R2   H N N 65  
APR HOR1   H N N 66  
APR "HR'1" H N N 67  
APR HOR2   H N N 68  
APR "HR'2" H N N 69  
APR HOR3   H N N 70  
APR "HR'3" H N N 71  
APR "HR'4" H N N 72  
ARG N      N N N 73  
ARG CA     C N S 74  
ARG C      C N N 75  
ARG O      O N N 76  
ARG CB     C N N 77  
ARG CG     C N N 78  
ARG CD     C N N 79  
ARG NE     N N N 80  
ARG CZ     C N N 81  
ARG NH1    N N N 82  
ARG NH2    N N N 83  
ARG OXT    O N N 84  
ARG H      H N N 85  
ARG H2     H N N 86  
ARG HA     H N N 87  
ARG HB2    H N N 88  
ARG HB3    H N N 89  
ARG HG2    H N N 90  
ARG HG3    H N N 91  
ARG HD2    H N N 92  
ARG HD3    H N N 93  
ARG HE     H N N 94  
ARG HH11   H N N 95  
ARG HH12   H N N 96  
ARG HH21   H N N 97  
ARG HH22   H N N 98  
ARG HXT    H N N 99  
ASN N      N N N 100 
ASN CA     C N S 101 
ASN C      C N N 102 
ASN O      O N N 103 
ASN CB     C N N 104 
ASN CG     C N N 105 
ASN OD1    O N N 106 
ASN ND2    N N N 107 
ASN OXT    O N N 108 
ASN H      H N N 109 
ASN H2     H N N 110 
ASN HA     H N N 111 
ASN HB2    H N N 112 
ASN HB3    H N N 113 
ASN HD21   H N N 114 
ASN HD22   H N N 115 
ASN HXT    H N N 116 
ASP N      N N N 117 
ASP CA     C N S 118 
ASP C      C N N 119 
ASP O      O N N 120 
ASP CB     C N N 121 
ASP CG     C N N 122 
ASP OD1    O N N 123 
ASP OD2    O N N 124 
ASP OXT    O N N 125 
ASP H      H N N 126 
ASP H2     H N N 127 
ASP HA     H N N 128 
ASP HB2    H N N 129 
ASP HB3    H N N 130 
ASP HD2    H N N 131 
ASP HXT    H N N 132 
CYS N      N N N 133 
CYS CA     C N R 134 
CYS C      C N N 135 
CYS O      O N N 136 
CYS CB     C N N 137 
CYS SG     S N N 138 
CYS OXT    O N N 139 
CYS H      H N N 140 
CYS H2     H N N 141 
CYS HA     H N N 142 
CYS HB2    H N N 143 
CYS HB3    H N N 144 
CYS HG     H N N 145 
CYS HXT    H N N 146 
GLN N      N N N 147 
GLN CA     C N S 148 
GLN C      C N N 149 
GLN O      O N N 150 
GLN CB     C N N 151 
GLN CG     C N N 152 
GLN CD     C N N 153 
GLN OE1    O N N 154 
GLN NE2    N N N 155 
GLN OXT    O N N 156 
GLN H      H N N 157 
GLN H2     H N N 158 
GLN HA     H N N 159 
GLN HB2    H N N 160 
GLN HB3    H N N 161 
GLN HG2    H N N 162 
GLN HG3    H N N 163 
GLN HE21   H N N 164 
GLN HE22   H N N 165 
GLN HXT    H N N 166 
GLU N      N N N 167 
GLU CA     C N S 168 
GLU C      C N N 169 
GLU O      O N N 170 
GLU CB     C N N 171 
GLU CG     C N N 172 
GLU CD     C N N 173 
GLU OE1    O N N 174 
GLU OE2    O N N 175 
GLU OXT    O N N 176 
GLU H      H N N 177 
GLU H2     H N N 178 
GLU HA     H N N 179 
GLU HB2    H N N 180 
GLU HB3    H N N 181 
GLU HG2    H N N 182 
GLU HG3    H N N 183 
GLU HE2    H N N 184 
GLU HXT    H N N 185 
GLY N      N N N 186 
GLY CA     C N N 187 
GLY C      C N N 188 
GLY O      O N N 189 
GLY OXT    O N N 190 
GLY H      H N N 191 
GLY H2     H N N 192 
GLY HA2    H N N 193 
GLY HA3    H N N 194 
GLY HXT    H N N 195 
HOH O      O N N 196 
HOH H1     H N N 197 
HOH H2     H N N 198 
ILE N      N N N 199 
ILE CA     C N S 200 
ILE C      C N N 201 
ILE O      O N N 202 
ILE CB     C N S 203 
ILE CG1    C N N 204 
ILE CG2    C N N 205 
ILE CD1    C N N 206 
ILE OXT    O N N 207 
ILE H      H N N 208 
ILE H2     H N N 209 
ILE HA     H N N 210 
ILE HB     H N N 211 
ILE HG12   H N N 212 
ILE HG13   H N N 213 
ILE HG21   H N N 214 
ILE HG22   H N N 215 
ILE HG23   H N N 216 
ILE HD11   H N N 217 
ILE HD12   H N N 218 
ILE HD13   H N N 219 
ILE HXT    H N N 220 
LEU N      N N N 221 
LEU CA     C N S 222 
LEU C      C N N 223 
LEU O      O N N 224 
LEU CB     C N N 225 
LEU CG     C N N 226 
LEU CD1    C N N 227 
LEU CD2    C N N 228 
LEU OXT    O N N 229 
LEU H      H N N 230 
LEU H2     H N N 231 
LEU HA     H N N 232 
LEU HB2    H N N 233 
LEU HB3    H N N 234 
LEU HG     H N N 235 
LEU HD11   H N N 236 
LEU HD12   H N N 237 
LEU HD13   H N N 238 
LEU HD21   H N N 239 
LEU HD22   H N N 240 
LEU HD23   H N N 241 
LEU HXT    H N N 242 
LYS N      N N N 243 
LYS CA     C N S 244 
LYS C      C N N 245 
LYS O      O N N 246 
LYS CB     C N N 247 
LYS CG     C N N 248 
LYS CD     C N N 249 
LYS CE     C N N 250 
LYS NZ     N N N 251 
LYS OXT    O N N 252 
LYS H      H N N 253 
LYS H2     H N N 254 
LYS HA     H N N 255 
LYS HB2    H N N 256 
LYS HB3    H N N 257 
LYS HG2    H N N 258 
LYS HG3    H N N 259 
LYS HD2    H N N 260 
LYS HD3    H N N 261 
LYS HE2    H N N 262 
LYS HE3    H N N 263 
LYS HZ1    H N N 264 
LYS HZ2    H N N 265 
LYS HZ3    H N N 266 
LYS HXT    H N N 267 
MET N      N N N 268 
MET CA     C N S 269 
MET C      C N N 270 
MET O      O N N 271 
MET CB     C N N 272 
MET CG     C N N 273 
MET SD     S N N 274 
MET CE     C N N 275 
MET OXT    O N N 276 
MET H      H N N 277 
MET H2     H N N 278 
MET HA     H N N 279 
MET HB2    H N N 280 
MET HB3    H N N 281 
MET HG2    H N N 282 
MET HG3    H N N 283 
MET HE1    H N N 284 
MET HE2    H N N 285 
MET HE3    H N N 286 
MET HXT    H N N 287 
PHE N      N N N 288 
PHE CA     C N S 289 
PHE C      C N N 290 
PHE O      O N N 291 
PHE CB     C N N 292 
PHE CG     C Y N 293 
PHE CD1    C Y N 294 
PHE CD2    C Y N 295 
PHE CE1    C Y N 296 
PHE CE2    C Y N 297 
PHE CZ     C Y N 298 
PHE OXT    O N N 299 
PHE H      H N N 300 
PHE H2     H N N 301 
PHE HA     H N N 302 
PHE HB2    H N N 303 
PHE HB3    H N N 304 
PHE HD1    H N N 305 
PHE HD2    H N N 306 
PHE HE1    H N N 307 
PHE HE2    H N N 308 
PHE HZ     H N N 309 
PHE HXT    H N N 310 
PRO N      N N N 311 
PRO CA     C N S 312 
PRO C      C N N 313 
PRO O      O N N 314 
PRO CB     C N N 315 
PRO CG     C N N 316 
PRO CD     C N N 317 
PRO OXT    O N N 318 
PRO H      H N N 319 
PRO HA     H N N 320 
PRO HB2    H N N 321 
PRO HB3    H N N 322 
PRO HG2    H N N 323 
PRO HG3    H N N 324 
PRO HD2    H N N 325 
PRO HD3    H N N 326 
PRO HXT    H N N 327 
SER N      N N N 328 
SER CA     C N S 329 
SER C      C N N 330 
SER O      O N N 331 
SER CB     C N N 332 
SER OG     O N N 333 
SER OXT    O N N 334 
SER H      H N N 335 
SER H2     H N N 336 
SER HA     H N N 337 
SER HB2    H N N 338 
SER HB3    H N N 339 
SER HG     H N N 340 
SER HXT    H N N 341 
THR N      N N N 342 
THR CA     C N S 343 
THR C      C N N 344 
THR O      O N N 345 
THR CB     C N R 346 
THR OG1    O N N 347 
THR CG2    C N N 348 
THR OXT    O N N 349 
THR H      H N N 350 
THR H2     H N N 351 
THR HA     H N N 352 
THR HB     H N N 353 
THR HG1    H N N 354 
THR HG21   H N N 355 
THR HG22   H N N 356 
THR HG23   H N N 357 
THR HXT    H N N 358 
TRP N      N N N 359 
TRP CA     C N S 360 
TRP C      C N N 361 
TRP O      O N N 362 
TRP CB     C N N 363 
TRP CG     C Y N 364 
TRP CD1    C Y N 365 
TRP CD2    C Y N 366 
TRP NE1    N Y N 367 
TRP CE2    C Y N 368 
TRP CE3    C Y N 369 
TRP CZ2    C Y N 370 
TRP CZ3    C Y N 371 
TRP CH2    C Y N 372 
TRP OXT    O N N 373 
TRP H      H N N 374 
TRP H2     H N N 375 
TRP HA     H N N 376 
TRP HB2    H N N 377 
TRP HB3    H N N 378 
TRP HD1    H N N 379 
TRP HE1    H N N 380 
TRP HE3    H N N 381 
TRP HZ2    H N N 382 
TRP HZ3    H N N 383 
TRP HH2    H N N 384 
TRP HXT    H N N 385 
TYR N      N N N 386 
TYR CA     C N S 387 
TYR C      C N N 388 
TYR O      O N N 389 
TYR CB     C N N 390 
TYR CG     C Y N 391 
TYR CD1    C Y N 392 
TYR CD2    C Y N 393 
TYR CE1    C Y N 394 
TYR CE2    C Y N 395 
TYR CZ     C Y N 396 
TYR OH     O N N 397 
TYR OXT    O N N 398 
TYR H      H N N 399 
TYR H2     H N N 400 
TYR HA     H N N 401 
TYR HB2    H N N 402 
TYR HB3    H N N 403 
TYR HD1    H N N 404 
TYR HD2    H N N 405 
TYR HE1    H N N 406 
TYR HE2    H N N 407 
TYR HH     H N N 408 
TYR HXT    H N N 409 
VAL N      N N N 410 
VAL CA     C N S 411 
VAL C      C N N 412 
VAL O      O N N 413 
VAL CB     C N N 414 
VAL CG1    C N N 415 
VAL CG2    C N N 416 
VAL OXT    O N N 417 
VAL H      H N N 418 
VAL H2     H N N 419 
VAL HA     H N N 420 
VAL HB     H N N 421 
VAL HG11   H N N 422 
VAL HG12   H N N 423 
VAL HG13   H N N 424 
VAL HG21   H N N 425 
VAL HG22   H N N 426 
VAL HG23   H N N 427 
VAL HXT    H N N 428 
# 
loop_
_chem_comp_bond.comp_id 
_chem_comp_bond.atom_id_1 
_chem_comp_bond.atom_id_2 
_chem_comp_bond.value_order 
_chem_comp_bond.pdbx_aromatic_flag 
_chem_comp_bond.pdbx_stereo_config 
_chem_comp_bond.pdbx_ordinal 
ALA N     CA     sing N N 1   
ALA N     H      sing N N 2   
ALA N     H2     sing N N 3   
ALA CA    C      sing N N 4   
ALA CA    CB     sing N N 5   
ALA CA    HA     sing N N 6   
ALA C     O      doub N N 7   
ALA C     OXT    sing N N 8   
ALA CB    HB1    sing N N 9   
ALA CB    HB2    sing N N 10  
ALA CB    HB3    sing N N 11  
ALA OXT   HXT    sing N N 12  
APR N1    C2     sing Y N 13  
APR N1    C6     doub Y N 14  
APR C2    N3     doub Y N 15  
APR C2    H2     sing N N 16  
APR N3    C4     sing Y N 17  
APR C4    C5     doub Y N 18  
APR C4    N9     sing Y N 19  
APR C5    C6     sing Y N 20  
APR C5    N7     sing Y N 21  
APR C6    N6     sing N N 22  
APR N6    H61    sing N N 23  
APR N6    H62    sing N N 24  
APR N7    C8     doub Y N 25  
APR C8    N9     sing Y N 26  
APR C8    H8     sing N N 27  
APR N9    "C1'"  sing N N 28  
APR "C1'" "C2'"  sing N N 29  
APR "C1'" "O4'"  sing N N 30  
APR "C1'" "H'1"  sing N N 31  
APR "C2'" "O2'"  sing N N 32  
APR "C2'" "C3'"  sing N N 33  
APR "C2'" "H'2"  sing N N 34  
APR "O2'" "HO'2" sing N N 35  
APR "C3'" "O3'"  sing N N 36  
APR "C3'" "C4'"  sing N N 37  
APR "C3'" "H'3"  sing N N 38  
APR "O3'" "HO'3" sing N N 39  
APR "O4'" "C4'"  sing N N 40  
APR "C4'" "C5'"  sing N N 41  
APR "C4'" "H'4"  sing N N 42  
APR "C5'" "O5'"  sing N N 43  
APR "C5'" "H5'1" sing N N 44  
APR "C5'" "H5'2" sing N N 45  
APR "O5'" PA     sing N N 46  
APR PA    O1A    doub N N 47  
APR PA    O2A    sing N N 48  
APR PA    O3A    sing N N 49  
APR O2A   HOA2   sing N N 50  
APR O3A   PB     sing N N 51  
APR PB    O1B    doub N N 52  
APR PB    O2B    sing N N 53  
APR PB    O5D    sing N N 54  
APR O2B   HOB2   sing N N 55  
APR O5D   C5D    sing N N 56  
APR C5D   C4D    sing N N 57  
APR C5D   H5R1   sing N N 58  
APR C5D   H5R2   sing N N 59  
APR O4D   C1D    sing N N 60  
APR O4D   C4D    sing N N 61  
APR O1D   C1D    sing N N 62  
APR O1D   HOR1   sing N N 63  
APR C1D   C2D    sing N N 64  
APR C1D   "HR'1" sing N N 65  
APR O2D   C2D    sing N N 66  
APR O2D   HOR2   sing N N 67  
APR C2D   C3D    sing N N 68  
APR C2D   "HR'2" sing N N 69  
APR O3D   C3D    sing N N 70  
APR O3D   HOR3   sing N N 71  
APR C3D   C4D    sing N N 72  
APR C3D   "HR'3" sing N N 73  
APR C4D   "HR'4" sing N N 74  
ARG N     CA     sing N N 75  
ARG N     H      sing N N 76  
ARG N     H2     sing N N 77  
ARG CA    C      sing N N 78  
ARG CA    CB     sing N N 79  
ARG CA    HA     sing N N 80  
ARG C     O      doub N N 81  
ARG C     OXT    sing N N 82  
ARG CB    CG     sing N N 83  
ARG CB    HB2    sing N N 84  
ARG CB    HB3    sing N N 85  
ARG CG    CD     sing N N 86  
ARG CG    HG2    sing N N 87  
ARG CG    HG3    sing N N 88  
ARG CD    NE     sing N N 89  
ARG CD    HD2    sing N N 90  
ARG CD    HD3    sing N N 91  
ARG NE    CZ     sing N N 92  
ARG NE    HE     sing N N 93  
ARG CZ    NH1    sing N N 94  
ARG CZ    NH2    doub N N 95  
ARG NH1   HH11   sing N N 96  
ARG NH1   HH12   sing N N 97  
ARG NH2   HH21   sing N N 98  
ARG NH2   HH22   sing N N 99  
ARG OXT   HXT    sing N N 100 
ASN N     CA     sing N N 101 
ASN N     H      sing N N 102 
ASN N     H2     sing N N 103 
ASN CA    C      sing N N 104 
ASN CA    CB     sing N N 105 
ASN CA    HA     sing N N 106 
ASN C     O      doub N N 107 
ASN C     OXT    sing N N 108 
ASN CB    CG     sing N N 109 
ASN CB    HB2    sing N N 110 
ASN CB    HB3    sing N N 111 
ASN CG    OD1    doub N N 112 
ASN CG    ND2    sing N N 113 
ASN ND2   HD21   sing N N 114 
ASN ND2   HD22   sing N N 115 
ASN OXT   HXT    sing N N 116 
ASP N     CA     sing N N 117 
ASP N     H      sing N N 118 
ASP N     H2     sing N N 119 
ASP CA    C      sing N N 120 
ASP CA    CB     sing N N 121 
ASP CA    HA     sing N N 122 
ASP C     O      doub N N 123 
ASP C     OXT    sing N N 124 
ASP CB    CG     sing N N 125 
ASP CB    HB2    sing N N 126 
ASP CB    HB3    sing N N 127 
ASP CG    OD1    doub N N 128 
ASP CG    OD2    sing N N 129 
ASP OD2   HD2    sing N N 130 
ASP OXT   HXT    sing N N 131 
CYS N     CA     sing N N 132 
CYS N     H      sing N N 133 
CYS N     H2     sing N N 134 
CYS CA    C      sing N N 135 
CYS CA    CB     sing N N 136 
CYS CA    HA     sing N N 137 
CYS C     O      doub N N 138 
CYS C     OXT    sing N N 139 
CYS CB    SG     sing N N 140 
CYS CB    HB2    sing N N 141 
CYS CB    HB3    sing N N 142 
CYS SG    HG     sing N N 143 
CYS OXT   HXT    sing N N 144 
GLN N     CA     sing N N 145 
GLN N     H      sing N N 146 
GLN N     H2     sing N N 147 
GLN CA    C      sing N N 148 
GLN CA    CB     sing N N 149 
GLN CA    HA     sing N N 150 
GLN C     O      doub N N 151 
GLN C     OXT    sing N N 152 
GLN CB    CG     sing N N 153 
GLN CB    HB2    sing N N 154 
GLN CB    HB3    sing N N 155 
GLN CG    CD     sing N N 156 
GLN CG    HG2    sing N N 157 
GLN CG    HG3    sing N N 158 
GLN CD    OE1    doub N N 159 
GLN CD    NE2    sing N N 160 
GLN NE2   HE21   sing N N 161 
GLN NE2   HE22   sing N N 162 
GLN OXT   HXT    sing N N 163 
GLU N     CA     sing N N 164 
GLU N     H      sing N N 165 
GLU N     H2     sing N N 166 
GLU CA    C      sing N N 167 
GLU CA    CB     sing N N 168 
GLU CA    HA     sing N N 169 
GLU C     O      doub N N 170 
GLU C     OXT    sing N N 171 
GLU CB    CG     sing N N 172 
GLU CB    HB2    sing N N 173 
GLU CB    HB3    sing N N 174 
GLU CG    CD     sing N N 175 
GLU CG    HG2    sing N N 176 
GLU CG    HG3    sing N N 177 
GLU CD    OE1    doub N N 178 
GLU CD    OE2    sing N N 179 
GLU OE2   HE2    sing N N 180 
GLU OXT   HXT    sing N N 181 
GLY N     CA     sing N N 182 
GLY N     H      sing N N 183 
GLY N     H2     sing N N 184 
GLY CA    C      sing N N 185 
GLY CA    HA2    sing N N 186 
GLY CA    HA3    sing N N 187 
GLY C     O      doub N N 188 
GLY C     OXT    sing N N 189 
GLY OXT   HXT    sing N N 190 
HOH O     H1     sing N N 191 
HOH O     H2     sing N N 192 
ILE N     CA     sing N N 193 
ILE N     H      sing N N 194 
ILE N     H2     sing N N 195 
ILE CA    C      sing N N 196 
ILE CA    CB     sing N N 197 
ILE CA    HA     sing N N 198 
ILE C     O      doub N N 199 
ILE C     OXT    sing N N 200 
ILE CB    CG1    sing N N 201 
ILE CB    CG2    sing N N 202 
ILE CB    HB     sing N N 203 
ILE CG1   CD1    sing N N 204 
ILE CG1   HG12   sing N N 205 
ILE CG1   HG13   sing N N 206 
ILE CG2   HG21   sing N N 207 
ILE CG2   HG22   sing N N 208 
ILE CG2   HG23   sing N N 209 
ILE CD1   HD11   sing N N 210 
ILE CD1   HD12   sing N N 211 
ILE CD1   HD13   sing N N 212 
ILE OXT   HXT    sing N N 213 
LEU N     CA     sing N N 214 
LEU N     H      sing N N 215 
LEU N     H2     sing N N 216 
LEU CA    C      sing N N 217 
LEU CA    CB     sing N N 218 
LEU CA    HA     sing N N 219 
LEU C     O      doub N N 220 
LEU C     OXT    sing N N 221 
LEU CB    CG     sing N N 222 
LEU CB    HB2    sing N N 223 
LEU CB    HB3    sing N N 224 
LEU CG    CD1    sing N N 225 
LEU CG    CD2    sing N N 226 
LEU CG    HG     sing N N 227 
LEU CD1   HD11   sing N N 228 
LEU CD1   HD12   sing N N 229 
LEU CD1   HD13   sing N N 230 
LEU CD2   HD21   sing N N 231 
LEU CD2   HD22   sing N N 232 
LEU CD2   HD23   sing N N 233 
LEU OXT   HXT    sing N N 234 
LYS N     CA     sing N N 235 
LYS N     H      sing N N 236 
LYS N     H2     sing N N 237 
LYS CA    C      sing N N 238 
LYS CA    CB     sing N N 239 
LYS CA    HA     sing N N 240 
LYS C     O      doub N N 241 
LYS C     OXT    sing N N 242 
LYS CB    CG     sing N N 243 
LYS CB    HB2    sing N N 244 
LYS CB    HB3    sing N N 245 
LYS CG    CD     sing N N 246 
LYS CG    HG2    sing N N 247 
LYS CG    HG3    sing N N 248 
LYS CD    CE     sing N N 249 
LYS CD    HD2    sing N N 250 
LYS CD    HD3    sing N N 251 
LYS CE    NZ     sing N N 252 
LYS CE    HE2    sing N N 253 
LYS CE    HE3    sing N N 254 
LYS NZ    HZ1    sing N N 255 
LYS NZ    HZ2    sing N N 256 
LYS NZ    HZ3    sing N N 257 
LYS OXT   HXT    sing N N 258 
MET N     CA     sing N N 259 
MET N     H      sing N N 260 
MET N     H2     sing N N 261 
MET CA    C      sing N N 262 
MET CA    CB     sing N N 263 
MET CA    HA     sing N N 264 
MET C     O      doub N N 265 
MET C     OXT    sing N N 266 
MET CB    CG     sing N N 267 
MET CB    HB2    sing N N 268 
MET CB    HB3    sing N N 269 
MET CG    SD     sing N N 270 
MET CG    HG2    sing N N 271 
MET CG    HG3    sing N N 272 
MET SD    CE     sing N N 273 
MET CE    HE1    sing N N 274 
MET CE    HE2    sing N N 275 
MET CE    HE3    sing N N 276 
MET OXT   HXT    sing N N 277 
PHE N     CA     sing N N 278 
PHE N     H      sing N N 279 
PHE N     H2     sing N N 280 
PHE CA    C      sing N N 281 
PHE CA    CB     sing N N 282 
PHE CA    HA     sing N N 283 
PHE C     O      doub N N 284 
PHE C     OXT    sing N N 285 
PHE CB    CG     sing N N 286 
PHE CB    HB2    sing N N 287 
PHE CB    HB3    sing N N 288 
PHE CG    CD1    doub Y N 289 
PHE CG    CD2    sing Y N 290 
PHE CD1   CE1    sing Y N 291 
PHE CD1   HD1    sing N N 292 
PHE CD2   CE2    doub Y N 293 
PHE CD2   HD2    sing N N 294 
PHE CE1   CZ     doub Y N 295 
PHE CE1   HE1    sing N N 296 
PHE CE2   CZ     sing Y N 297 
PHE CE2   HE2    sing N N 298 
PHE CZ    HZ     sing N N 299 
PHE OXT   HXT    sing N N 300 
PRO N     CA     sing N N 301 
PRO N     CD     sing N N 302 
PRO N     H      sing N N 303 
PRO CA    C      sing N N 304 
PRO CA    CB     sing N N 305 
PRO CA    HA     sing N N 306 
PRO C     O      doub N N 307 
PRO C     OXT    sing N N 308 
PRO CB    CG     sing N N 309 
PRO CB    HB2    sing N N 310 
PRO CB    HB3    sing N N 311 
PRO CG    CD     sing N N 312 
PRO CG    HG2    sing N N 313 
PRO CG    HG3    sing N N 314 
PRO CD    HD2    sing N N 315 
PRO CD    HD3    sing N N 316 
PRO OXT   HXT    sing N N 317 
SER N     CA     sing N N 318 
SER N     H      sing N N 319 
SER N     H2     sing N N 320 
SER CA    C      sing N N 321 
SER CA    CB     sing N N 322 
SER CA    HA     sing N N 323 
SER C     O      doub N N 324 
SER C     OXT    sing N N 325 
SER CB    OG     sing N N 326 
SER CB    HB2    sing N N 327 
SER CB    HB3    sing N N 328 
SER OG    HG     sing N N 329 
SER OXT   HXT    sing N N 330 
THR N     CA     sing N N 331 
THR N     H      sing N N 332 
THR N     H2     sing N N 333 
THR CA    C      sing N N 334 
THR CA    CB     sing N N 335 
THR CA    HA     sing N N 336 
THR C     O      doub N N 337 
THR C     OXT    sing N N 338 
THR CB    OG1    sing N N 339 
THR CB    CG2    sing N N 340 
THR CB    HB     sing N N 341 
THR OG1   HG1    sing N N 342 
THR CG2   HG21   sing N N 343 
THR CG2   HG22   sing N N 344 
THR CG2   HG23   sing N N 345 
THR OXT   HXT    sing N N 346 
TRP N     CA     sing N N 347 
TRP N     H      sing N N 348 
TRP N     H2     sing N N 349 
TRP CA    C      sing N N 350 
TRP CA    CB     sing N N 351 
TRP CA    HA     sing N N 352 
TRP C     O      doub N N 353 
TRP C     OXT    sing N N 354 
TRP CB    CG     sing N N 355 
TRP CB    HB2    sing N N 356 
TRP CB    HB3    sing N N 357 
TRP CG    CD1    doub Y N 358 
TRP CG    CD2    sing Y N 359 
TRP CD1   NE1    sing Y N 360 
TRP CD1   HD1    sing N N 361 
TRP CD2   CE2    doub Y N 362 
TRP CD2   CE3    sing Y N 363 
TRP NE1   CE2    sing Y N 364 
TRP NE1   HE1    sing N N 365 
TRP CE2   CZ2    sing Y N 366 
TRP CE3   CZ3    doub Y N 367 
TRP CE3   HE3    sing N N 368 
TRP CZ2   CH2    doub Y N 369 
TRP CZ2   HZ2    sing N N 370 
TRP CZ3   CH2    sing Y N 371 
TRP CZ3   HZ3    sing N N 372 
TRP CH2   HH2    sing N N 373 
TRP OXT   HXT    sing N N 374 
TYR N     CA     sing N N 375 
TYR N     H      sing N N 376 
TYR N     H2     sing N N 377 
TYR CA    C      sing N N 378 
TYR CA    CB     sing N N 379 
TYR CA    HA     sing N N 380 
TYR C     O      doub N N 381 
TYR C     OXT    sing N N 382 
TYR CB    CG     sing N N 383 
TYR CB    HB2    sing N N 384 
TYR CB    HB3    sing N N 385 
TYR CG    CD1    doub Y N 386 
TYR CG    CD2    sing Y N 387 
TYR CD1   CE1    sing Y N 388 
TYR CD1   HD1    sing N N 389 
TYR CD2   CE2    doub Y N 390 
TYR CD2   HD2    sing N N 391 
TYR CE1   CZ     doub Y N 392 
TYR CE1   HE1    sing N N 393 
TYR CE2   CZ     sing Y N 394 
TYR CE2   HE2    sing N N 395 
TYR CZ    OH     sing N N 396 
TYR OH    HH     sing N N 397 
TYR OXT   HXT    sing N N 398 
VAL N     CA     sing N N 399 
VAL N     H      sing N N 400 
VAL N     H2     sing N N 401 
VAL CA    C      sing N N 402 
VAL CA    CB     sing N N 403 
VAL CA    HA     sing N N 404 
VAL C     O      doub N N 405 
VAL C     OXT    sing N N 406 
VAL CB    CG1    sing N N 407 
VAL CB    CG2    sing N N 408 
VAL CB    HB     sing N N 409 
VAL CG1   HG11   sing N N 410 
VAL CG1   HG12   sing N N 411 
VAL CG1   HG13   sing N N 412 
VAL CG2   HG21   sing N N 413 
VAL CG2   HG22   sing N N 414 
VAL CG2   HG23   sing N N 415 
VAL OXT   HXT    sing N N 416 
# 
loop_
_pdbx_entity_nonpoly.entity_id 
_pdbx_entity_nonpoly.name 
_pdbx_entity_nonpoly.comp_id 
2 ADENOSINE-5-DIPHOSPHORIBOSE APR 
3 'UNKNOWN ATOM OR ION'       UNX 
4 water                       HOH 
# 
_pdbx_initial_refinement_model.id               1 
_pdbx_initial_refinement_model.entity_id_list   ? 
_pdbx_initial_refinement_model.type             'experimental model' 
_pdbx_initial_refinement_model.source_name      PDB 
_pdbx_initial_refinement_model.accession_code   6MIW 
_pdbx_initial_refinement_model.details          ? 
# 
_pdbx_struct_assembly_auth_evidence.id                     1 
_pdbx_struct_assembly_auth_evidence.assembly_id            1 
_pdbx_struct_assembly_auth_evidence.experimental_support   none 
_pdbx_struct_assembly_auth_evidence.details                ? 
# 
